data_8EMS
#
_entry.id   8EMS
#
_cell.length_a   1.00
_cell.length_b   1.00
_cell.length_c   1.00
_cell.angle_alpha   90.00
_cell.angle_beta   90.00
_cell.angle_gamma   90.00
#
_symmetry.space_group_name_H-M   'P 1'
#
loop_
_entity.id
_entity.type
_entity.pdbx_description
1 polymer 'Glycogen phosphorylase, liver form'
2 non-polymer "PYRIDOXAL-5'-PHOSPHATE"
#
_entity_poly.entity_id   1
_entity_poly.type   'polypeptide(L)'
_entity_poly.pdbx_seq_one_letter_code
;MAKPLTDQEKRRQISIRGIVGVENVAELKKSFNRHLHFTLVKDRNVATTRDYYFALAHTVRDHLVGRWIRTQQHYYDKCP
KRVYYLSLEFYMGRTLQNTMINLGLQNACDEAIYQLGLDIEELEEIEEDAGLGNGGLGRLAACFLDSMATLGLAAYGYGI
RYEYGIFNQKIRDGWQVEEADDWLRYGNPWEKSRPEFMLPVHFYGKVEHTNTGTKWIDTQVVLALPYDTPVPGYMNNTVN
TMRLWSARAPNDFNLRDFNVGDYIQAVLDRNLAENISRVLYPNDNFFEGKELRLKQEYFVVAATLQDIIRRFKASKFGST
RGAGTVFDAFPDQVAIQLNDTHPALAIPELMRIFVDIEKLPWSKAWELTQKTFAYTNHTVLPEALERWPVDLVEKLLPRH
LEIIYEINQKHLDRIVALFPKDVDRLRRMSLIEEEGSKRINMAHLCIVGSHAVNGVAKIHSDIVKTKVFKDFSELEPDKF
QNKTNGITPRRWLLLCNPGLAELIAEKIGEDYVKDLSQLTKLHSFLGDDVFLRELAKVKQENKLKFSQFLETEYKVKINP
SSMFDVQVKRIHEYKRQLLNCLHVITMYNRIKKDPKKLFVPRTVIIGGKAAPGYHMAKMIIKLITSVADVVNNDPMVGSK
LKVIFLENYRVSLAEKVIPATDLSEQISTAGTEASGTGNMKFMLNGALTIGTMDGANVEMAEEAGEENLFIFGMRIDDVA
ALDKKGYEAKEYYEALPELKLVIDQIDNGFFSPKQPDLFKDIINMLFYHDRFKVFADYEAYVKCQDKVSQLYMNPKAWNT
MVLKNIAASGKFSSDRTIKEYAQNIWNVE
;
_entity_poly.pdbx_strand_id   B,A
#
loop_
_chem_comp.id
_chem_comp.type
_chem_comp.name
_chem_comp.formula
PLP non-polymer PYRIDOXAL-5'-PHOSPHATE 'C8 H10 N O6 P'
#
# COMPACT_ATOMS: atom_id res chain seq x y z
N VAL A 25 34.35 13.97 2.26
CA VAL A 25 33.50 14.01 3.44
C VAL A 25 32.50 15.16 3.34
N ALA A 26 32.98 16.31 2.86
CA ALA A 26 32.11 17.47 2.68
C ALA A 26 31.03 17.18 1.65
N GLU A 27 31.38 16.49 0.56
CA GLU A 27 30.40 16.14 -0.44
C GLU A 27 29.30 15.25 0.13
N LEU A 28 29.67 14.29 0.98
CA LEU A 28 28.67 13.40 1.57
C LEU A 28 27.79 14.16 2.56
N LYS A 29 28.36 15.10 3.31
CA LYS A 29 27.55 15.92 4.21
C LYS A 29 26.56 16.78 3.42
N LYS A 30 27.02 17.37 2.32
CA LYS A 30 26.12 18.16 1.48
C LYS A 30 25.00 17.30 0.90
N SER A 31 25.35 16.09 0.43
CA SER A 31 24.33 15.20 -0.11
C SER A 31 23.32 14.80 0.96
N PHE A 32 23.81 14.51 2.18
CA PHE A 32 22.92 14.14 3.27
C PHE A 32 21.99 15.29 3.63
N ASN A 33 22.53 16.51 3.72
CA ASN A 33 21.70 17.67 4.03
C ASN A 33 20.66 17.91 2.94
N ARG A 34 21.07 17.79 1.68
CA ARG A 34 20.14 18.00 0.57
C ARG A 34 19.04 16.95 0.57
N HIS A 35 19.37 15.70 0.87
CA HIS A 35 18.34 14.66 0.97
C HIS A 35 17.41 14.92 2.15
N LEU A 36 17.93 15.45 3.26
CA LEU A 36 17.07 15.81 4.38
C LEU A 36 16.10 16.91 3.98
N HIS A 37 16.59 17.92 3.26
CA HIS A 37 15.77 19.04 2.80
C HIS A 37 14.69 18.60 1.84
N PHE A 38 15.09 18.07 0.67
CA PHE A 38 14.14 17.87 -0.41
C PHE A 38 13.37 16.56 -0.28
N THR A 39 14.09 15.45 -0.08
CA THR A 39 13.44 14.14 -0.07
C THR A 39 12.56 13.94 1.16
N LEU A 40 12.98 14.43 2.32
CA LEU A 40 12.26 14.20 3.56
C LEU A 40 11.26 15.30 3.92
N VAL A 41 11.42 16.50 3.34
CA VAL A 41 10.65 17.67 3.71
C VAL A 41 10.78 17.87 5.21
N LYS A 42 11.98 18.23 5.65
CA LYS A 42 12.30 18.38 7.06
C LYS A 42 13.42 19.40 7.22
N ASP A 43 13.54 19.93 8.43
CA ASP A 43 14.66 20.77 8.81
C ASP A 43 15.35 20.18 10.03
N ARG A 44 16.56 20.68 10.30
CA ARG A 44 17.36 20.11 11.38
C ARG A 44 16.71 20.30 12.75
N ASN A 45 15.86 21.32 12.88
CA ASN A 45 15.22 21.61 14.17
C ASN A 45 14.04 20.70 14.47
N VAL A 46 13.54 19.96 13.48
CA VAL A 46 12.39 19.09 13.68
C VAL A 46 12.67 17.64 13.31
N ALA A 47 13.67 17.38 12.47
CA ALA A 47 13.90 16.03 11.96
C ALA A 47 14.18 15.05 13.10
N THR A 48 13.52 13.90 13.05
CA THR A 48 13.78 12.82 13.98
C THR A 48 14.97 12.00 13.49
N THR A 49 15.31 10.94 14.23
CA THR A 49 16.39 10.07 13.80
C THR A 49 16.00 9.24 12.59
N ARG A 50 14.70 8.96 12.42
CA ARG A 50 14.25 8.23 11.25
C ARG A 50 14.51 9.01 9.97
N ASP A 51 14.32 10.33 10.01
CA ASP A 51 14.60 11.14 8.84
C ASP A 51 16.09 11.14 8.50
N TYR A 52 16.95 11.21 9.51
CA TYR A 52 18.38 11.15 9.27
C TYR A 52 18.77 9.80 8.67
N TYR A 53 18.19 8.72 9.18
CA TYR A 53 18.45 7.41 8.59
C TYR A 53 17.99 7.35 7.14
N PHE A 54 16.81 7.89 6.84
CA PHE A 54 16.32 7.86 5.47
C PHE A 54 17.23 8.66 4.55
N ALA A 55 17.74 9.80 5.03
CA ALA A 55 18.68 10.59 4.23
C ALA A 55 19.96 9.79 3.95
N LEU A 56 20.48 9.09 4.97
CA LEU A 56 21.69 8.30 4.76
C LEU A 56 21.44 7.16 3.78
N ALA A 57 20.31 6.47 3.92
CA ALA A 57 19.98 5.39 2.99
C ALA A 57 19.83 5.91 1.57
N HIS A 58 19.21 7.08 1.41
CA HIS A 58 19.04 7.66 0.10
C HIS A 58 20.39 8.05 -0.52
N THR A 59 21.31 8.59 0.28
CA THR A 59 22.60 8.96 -0.30
C THR A 59 23.46 7.73 -0.65
N VAL A 60 23.40 6.65 0.13
CA VAL A 60 24.12 5.44 -0.29
C VAL A 60 23.47 4.80 -1.52
N ARG A 61 22.13 4.84 -1.63
CA ARG A 61 21.48 4.36 -2.85
C ARG A 61 21.90 5.19 -4.05
N ASP A 62 22.00 6.51 -3.87
CA ASP A 62 22.51 7.35 -4.95
C ASP A 62 23.96 7.01 -5.28
N HIS A 63 24.72 6.54 -4.30
CA HIS A 63 26.09 6.12 -4.57
C HIS A 63 26.14 4.85 -5.42
N LEU A 64 25.18 3.94 -5.22
CA LEU A 64 25.20 2.69 -5.97
C LEU A 64 24.44 2.74 -7.30
N VAL A 65 23.57 3.74 -7.50
CA VAL A 65 22.61 3.69 -8.59
C VAL A 65 23.27 3.76 -9.96
N GLY A 66 24.40 4.46 -10.09
CA GLY A 66 25.04 4.57 -11.40
C GLY A 66 25.55 3.23 -11.91
N ARG A 67 26.25 2.49 -11.03
CA ARG A 67 26.70 1.16 -11.41
C ARG A 67 25.53 0.18 -11.53
N TRP A 68 24.47 0.39 -10.74
CA TRP A 68 23.27 -0.43 -10.93
C TRP A 68 22.70 -0.25 -12.34
N ILE A 69 22.62 1.01 -12.79
CA ILE A 69 22.09 1.28 -14.13
C ILE A 69 22.99 0.68 -15.19
N ARG A 70 24.31 0.86 -15.04
CA ARG A 70 25.24 0.32 -16.04
C ARG A 70 25.17 -1.21 -16.10
N THR A 71 24.99 -1.86 -14.95
CA THR A 71 24.91 -3.32 -14.92
C THR A 71 23.59 -3.82 -15.50
N GLN A 72 22.50 -3.06 -15.30
CA GLN A 72 21.20 -3.51 -15.77
C GLN A 72 21.17 -3.65 -17.29
N GLN A 73 21.76 -2.71 -18.01
CA GLN A 73 21.75 -2.74 -19.46
C GLN A 73 22.75 -3.78 -20.00
N LYS A 81 25.58 -15.81 -21.08
CA LYS A 81 24.48 -16.48 -20.40
C LYS A 81 24.15 -15.79 -19.08
N ARG A 82 22.90 -15.90 -18.67
CA ARG A 82 22.43 -15.32 -17.43
C ARG A 82 21.80 -16.38 -16.54
N VAL A 83 21.93 -16.18 -15.23
CA VAL A 83 21.37 -17.09 -14.23
C VAL A 83 20.16 -16.43 -13.61
N TYR A 84 19.13 -17.23 -13.33
CA TYR A 84 17.87 -16.71 -12.78
C TYR A 84 17.49 -17.58 -11.59
N TYR A 85 17.69 -17.04 -10.40
CA TYR A 85 17.53 -17.80 -9.16
C TYR A 85 16.13 -17.55 -8.62
N LEU A 86 15.34 -18.62 -8.46
CA LEU A 86 13.91 -18.52 -8.21
C LEU A 86 13.58 -19.12 -6.84
N SER A 87 13.43 -18.24 -5.84
CA SER A 87 13.14 -18.66 -4.48
C SER A 87 11.86 -17.98 -3.98
N LEU A 88 11.14 -18.69 -3.13
CA LEU A 88 10.00 -18.12 -2.42
C LEU A 88 10.41 -17.32 -1.19
N GLU A 89 11.69 -17.34 -0.82
CA GLU A 89 12.15 -16.69 0.40
C GLU A 89 13.50 -16.03 0.14
N PHE A 90 13.67 -14.82 0.66
CA PHE A 90 14.94 -14.12 0.58
C PHE A 90 15.17 -13.43 1.92
N TYR A 91 15.93 -14.08 2.80
CA TYR A 91 16.12 -13.63 4.17
C TYR A 91 17.28 -12.65 4.21
N MET A 92 17.02 -11.45 3.67
CA MET A 92 18.08 -10.48 3.44
C MET A 92 18.58 -9.86 4.75
N GLY A 93 17.67 -9.39 5.58
CA GLY A 93 18.05 -8.73 6.82
C GLY A 93 18.13 -7.21 6.64
N ARG A 94 19.27 -6.64 7.01
CA ARG A 94 19.50 -5.20 6.98
C ARG A 94 20.47 -4.85 5.86
N THR A 95 20.21 -3.74 5.18
CA THR A 95 20.86 -3.41 3.92
C THR A 95 21.93 -2.33 4.03
N LEU A 96 21.73 -1.32 4.88
CA LEU A 96 22.59 -0.14 4.87
C LEU A 96 24.05 -0.48 5.17
N GLN A 97 24.27 -1.23 6.26
CA GLN A 97 25.64 -1.59 6.63
C GLN A 97 26.28 -2.47 5.57
N ASN A 98 25.55 -3.47 5.07
CA ASN A 98 26.08 -4.33 4.02
C ASN A 98 26.40 -3.55 2.76
N THR A 99 25.51 -2.63 2.37
CA THR A 99 25.75 -1.83 1.18
C THR A 99 26.99 -0.95 1.35
N MET A 100 27.16 -0.33 2.51
CA MET A 100 28.32 0.52 2.73
C MET A 100 29.61 -0.29 2.82
N ILE A 101 29.53 -1.54 3.30
CA ILE A 101 30.71 -2.40 3.32
C ILE A 101 31.08 -2.84 1.90
N ASN A 102 30.08 -3.25 1.11
CA ASN A 102 30.35 -3.72 -0.25
C ASN A 102 30.80 -2.58 -1.16
N LEU A 103 30.31 -1.35 -0.92
CA LEU A 103 30.72 -0.20 -1.70
C LEU A 103 32.08 0.34 -1.29
N GLY A 104 32.62 -0.09 -0.16
CA GLY A 104 33.89 0.42 0.32
C GLY A 104 33.85 1.88 0.73
N LEU A 105 32.79 2.29 1.42
CA LEU A 105 32.57 3.68 1.81
C LEU A 105 32.22 3.76 3.29
N GLN A 106 33.03 3.12 4.14
CA GLN A 106 32.72 3.09 5.56
C GLN A 106 33.43 4.22 6.31
N ASN A 107 34.70 4.46 6.01
CA ASN A 107 35.44 5.49 6.73
C ASN A 107 34.86 6.88 6.48
N ALA A 108 34.65 7.23 5.21
CA ALA A 108 34.11 8.55 4.88
C ALA A 108 32.70 8.72 5.42
N CYS A 109 31.87 7.68 5.30
CA CYS A 109 30.50 7.77 5.80
C CYS A 109 30.46 7.94 7.30
N ASP A 110 31.27 7.17 8.03
CA ASP A 110 31.29 7.30 9.48
C ASP A 110 31.83 8.66 9.91
N GLU A 111 32.87 9.16 9.22
CA GLU A 111 33.39 10.48 9.54
C GLU A 111 32.36 11.56 9.29
N ALA A 112 31.61 11.45 8.19
CA ALA A 112 30.58 12.45 7.89
C ALA A 112 29.45 12.40 8.91
N ILE A 113 29.03 11.19 9.30
CA ILE A 113 27.96 11.07 10.30
C ILE A 113 28.43 11.63 11.63
N TYR A 114 29.70 11.41 11.99
CA TYR A 114 30.23 11.98 13.22
C TYR A 114 30.26 13.50 13.15
N GLN A 115 30.73 14.06 12.04
CA GLN A 115 30.81 15.52 11.91
C GLN A 115 29.42 16.15 11.90
N LEU A 116 28.42 15.40 11.42
CA LEU A 116 27.04 15.89 11.52
C LEU A 116 26.61 16.01 12.98
N GLY A 117 27.06 15.09 13.82
CA GLY A 117 26.70 15.11 15.22
C GLY A 117 25.67 14.07 15.58
N LEU A 118 25.81 12.87 15.02
CA LEU A 118 24.86 11.79 15.26
C LEU A 118 25.60 10.51 15.59
N ASP A 119 24.86 9.55 16.11
CA ASP A 119 25.36 8.20 16.34
C ASP A 119 24.89 7.28 15.22
N ILE A 120 25.71 6.28 14.91
CA ILE A 120 25.39 5.37 13.82
C ILE A 120 24.56 4.17 14.27
N GLU A 121 24.61 3.83 15.56
CA GLU A 121 23.93 2.63 16.04
C GLU A 121 22.42 2.77 16.04
N GLU A 122 21.89 3.92 16.48
CA GLU A 122 20.45 4.11 16.48
C GLU A 122 19.92 4.31 15.07
N LEU A 123 20.69 4.99 14.21
CA LEU A 123 20.31 5.10 12.80
C LEU A 123 20.20 3.72 12.17
N GLU A 124 21.18 2.84 12.43
CA GLU A 124 21.09 1.48 11.95
C GLU A 124 19.89 0.74 12.55
N GLU A 125 19.64 0.92 13.84
CA GLU A 125 18.53 0.26 14.50
C GLU A 125 17.18 0.76 14.00
N ILE A 126 17.15 1.90 13.31
CA ILE A 126 15.90 2.38 12.71
C ILE A 126 15.42 1.43 11.63
N GLU A 127 16.35 0.90 10.83
CA GLU A 127 15.98 0.04 9.70
C GLU A 127 15.33 -1.25 10.16
N GLU A 128 14.25 -1.64 9.47
CA GLU A 128 13.58 -2.90 9.71
C GLU A 128 14.16 -3.98 8.80
N ASP A 129 14.33 -5.17 9.35
CA ASP A 129 14.92 -6.27 8.58
C ASP A 129 13.92 -6.78 7.54
N ALA A 130 14.45 -7.16 6.38
CA ALA A 130 13.65 -7.81 5.34
C ALA A 130 13.53 -9.30 5.67
N GLY A 131 12.76 -9.57 6.73
CA GLY A 131 12.56 -10.93 7.20
C GLY A 131 11.64 -11.74 6.32
N LEU A 132 12.01 -11.87 5.05
CA LEU A 132 11.20 -12.58 4.06
C LEU A 132 11.50 -14.06 3.99
N GLY A 133 12.42 -14.56 4.81
CA GLY A 133 12.75 -15.98 4.85
C GLY A 133 12.46 -16.57 6.21
N ASN A 134 12.07 -17.85 6.21
CA ASN A 134 11.78 -18.53 7.47
C ASN A 134 13.07 -18.92 8.20
N GLY A 135 14.12 -19.25 7.46
CA GLY A 135 15.30 -19.85 8.05
C GLY A 135 16.49 -19.98 7.13
N GLY A 136 17.09 -21.18 7.12
CA GLY A 136 18.33 -21.38 6.38
C GLY A 136 18.17 -21.24 4.87
N LEU A 137 17.00 -21.60 4.34
CA LEU A 137 16.81 -21.57 2.89
C LEU A 137 16.91 -20.15 2.33
N GLY A 138 16.13 -19.21 2.91
CA GLY A 138 16.18 -17.84 2.44
C GLY A 138 17.51 -17.18 2.72
N ARG A 139 18.14 -17.53 3.86
CA ARG A 139 19.46 -17.00 4.17
C ARG A 139 20.49 -17.46 3.14
N LEU A 140 20.43 -18.73 2.75
CA LEU A 140 21.30 -19.24 1.70
C LEU A 140 21.03 -18.54 0.38
N ALA A 141 19.76 -18.26 0.08
CA ALA A 141 19.42 -17.53 -1.14
C ALA A 141 20.06 -16.14 -1.14
N ALA A 142 19.98 -15.43 -0.01
CA ALA A 142 20.58 -14.11 0.09
C ALA A 142 22.09 -14.16 -0.03
N CYS A 143 22.72 -15.16 0.61
CA CYS A 143 24.17 -15.33 0.48
C CYS A 143 24.56 -15.65 -0.96
N PHE A 144 23.74 -16.45 -1.64
CA PHE A 144 23.99 -16.77 -3.04
C PHE A 144 23.90 -15.51 -3.91
N LEU A 145 22.92 -14.66 -3.65
CA LEU A 145 22.82 -13.41 -4.39
C LEU A 145 24.05 -12.53 -4.17
N ASP A 146 24.49 -12.42 -2.91
CA ASP A 146 25.68 -11.63 -2.63
C ASP A 146 26.91 -12.22 -3.31
N SER A 147 27.00 -13.55 -3.38
CA SER A 147 28.17 -14.18 -3.96
C SER A 147 28.18 -14.04 -5.48
N MET A 148 27.03 -14.22 -6.14
CA MET A 148 26.95 -13.98 -7.57
C MET A 148 27.26 -12.53 -7.91
N ALA A 149 26.79 -11.59 -7.10
CA ALA A 149 27.15 -10.20 -7.32
C ALA A 149 28.66 -9.99 -7.16
N THR A 150 29.26 -10.60 -6.12
CA THR A 150 30.68 -10.41 -5.86
C THR A 150 31.55 -11.05 -6.92
N LEU A 151 31.13 -12.20 -7.47
CA LEU A 151 31.91 -12.91 -8.46
C LEU A 151 31.76 -12.34 -9.86
N GLY A 152 30.92 -11.33 -10.05
CA GLY A 152 30.75 -10.71 -11.35
C GLY A 152 29.77 -11.39 -12.27
N LEU A 153 29.02 -12.37 -11.79
CA LEU A 153 28.07 -13.09 -12.64
C LEU A 153 26.89 -12.20 -13.01
N ALA A 154 26.26 -12.53 -14.13
CA ALA A 154 25.03 -11.88 -14.56
C ALA A 154 23.87 -12.72 -14.07
N ALA A 155 23.33 -12.34 -12.90
CA ALA A 155 22.29 -13.11 -12.24
C ALA A 155 21.17 -12.20 -11.78
N TYR A 156 20.00 -12.80 -11.59
CA TYR A 156 18.83 -12.10 -11.08
C TYR A 156 18.22 -12.91 -9.95
N GLY A 157 17.59 -12.21 -9.01
CA GLY A 157 16.79 -12.82 -7.99
C GLY A 157 15.31 -12.62 -8.30
N TYR A 158 14.50 -13.60 -7.91
CA TYR A 158 13.08 -13.54 -8.18
C TYR A 158 12.31 -14.12 -7.01
N GLY A 159 11.30 -13.39 -6.56
CA GLY A 159 10.50 -13.84 -5.45
C GLY A 159 9.28 -12.98 -5.26
N ILE A 160 8.62 -13.16 -4.11
CA ILE A 160 7.38 -12.48 -3.77
C ILE A 160 7.68 -11.37 -2.79
N ARG A 161 7.16 -10.16 -3.07
CA ARG A 161 7.29 -9.04 -2.15
C ARG A 161 6.22 -9.17 -1.07
N TYR A 162 6.60 -9.89 -0.02
CA TYR A 162 5.71 -10.07 1.12
C TYR A 162 5.66 -8.80 1.95
N GLU A 163 4.44 -8.30 2.18
CA GLU A 163 4.28 -7.15 3.06
C GLU A 163 4.54 -7.51 4.52
N TYR A 164 4.29 -8.76 4.90
CA TYR A 164 4.55 -9.26 6.25
C TYR A 164 5.55 -10.40 6.17
N GLY A 165 6.60 -10.31 6.97
CA GLY A 165 7.62 -11.35 7.02
C GLY A 165 7.18 -12.56 7.81
N ILE A 166 8.13 -13.16 8.52
CA ILE A 166 7.83 -14.34 9.32
C ILE A 166 6.86 -13.99 10.45
N PHE A 167 7.33 -13.20 11.43
CA PHE A 167 6.56 -12.41 12.37
C PHE A 167 7.59 -11.79 13.32
N ASN A 168 7.11 -10.94 14.21
CA ASN A 168 7.92 -10.45 15.31
C ASN A 168 7.53 -11.22 16.57
N GLN A 169 8.53 -11.73 17.28
CA GLN A 169 8.31 -12.62 18.41
C GLN A 169 8.54 -11.89 19.72
N LYS A 170 7.63 -12.10 20.67
CA LYS A 170 7.72 -11.52 22.00
C LYS A 170 7.29 -12.57 23.01
N ILE A 171 7.84 -12.47 24.22
CA ILE A 171 7.56 -13.42 25.29
C ILE A 171 6.67 -12.75 26.31
N ARG A 172 5.45 -13.27 26.46
CA ARG A 172 4.47 -12.75 27.41
C ARG A 172 4.05 -13.89 28.33
N ASP A 173 4.33 -13.72 29.63
CA ASP A 173 4.04 -14.73 30.64
C ASP A 173 4.74 -16.05 30.34
N GLY A 174 5.96 -15.94 29.80
CA GLY A 174 6.74 -17.12 29.47
C GLY A 174 6.25 -17.91 28.28
N TRP A 175 5.34 -17.33 27.48
CA TRP A 175 4.77 -18.01 26.32
C TRP A 175 5.15 -17.25 25.06
N GLN A 176 4.74 -17.80 23.92
CA GLN A 176 5.05 -17.23 22.62
C GLN A 176 3.81 -16.55 22.04
N VAL A 177 3.96 -15.28 21.65
CA VAL A 177 2.91 -14.53 20.97
C VAL A 177 3.51 -13.92 19.71
N GLU A 178 2.74 -13.97 18.63
CA GLU A 178 3.18 -13.49 17.32
C GLU A 178 2.46 -12.19 16.99
N GLU A 179 3.20 -11.22 16.47
CA GLU A 179 2.64 -9.97 16.00
C GLU A 179 3.09 -9.73 14.57
N ALA A 180 2.25 -9.04 13.80
CA ALA A 180 2.54 -8.81 12.39
C ALA A 180 3.80 -7.97 12.22
N ASP A 181 4.59 -8.32 11.22
CA ASP A 181 5.82 -7.61 10.89
C ASP A 181 5.54 -6.67 9.73
N ASP A 182 5.29 -5.40 10.03
CA ASP A 182 4.99 -4.39 9.03
C ASP A 182 6.30 -3.66 8.69
N TRP A 183 7.10 -4.27 7.83
CA TRP A 183 8.40 -3.72 7.46
C TRP A 183 8.32 -2.64 6.39
N LEU A 184 7.13 -2.38 5.84
CA LEU A 184 6.96 -1.42 4.77
C LEU A 184 6.09 -0.23 5.15
N ARG A 185 5.70 -0.11 6.42
CA ARG A 185 4.80 0.98 6.82
C ARG A 185 5.45 2.34 6.65
N TYR A 186 6.72 2.46 7.03
CA TYR A 186 7.40 3.75 7.01
C TYR A 186 8.20 4.00 5.74
N GLY A 187 8.17 3.07 4.80
CA GLY A 187 8.84 3.22 3.52
C GLY A 187 9.89 2.16 3.30
N ASN A 188 10.58 2.30 2.16
CA ASN A 188 11.64 1.37 1.77
C ASN A 188 12.58 2.13 0.85
N PRO A 189 13.73 2.58 1.37
CA PRO A 189 14.63 3.41 0.56
C PRO A 189 15.52 2.60 -0.37
N TRP A 190 15.18 1.34 -0.59
CA TRP A 190 16.00 0.45 -1.42
C TRP A 190 15.28 -0.02 -2.67
N GLU A 191 14.04 -0.48 -2.56
CA GLU A 191 13.33 -1.05 -3.70
C GLU A 191 12.95 0.06 -4.69
N LYS A 192 12.40 -0.37 -5.82
CA LYS A 192 11.94 0.56 -6.85
C LYS A 192 10.93 -0.17 -7.73
N SER A 193 9.70 0.32 -7.74
CA SER A 193 8.66 -0.30 -8.55
C SER A 193 8.94 -0.08 -10.04
N ARG A 194 8.53 -1.06 -10.84
CA ARG A 194 8.70 -1.01 -12.30
C ARG A 194 7.34 -1.12 -12.96
N PRO A 195 6.69 0.01 -13.27
CA PRO A 195 5.38 -0.06 -13.95
C PRO A 195 5.46 -0.69 -15.33
N GLU A 196 6.62 -0.63 -15.98
CA GLU A 196 6.75 -1.12 -17.34
C GLU A 196 6.51 -2.62 -17.41
N PHE A 197 6.98 -3.36 -16.42
CA PHE A 197 7.03 -4.82 -16.49
C PHE A 197 5.90 -5.49 -15.73
N MET A 198 4.77 -4.80 -15.55
CA MET A 198 3.60 -5.45 -14.97
C MET A 198 3.09 -6.55 -15.90
N LEU A 199 2.73 -7.69 -15.32
CA LEU A 199 2.33 -8.84 -16.11
C LEU A 199 1.04 -9.43 -15.57
N PRO A 200 0.22 -10.02 -16.44
CA PRO A 200 -1.01 -10.66 -15.97
C PRO A 200 -0.83 -12.13 -15.64
N VAL A 201 -1.27 -12.54 -14.46
CA VAL A 201 -1.24 -13.94 -14.03
C VAL A 201 -2.68 -14.44 -13.96
N HIS A 202 -2.95 -15.56 -14.63
CA HIS A 202 -4.30 -16.09 -14.75
C HIS A 202 -4.51 -17.21 -13.75
N PHE A 203 -5.73 -17.29 -13.20
CA PHE A 203 -6.08 -18.29 -12.20
C PHE A 203 -7.41 -18.92 -12.58
N TYR A 204 -7.61 -20.17 -12.14
CA TYR A 204 -8.85 -20.91 -12.37
C TYR A 204 -9.15 -21.02 -13.86
N GLY A 205 -10.33 -21.50 -14.20
CA GLY A 205 -10.74 -21.51 -15.59
C GLY A 205 -11.15 -22.86 -16.13
N LYS A 206 -11.06 -23.02 -17.44
CA LYS A 206 -11.43 -24.26 -18.10
C LYS A 206 -10.52 -24.45 -19.32
N VAL A 207 -10.40 -25.70 -19.74
CA VAL A 207 -9.57 -26.06 -20.90
C VAL A 207 -10.50 -26.28 -22.09
N GLU A 208 -10.19 -25.62 -23.20
CA GLU A 208 -10.92 -25.77 -24.46
C GLU A 208 -9.99 -26.34 -25.50
N HIS A 209 -10.47 -27.37 -26.22
CA HIS A 209 -9.65 -28.07 -27.20
C HIS A 209 -10.02 -27.63 -28.60
N THR A 210 -9.04 -27.14 -29.35
CA THR A 210 -9.23 -26.63 -30.69
C THR A 210 -8.13 -27.17 -31.60
N ASN A 211 -8.30 -26.92 -32.90
CA ASN A 211 -7.35 -27.46 -33.89
C ASN A 211 -5.97 -26.84 -33.75
N THR A 212 -5.91 -25.54 -33.47
CA THR A 212 -4.64 -24.81 -33.38
C THR A 212 -4.36 -24.51 -31.91
N GLY A 213 -3.58 -25.38 -31.27
CA GLY A 213 -3.20 -25.18 -29.88
C GLY A 213 -4.30 -25.54 -28.91
N THR A 214 -3.98 -25.38 -27.63
CA THR A 214 -4.91 -25.63 -26.54
C THR A 214 -5.25 -24.31 -25.85
N LYS A 215 -6.53 -24.09 -25.60
CA LYS A 215 -7.02 -22.83 -25.05
C LYS A 215 -7.41 -22.99 -23.59
N TRP A 216 -6.89 -22.10 -22.75
CA TRP A 216 -7.24 -22.02 -21.33
C TRP A 216 -7.97 -20.70 -21.13
N ILE A 217 -9.26 -20.77 -20.78
CA ILE A 217 -10.15 -19.62 -20.82
C ILE A 217 -10.95 -19.56 -19.53
N ASP A 218 -11.74 -18.49 -19.39
CA ASP A 218 -12.60 -18.25 -18.23
C ASP A 218 -11.77 -18.10 -16.95
N THR A 219 -10.65 -17.41 -17.06
CA THR A 219 -9.71 -17.27 -15.97
C THR A 219 -9.75 -15.87 -15.36
N GLN A 220 -9.50 -15.79 -14.06
CA GLN A 220 -9.33 -14.51 -13.40
C GLN A 220 -7.89 -14.04 -13.52
N VAL A 221 -7.71 -12.74 -13.75
CA VAL A 221 -6.41 -12.14 -13.95
C VAL A 221 -5.97 -11.46 -12.67
N VAL A 222 -4.74 -11.73 -12.24
CA VAL A 222 -4.12 -11.04 -11.12
C VAL A 222 -2.86 -10.37 -11.63
N LEU A 223 -2.73 -9.07 -11.39
CA LEU A 223 -1.58 -8.34 -11.88
C LEU A 223 -0.35 -8.63 -11.01
N ALA A 224 0.81 -8.48 -11.62
CA ALA A 224 2.09 -8.72 -10.96
C ALA A 224 3.01 -7.54 -11.21
N LEU A 225 3.32 -6.79 -10.14
CA LEU A 225 4.09 -5.56 -10.27
C LEU A 225 5.48 -5.78 -9.69
N PRO A 226 6.55 -5.58 -10.46
CA PRO A 226 7.90 -5.84 -9.95
C PRO A 226 8.50 -4.68 -9.18
N TYR A 227 9.30 -5.04 -8.17
CA TYR A 227 10.07 -4.09 -7.38
C TYR A 227 11.53 -4.53 -7.43
N ASP A 228 12.43 -3.59 -7.69
CA ASP A 228 13.84 -3.89 -7.92
C ASP A 228 14.68 -3.44 -6.74
N THR A 229 15.34 -4.40 -6.09
CA THR A 229 16.24 -4.14 -4.98
C THR A 229 17.67 -4.46 -5.40
N PRO A 230 18.60 -3.53 -5.29
CA PRO A 230 19.97 -3.81 -5.71
C PRO A 230 20.65 -4.84 -4.83
N VAL A 231 21.58 -5.58 -5.45
CA VAL A 231 22.40 -6.56 -4.75
C VAL A 231 23.85 -6.28 -5.10
N PRO A 232 24.54 -5.40 -4.37
CA PRO A 232 25.91 -5.04 -4.74
C PRO A 232 26.89 -6.17 -4.52
N GLY A 233 27.96 -6.15 -5.30
CA GLY A 233 29.07 -7.09 -5.14
C GLY A 233 30.22 -6.38 -4.45
N TYR A 234 31.02 -7.16 -3.73
CA TYR A 234 32.10 -6.60 -2.91
C TYR A 234 33.21 -6.08 -3.82
N MET A 235 33.27 -4.76 -3.98
CA MET A 235 34.39 -4.07 -4.61
C MET A 235 34.65 -4.58 -6.03
N ASN A 236 33.57 -4.72 -6.81
CA ASN A 236 33.69 -5.30 -8.14
C ASN A 236 32.90 -4.58 -9.23
N ASN A 237 32.24 -3.45 -8.93
CA ASN A 237 31.49 -2.68 -9.92
C ASN A 237 30.36 -3.50 -10.53
N THR A 238 29.78 -4.42 -9.76
CA THR A 238 28.66 -5.24 -10.21
C THR A 238 27.52 -5.09 -9.21
N VAL A 239 26.36 -4.67 -9.69
CA VAL A 239 25.17 -4.51 -8.86
C VAL A 239 24.05 -5.30 -9.51
N ASN A 240 23.84 -6.53 -9.06
CA ASN A 240 22.77 -7.36 -9.59
C ASN A 240 21.42 -6.87 -9.08
N THR A 241 20.36 -7.58 -9.45
CA THR A 241 19.00 -7.14 -9.17
C THR A 241 18.24 -8.21 -8.41
N MET A 242 17.47 -7.78 -7.43
CA MET A 242 16.51 -8.61 -6.72
C MET A 242 15.12 -8.09 -7.06
N ARG A 243 14.36 -8.88 -7.82
CA ARG A 243 13.06 -8.47 -8.32
C ARG A 243 11.98 -9.21 -7.56
N LEU A 244 11.07 -8.47 -6.94
CA LEU A 244 10.03 -9.04 -6.10
C LEU A 244 8.68 -8.71 -6.71
N TRP A 245 7.82 -9.72 -6.81
CA TRP A 245 6.54 -9.57 -7.48
C TRP A 245 5.46 -9.19 -6.48
N SER A 246 4.79 -8.06 -6.75
CA SER A 246 3.71 -7.55 -5.91
C SER A 246 2.38 -7.79 -6.60
N ALA A 247 1.45 -8.42 -5.89
CA ALA A 247 0.14 -8.70 -6.46
C ALA A 247 -0.73 -7.46 -6.47
N ARG A 248 -1.53 -7.32 -7.51
CA ARG A 248 -2.45 -6.19 -7.66
C ARG A 248 -3.79 -6.76 -8.12
N ALA A 249 -4.68 -5.85 -8.53
CA ALA A 249 -5.98 -6.25 -9.02
C ALA A 249 -6.27 -5.58 -10.36
N PRO A 250 -7.06 -6.21 -11.21
CA PRO A 250 -7.53 -5.53 -12.42
C PRO A 250 -8.66 -4.56 -12.09
N ASN A 251 -8.64 -3.41 -12.77
CA ASN A 251 -9.61 -2.36 -12.47
C ASN A 251 -11.01 -2.76 -12.90
N ASP A 252 -11.12 -3.79 -13.74
CA ASP A 252 -12.41 -4.27 -14.21
C ASP A 252 -13.26 -4.81 -13.05
N TYR A 263 -19.62 0.39 -6.67
CA TYR A 263 -20.11 -0.55 -5.66
C TYR A 263 -19.02 -0.80 -4.62
N ILE A 264 -19.38 -0.56 -3.35
CA ILE A 264 -18.37 -0.54 -2.29
C ILE A 264 -17.81 -1.94 -2.06
N GLN A 265 -18.67 -2.96 -2.00
CA GLN A 265 -18.20 -4.31 -1.70
C GLN A 265 -17.30 -4.84 -2.81
N ALA A 266 -17.58 -4.48 -4.06
CA ALA A 266 -16.68 -4.86 -5.16
C ALA A 266 -15.32 -4.19 -5.02
N VAL A 267 -15.27 -3.01 -4.41
CA VAL A 267 -14.00 -2.36 -4.14
C VAL A 267 -13.28 -2.98 -2.95
N LEU A 268 -14.02 -3.47 -1.97
CA LEU A 268 -13.41 -4.12 -0.82
C LEU A 268 -12.97 -5.55 -1.12
N ASP A 269 -13.42 -6.12 -2.23
CA ASP A 269 -13.02 -7.46 -2.63
C ASP A 269 -11.77 -7.48 -3.50
N ARG A 270 -11.19 -6.31 -3.80
CA ARG A 270 -9.91 -6.25 -4.49
C ARG A 270 -8.75 -6.71 -3.62
N ASN A 271 -8.98 -6.91 -2.32
CA ASN A 271 -7.94 -7.40 -1.43
C ASN A 271 -7.71 -8.89 -1.58
N LEU A 272 -8.73 -9.65 -2.01
CA LEU A 272 -8.55 -11.07 -2.21
C LEU A 272 -7.52 -11.35 -3.30
N ALA A 273 -7.53 -10.58 -4.38
CA ALA A 273 -6.48 -10.69 -5.38
C ALA A 273 -5.13 -10.30 -4.80
N GLU A 274 -5.11 -9.30 -3.92
CA GLU A 274 -3.89 -8.88 -3.26
C GLU A 274 -3.56 -9.72 -2.03
N ASN A 275 -4.41 -10.67 -1.66
CA ASN A 275 -4.13 -11.53 -0.51
C ASN A 275 -2.96 -12.46 -0.76
N ILE A 276 -2.62 -12.74 -2.02
CA ILE A 276 -1.32 -13.30 -2.35
C ILE A 276 -0.32 -12.15 -2.35
N SER A 277 0.92 -12.45 -1.98
CA SER A 277 1.97 -11.48 -1.70
C SER A 277 1.68 -10.68 -0.43
N ARG A 278 0.73 -11.11 0.38
CA ARG A 278 0.40 -10.40 1.61
C ARG A 278 1.36 -10.77 2.74
N VAL A 279 1.38 -12.05 3.12
CA VAL A 279 2.13 -12.51 4.29
C VAL A 279 2.93 -13.75 3.92
N LEU A 280 4.21 -13.76 4.32
CA LEU A 280 5.03 -14.96 4.22
C LEU A 280 4.47 -16.05 5.10
N TYR A 281 4.41 -17.27 4.57
CA TYR A 281 3.98 -18.40 5.38
C TYR A 281 5.06 -18.75 6.40
N PRO A 282 4.66 -19.17 7.61
CA PRO A 282 5.62 -19.28 8.71
C PRO A 282 6.31 -20.62 8.87
N ASN A 283 5.85 -21.67 8.19
CA ASN A 283 6.44 -22.99 8.35
C ASN A 283 7.88 -23.01 7.85
N ASP A 284 8.77 -23.66 8.61
CA ASP A 284 10.17 -23.72 8.24
C ASP A 284 10.44 -24.88 7.29
N ASN A 285 10.12 -26.10 7.74
CA ASN A 285 10.21 -27.28 6.89
C ASN A 285 8.87 -27.93 6.64
N PHE A 286 7.91 -27.78 7.55
CA PHE A 286 6.61 -28.43 7.43
C PHE A 286 5.88 -27.94 6.18
N PHE A 287 5.07 -28.83 5.60
CA PHE A 287 4.27 -28.53 4.42
C PHE A 287 2.79 -28.53 4.82
N GLU A 288 2.11 -27.42 4.57
CA GLU A 288 0.71 -27.30 4.96
C GLU A 288 -0.23 -27.94 3.95
N GLY A 289 -0.25 -27.41 2.73
CA GLY A 289 -1.18 -27.87 1.72
C GLY A 289 -2.40 -26.98 1.58
N LYS A 290 -2.17 -25.67 1.62
CA LYS A 290 -3.25 -24.70 1.53
C LYS A 290 -3.45 -24.26 0.09
N GLU A 291 -4.69 -23.88 -0.25
CA GLU A 291 -4.94 -23.31 -1.57
C GLU A 291 -4.15 -22.03 -1.77
N LEU A 292 -4.10 -21.19 -0.75
CA LEU A 292 -3.12 -20.12 -0.71
C LEU A 292 -1.72 -20.73 -0.51
N ARG A 293 -0.71 -20.00 -0.97
CA ARG A 293 0.69 -20.45 -1.07
C ARG A 293 0.86 -21.41 -2.25
N LEU A 294 -0.24 -21.89 -2.82
CA LEU A 294 -0.21 -22.48 -4.15
C LEU A 294 -0.41 -21.41 -5.19
N LYS A 295 -1.34 -20.49 -4.94
CA LYS A 295 -1.45 -19.29 -5.76
C LYS A 295 -0.17 -18.48 -5.71
N GLN A 296 0.52 -18.46 -4.57
CA GLN A 296 1.79 -17.75 -4.47
C GLN A 296 2.86 -18.39 -5.34
N GLU A 297 2.98 -19.72 -5.27
CA GLU A 297 3.95 -20.43 -6.10
C GLU A 297 3.65 -20.21 -7.59
N TYR A 298 2.39 -20.40 -7.98
CA TYR A 298 2.02 -20.18 -9.37
C TYR A 298 2.26 -18.74 -9.80
N PHE A 299 1.92 -17.78 -8.93
CA PHE A 299 2.11 -16.38 -9.23
C PHE A 299 3.57 -16.05 -9.48
N VAL A 300 4.46 -16.51 -8.61
CA VAL A 300 5.87 -16.17 -8.75
C VAL A 300 6.47 -16.86 -9.98
N VAL A 301 6.13 -18.14 -10.21
CA VAL A 301 6.73 -18.82 -11.35
C VAL A 301 6.22 -18.24 -12.67
N ALA A 302 4.92 -17.95 -12.74
CA ALA A 302 4.36 -17.37 -13.96
C ALA A 302 4.97 -16.01 -14.25
N ALA A 303 5.01 -15.12 -13.26
CA ALA A 303 5.56 -13.80 -13.48
C ALA A 303 7.03 -13.87 -13.87
N THR A 304 7.81 -14.71 -13.18
CA THR A 304 9.24 -14.80 -13.46
C THR A 304 9.49 -15.34 -14.86
N LEU A 305 8.79 -16.42 -15.23
CA LEU A 305 8.99 -17.01 -16.54
C LEU A 305 8.60 -16.04 -17.65
N GLN A 306 7.47 -15.36 -17.51
CA GLN A 306 7.06 -14.40 -18.53
C GLN A 306 8.06 -13.25 -18.62
N ASP A 307 8.57 -12.78 -17.48
CA ASP A 307 9.54 -11.69 -17.50
C ASP A 307 10.82 -12.11 -18.22
N ILE A 308 11.33 -13.31 -17.93
CA ILE A 308 12.58 -13.75 -18.56
C ILE A 308 12.36 -14.00 -20.05
N ILE A 309 11.20 -14.54 -20.43
CA ILE A 309 10.91 -14.77 -21.84
C ILE A 309 10.81 -13.44 -22.59
N ARG A 310 10.17 -12.45 -21.97
CA ARG A 310 10.14 -11.10 -22.54
C ARG A 310 11.56 -10.55 -22.71
N ARG A 311 12.42 -10.77 -21.72
CA ARG A 311 13.78 -10.26 -21.80
C ARG A 311 14.56 -10.95 -22.91
N PHE A 312 14.30 -12.25 -23.12
CA PHE A 312 15.01 -12.99 -24.17
C PHE A 312 14.53 -12.61 -25.56
N LYS A 313 13.21 -12.41 -25.73
CA LYS A 313 12.70 -12.01 -27.04
C LYS A 313 13.18 -10.63 -27.44
N ALA A 314 13.46 -9.76 -26.49
CA ALA A 314 13.96 -8.42 -26.76
C ALA A 314 15.47 -8.36 -26.93
N SER A 315 16.15 -9.50 -26.85
CA SER A 315 17.59 -9.57 -27.03
C SER A 315 17.94 -9.77 -28.49
N LYS A 316 19.24 -9.71 -28.78
CA LYS A 316 19.73 -9.94 -30.14
C LYS A 316 19.53 -11.37 -30.59
N PHE A 317 19.31 -12.31 -29.67
CA PHE A 317 19.07 -13.70 -30.02
C PHE A 317 17.62 -13.92 -30.42
N VAL A 326 14.83 -19.40 -32.96
CA VAL A 326 15.31 -18.44 -31.96
C VAL A 326 15.33 -19.09 -30.58
N PHE A 327 14.34 -19.95 -30.33
CA PHE A 327 14.24 -20.64 -29.05
C PHE A 327 15.19 -21.83 -28.94
N ASP A 328 15.89 -22.20 -30.02
CA ASP A 328 16.93 -23.20 -29.91
C ASP A 328 18.11 -22.70 -29.09
N ALA A 329 18.27 -21.39 -28.94
CA ALA A 329 19.30 -20.79 -28.12
C ALA A 329 18.83 -20.44 -26.72
N PHE A 330 17.57 -20.74 -26.38
CA PHE A 330 17.06 -20.40 -25.06
C PHE A 330 17.80 -21.13 -23.93
N PRO A 331 17.99 -22.45 -23.96
CA PRO A 331 18.79 -23.08 -22.90
C PRO A 331 20.23 -22.63 -22.85
N ASP A 332 20.75 -22.08 -23.94
CA ASP A 332 22.11 -21.55 -23.97
C ASP A 332 22.20 -20.14 -23.41
N GLN A 333 21.05 -19.53 -23.05
CA GLN A 333 21.02 -18.17 -22.55
C GLN A 333 20.22 -18.00 -21.27
N VAL A 334 19.42 -18.98 -20.86
CA VAL A 334 18.59 -18.89 -19.67
C VAL A 334 18.81 -20.16 -18.84
N ALA A 335 19.30 -19.99 -17.62
CA ALA A 335 19.41 -21.07 -16.65
C ALA A 335 18.58 -20.71 -15.43
N ILE A 336 17.57 -21.52 -15.13
CA ILE A 336 16.63 -21.25 -14.05
C ILE A 336 16.94 -22.22 -12.92
N GLN A 337 17.41 -21.68 -11.80
CA GLN A 337 17.69 -22.48 -10.61
C GLN A 337 16.48 -22.47 -9.68
N LEU A 338 16.01 -23.66 -9.33
CA LEU A 338 14.89 -23.81 -8.42
C LEU A 338 15.45 -24.09 -7.02
N ASN A 339 15.18 -23.19 -6.08
CA ASN A 339 15.76 -23.30 -4.74
C ASN A 339 15.35 -24.61 -4.09
N ASP A 340 14.05 -24.89 -4.06
CA ASP A 340 13.53 -26.12 -3.48
C ASP A 340 12.43 -26.62 -4.40
N THR A 341 11.61 -27.53 -3.89
CA THR A 341 10.43 -27.99 -4.62
C THR A 341 9.32 -26.95 -4.64
N HIS A 342 9.57 -25.74 -4.11
CA HIS A 342 8.56 -24.70 -4.12
C HIS A 342 8.28 -24.15 -5.51
N PRO A 343 9.29 -23.74 -6.32
CA PRO A 343 8.97 -23.32 -7.69
C PRO A 343 8.94 -24.49 -8.66
N ALA A 344 8.27 -25.59 -8.28
CA ALA A 344 8.19 -26.77 -9.12
C ALA A 344 7.24 -26.58 -10.30
N LEU A 345 6.27 -25.66 -10.18
CA LEU A 345 5.33 -25.39 -11.26
C LEU A 345 5.97 -24.66 -12.44
N ALA A 346 7.22 -24.23 -12.30
CA ALA A 346 7.92 -23.58 -13.41
C ALA A 346 8.14 -24.52 -14.59
N ILE A 347 8.08 -25.83 -14.37
CA ILE A 347 8.27 -26.81 -15.45
C ILE A 347 7.00 -26.87 -16.30
N PRO A 348 5.82 -27.20 -15.75
CA PRO A 348 4.61 -27.20 -16.59
C PRO A 348 4.25 -25.83 -17.14
N GLU A 349 4.60 -24.75 -16.45
CA GLU A 349 4.30 -23.42 -16.97
C GLU A 349 5.18 -23.08 -18.17
N LEU A 350 6.47 -23.42 -18.11
CA LEU A 350 7.34 -23.23 -19.26
C LEU A 350 6.88 -24.11 -20.42
N MET A 351 6.45 -25.34 -20.12
CA MET A 351 5.88 -26.19 -21.16
C MET A 351 4.65 -25.56 -21.78
N ARG A 352 3.78 -24.96 -20.96
CA ARG A 352 2.58 -24.31 -21.47
C ARG A 352 2.94 -23.14 -22.37
N ILE A 353 3.94 -22.35 -22.00
CA ILE A 353 4.31 -21.21 -22.83
C ILE A 353 4.91 -21.68 -24.15
N PHE A 354 5.80 -22.67 -24.12
CA PHE A 354 6.40 -23.17 -25.35
C PHE A 354 5.37 -23.80 -26.28
N VAL A 355 4.46 -24.62 -25.73
CA VAL A 355 3.58 -25.41 -26.57
C VAL A 355 2.33 -24.65 -27.01
N ASP A 356 1.85 -23.69 -26.20
CA ASP A 356 0.62 -22.99 -26.51
C ASP A 356 0.85 -21.57 -27.02
N ILE A 357 1.55 -20.74 -26.25
CA ILE A 357 1.80 -19.37 -26.68
C ILE A 357 2.75 -19.33 -27.87
N GLU A 358 3.73 -20.24 -27.92
CA GLU A 358 4.70 -20.26 -28.99
C GLU A 358 4.46 -21.38 -29.99
N LYS A 359 3.62 -22.37 -29.64
CA LYS A 359 3.23 -23.45 -30.55
C LYS A 359 4.43 -24.24 -31.06
N LEU A 360 5.49 -24.32 -30.24
CA LEU A 360 6.62 -25.15 -30.60
C LEU A 360 6.23 -26.63 -30.56
N PRO A 361 6.93 -27.48 -31.30
CA PRO A 361 6.66 -28.92 -31.21
C PRO A 361 6.88 -29.42 -29.79
N TRP A 362 6.07 -30.41 -29.41
CA TRP A 362 6.09 -30.90 -28.03
C TRP A 362 7.48 -31.40 -27.66
N SER A 363 8.09 -32.20 -28.54
CA SER A 363 9.37 -32.82 -28.21
C SER A 363 10.47 -31.78 -28.02
N LYS A 364 10.52 -30.77 -28.89
CA LYS A 364 11.53 -29.73 -28.72
C LYS A 364 11.30 -28.93 -27.45
N ALA A 365 10.03 -28.66 -27.12
CA ALA A 365 9.72 -27.90 -25.92
C ALA A 365 10.21 -28.61 -24.67
N TRP A 366 9.94 -29.92 -24.57
CA TRP A 366 10.39 -30.69 -23.41
C TRP A 366 11.91 -30.74 -23.35
N GLU A 367 12.55 -30.84 -24.50
CA GLU A 367 14.01 -30.79 -24.56
C GLU A 367 14.54 -29.48 -23.98
N LEU A 368 13.99 -28.36 -24.42
CA LEU A 368 14.46 -27.06 -23.94
C LEU A 368 14.19 -26.91 -22.44
N THR A 369 13.02 -27.35 -21.98
CA THR A 369 12.71 -27.25 -20.56
C THR A 369 13.68 -28.06 -19.72
N GLN A 370 13.99 -29.29 -20.14
CA GLN A 370 14.97 -30.08 -19.40
C GLN A 370 16.34 -29.42 -19.42
N LYS A 371 16.73 -28.86 -20.56
CA LYS A 371 18.03 -28.20 -20.63
C LYS A 371 18.09 -26.89 -19.87
N THR A 372 16.95 -26.33 -19.46
CA THR A 372 16.97 -25.04 -18.78
C THR A 372 16.94 -25.15 -17.25
N PHE A 373 16.33 -26.18 -16.70
CA PHE A 373 16.08 -26.25 -15.27
C PHE A 373 17.15 -27.03 -14.53
N ALA A 374 17.46 -26.58 -13.32
CA ALA A 374 18.31 -27.30 -12.38
C ALA A 374 17.65 -27.29 -11.01
N TYR A 375 17.74 -28.40 -10.30
CA TYR A 375 17.01 -28.60 -9.05
C TYR A 375 17.97 -28.73 -7.89
N THR A 376 17.59 -28.17 -6.75
CA THR A 376 18.33 -28.27 -5.51
C THR A 376 17.42 -28.77 -4.40
N ASN A 377 17.85 -29.81 -3.70
CA ASN A 377 17.08 -30.38 -2.60
C ASN A 377 17.62 -29.87 -1.28
N HIS A 378 16.71 -29.54 -0.35
CA HIS A 378 17.09 -28.99 0.94
C HIS A 378 16.65 -29.83 2.13
N THR A 379 15.62 -30.66 2.00
CA THR A 379 15.07 -31.39 3.12
C THR A 379 14.88 -32.85 2.75
N VAL A 380 14.82 -33.70 3.77
CA VAL A 380 14.67 -35.14 3.59
C VAL A 380 13.54 -35.63 4.49
N LEU A 381 13.06 -34.75 5.37
CA LEU A 381 12.01 -35.14 6.32
C LEU A 381 10.73 -35.48 5.57
N PRO A 382 10.09 -36.61 5.88
CA PRO A 382 8.89 -37.00 5.13
C PRO A 382 7.75 -36.00 5.21
N GLU A 383 7.60 -35.32 6.33
CA GLU A 383 6.56 -34.30 6.49
C GLU A 383 6.96 -32.96 5.88
N ALA A 384 8.17 -32.83 5.39
CA ALA A 384 8.68 -31.60 4.80
C ALA A 384 8.60 -31.60 3.28
N LEU A 385 7.96 -32.59 2.68
CA LEU A 385 7.93 -32.74 1.23
C LEU A 385 6.56 -32.33 0.69
N GLU A 386 6.57 -31.51 -0.36
CA GLU A 386 5.34 -30.99 -0.93
C GLU A 386 4.65 -32.06 -1.78
N ARG A 387 3.34 -32.23 -1.55
CA ARG A 387 2.55 -33.17 -2.33
C ARG A 387 1.16 -32.53 -2.51
N TRP A 388 0.99 -31.81 -3.60
CA TRP A 388 -0.25 -31.07 -3.83
C TRP A 388 -1.33 -32.02 -4.32
N PRO A 389 -2.52 -32.00 -3.73
CA PRO A 389 -3.60 -32.88 -4.22
C PRO A 389 -4.03 -32.51 -5.62
N VAL A 390 -4.47 -33.52 -6.37
CA VAL A 390 -4.82 -33.31 -7.78
C VAL A 390 -6.06 -32.45 -7.90
N ASP A 391 -7.03 -32.61 -6.99
CA ASP A 391 -8.29 -31.87 -7.11
C ASP A 391 -8.08 -30.37 -6.96
N LEU A 392 -7.23 -29.96 -6.00
CA LEU A 392 -6.99 -28.54 -5.80
C LEU A 392 -6.31 -27.92 -7.01
N VAL A 393 -5.31 -28.62 -7.57
CA VAL A 393 -4.63 -28.11 -8.76
C VAL A 393 -5.57 -28.07 -9.95
N GLU A 394 -6.42 -29.09 -10.09
CA GLU A 394 -7.39 -29.12 -11.18
C GLU A 394 -8.34 -27.94 -11.09
N LYS A 395 -8.79 -27.63 -9.88
CA LYS A 395 -9.64 -26.45 -9.69
C LYS A 395 -8.87 -25.17 -10.02
N LEU A 396 -7.59 -25.12 -9.64
CA LEU A 396 -6.83 -23.88 -9.84
C LEU A 396 -6.14 -23.84 -11.20
N LEU A 397 -5.46 -24.92 -11.57
CA LEU A 397 -4.66 -24.98 -12.80
C LEU A 397 -5.02 -26.21 -13.61
N PRO A 398 -6.05 -26.13 -14.45
CA PRO A 398 -6.42 -27.31 -15.26
C PRO A 398 -5.43 -27.61 -16.37
N ARG A 399 -4.96 -26.57 -17.08
CA ARG A 399 -3.98 -26.77 -18.14
C ARG A 399 -2.68 -27.33 -17.58
N HIS A 400 -2.25 -26.83 -16.42
CA HIS A 400 -1.04 -27.35 -15.81
C HIS A 400 -1.20 -28.79 -15.34
N LEU A 401 -2.38 -29.15 -14.83
CA LEU A 401 -2.62 -30.54 -14.50
C LEU A 401 -2.57 -31.43 -15.73
N GLU A 402 -3.12 -30.96 -16.85
CA GLU A 402 -3.04 -31.72 -18.09
C GLU A 402 -1.59 -31.89 -18.54
N ILE A 403 -0.80 -30.83 -18.45
CA ILE A 403 0.61 -30.91 -18.83
C ILE A 403 1.35 -31.86 -17.90
N ILE A 404 1.01 -31.86 -16.61
CA ILE A 404 1.64 -32.77 -15.66
C ILE A 404 1.30 -34.22 -16.00
N TYR A 405 0.04 -34.49 -16.33
CA TYR A 405 -0.33 -35.84 -16.78
C TYR A 405 0.41 -36.23 -18.04
N GLU A 406 0.58 -35.30 -18.99
CA GLU A 406 1.28 -35.62 -20.22
C GLU A 406 2.75 -35.96 -19.96
N ILE A 407 3.43 -35.15 -19.15
CA ILE A 407 4.82 -35.41 -18.79
C ILE A 407 4.92 -36.74 -18.06
N ASN A 408 4.00 -37.01 -17.14
CA ASN A 408 4.01 -38.26 -16.40
C ASN A 408 3.85 -39.45 -17.34
N GLN A 409 2.92 -39.35 -18.29
CA GLN A 409 2.70 -40.46 -19.22
C GLN A 409 3.93 -40.72 -20.08
N LYS A 410 4.54 -39.65 -20.60
CA LYS A 410 5.73 -39.84 -21.42
C LYS A 410 6.87 -40.46 -20.62
N HIS A 411 7.10 -39.96 -19.40
CA HIS A 411 8.18 -40.50 -18.57
C HIS A 411 7.91 -41.96 -18.21
N LEU A 412 6.67 -42.29 -17.87
CA LEU A 412 6.34 -43.66 -17.50
C LEU A 412 6.51 -44.60 -18.69
N ASP A 413 6.12 -44.16 -19.89
CA ASP A 413 6.34 -44.98 -21.07
C ASP A 413 7.83 -45.18 -21.33
N ARG A 414 8.62 -44.12 -21.18
CA ARG A 414 10.06 -44.24 -21.36
C ARG A 414 10.67 -45.23 -20.38
N ILE A 415 10.22 -45.19 -19.11
CA ILE A 415 10.78 -46.09 -18.12
C ILE A 415 10.32 -47.53 -18.37
N VAL A 416 9.04 -47.73 -18.68
CA VAL A 416 8.54 -49.08 -18.89
C VAL A 416 9.10 -49.71 -20.16
N ALA A 417 9.58 -48.89 -21.10
CA ALA A 417 10.31 -49.45 -22.24
C ALA A 417 11.57 -50.18 -21.77
N LEU A 418 12.29 -49.60 -20.82
CA LEU A 418 13.52 -50.20 -20.33
C LEU A 418 13.27 -51.36 -19.37
N PHE A 419 12.21 -51.29 -18.57
CA PHE A 419 11.95 -52.26 -17.50
C PHE A 419 10.55 -52.85 -17.67
N PRO A 420 10.37 -53.76 -18.62
CA PRO A 420 9.08 -54.46 -18.72
C PRO A 420 8.73 -55.26 -17.48
N LYS A 421 9.74 -55.77 -16.77
CA LYS A 421 9.48 -56.60 -15.59
C LYS A 421 9.08 -55.79 -14.37
N ASP A 422 9.63 -54.57 -14.22
CA ASP A 422 9.44 -53.78 -13.02
C ASP A 422 8.01 -53.26 -12.96
N VAL A 423 7.24 -53.75 -11.99
CA VAL A 423 5.87 -53.30 -11.78
C VAL A 423 5.78 -52.33 -10.60
N ASP A 424 6.50 -52.63 -9.51
CA ASP A 424 6.53 -51.69 -8.39
C ASP A 424 7.29 -50.42 -8.72
N ARG A 425 8.31 -50.52 -9.60
CA ARG A 425 9.00 -49.33 -10.07
C ARG A 425 8.06 -48.43 -10.86
N LEU A 426 7.06 -49.01 -11.52
CA LEU A 426 6.07 -48.21 -12.23
C LEU A 426 5.33 -47.29 -11.28
N ARG A 427 4.96 -47.79 -10.11
CA ARG A 427 4.32 -46.95 -9.09
C ARG A 427 5.31 -46.02 -8.42
N ARG A 428 6.55 -46.47 -8.21
CA ARG A 428 7.52 -45.66 -7.47
C ARG A 428 7.93 -44.43 -8.26
N MET A 429 8.26 -44.60 -9.54
CA MET A 429 8.86 -43.51 -10.31
C MET A 429 7.83 -42.54 -10.87
N SER A 430 6.54 -42.78 -10.66
CA SER A 430 5.51 -41.91 -11.21
C SER A 430 5.56 -40.53 -10.54
N LEU A 431 4.94 -39.57 -11.21
CA LEU A 431 4.78 -38.22 -10.67
C LEU A 431 3.51 -38.08 -9.86
N ILE A 432 2.73 -39.15 -9.73
CA ILE A 432 1.45 -39.13 -9.04
C ILE A 432 1.45 -40.27 -8.02
N GLU A 433 0.98 -39.97 -6.81
CA GLU A 433 0.81 -40.98 -5.77
C GLU A 433 -0.67 -41.09 -5.44
N GLU A 434 -1.20 -42.32 -5.51
CA GLU A 434 -2.63 -42.57 -5.35
C GLU A 434 -2.88 -43.60 -4.27
N GLU A 435 -2.21 -43.46 -3.13
CA GLU A 435 -2.50 -44.34 -1.99
C GLU A 435 -3.88 -44.06 -1.43
N GLY A 436 -4.20 -42.80 -1.19
CA GLY A 436 -5.54 -42.36 -0.87
C GLY A 436 -6.03 -41.38 -1.91
N SER A 437 -6.10 -40.10 -1.54
CA SER A 437 -6.29 -39.05 -2.54
C SER A 437 -5.02 -38.88 -3.36
N LYS A 438 -5.19 -38.66 -4.66
CA LYS A 438 -4.05 -38.54 -5.55
C LYS A 438 -3.34 -37.21 -5.32
N ARG A 439 -2.02 -37.27 -5.19
CA ARG A 439 -1.20 -36.09 -4.95
C ARG A 439 -0.03 -36.08 -5.93
N ILE A 440 0.51 -34.89 -6.16
CA ILE A 440 1.57 -34.70 -7.15
C ILE A 440 2.90 -34.58 -6.40
N ASN A 441 3.79 -35.53 -6.62
CA ASN A 441 5.15 -35.48 -6.06
C ASN A 441 5.94 -34.41 -6.80
N MET A 442 6.04 -33.23 -6.21
CA MET A 442 6.69 -32.12 -6.89
C MET A 442 8.20 -32.33 -6.98
N ALA A 443 8.78 -33.11 -6.07
CA ALA A 443 10.18 -33.47 -6.17
C ALA A 443 10.45 -34.30 -7.43
N HIS A 444 9.57 -35.25 -7.72
CA HIS A 444 9.69 -36.04 -8.95
C HIS A 444 9.58 -35.16 -10.18
N LEU A 445 8.64 -34.21 -10.16
CA LEU A 445 8.50 -33.29 -11.28
C LEU A 445 9.76 -32.46 -11.47
N CYS A 446 10.37 -32.01 -10.38
CA CYS A 446 11.63 -31.27 -10.50
C CYS A 446 12.76 -32.15 -11.01
N ILE A 447 12.75 -33.43 -10.64
CA ILE A 447 13.77 -34.35 -11.12
C ILE A 447 13.66 -34.52 -12.63
N VAL A 448 12.49 -34.91 -13.13
CA VAL A 448 12.34 -35.23 -14.54
C VAL A 448 12.52 -33.99 -15.40
N GLY A 449 12.16 -32.81 -14.88
CA GLY A 449 12.22 -31.60 -15.66
C GLY A 449 13.50 -30.83 -15.62
N SER A 450 14.52 -31.32 -14.94
CA SER A 450 15.79 -30.61 -14.78
C SER A 450 16.93 -31.46 -15.32
N HIS A 451 18.02 -30.79 -15.70
CA HIS A 451 19.20 -31.52 -16.16
C HIS A 451 20.19 -31.76 -15.02
N ALA A 452 19.86 -31.32 -13.81
CA ALA A 452 20.69 -31.53 -12.65
C ALA A 452 19.82 -31.63 -11.39
N VAL A 453 20.34 -32.35 -10.39
CA VAL A 453 19.70 -32.49 -9.09
C VAL A 453 20.80 -32.41 -8.03
N ASN A 454 20.51 -31.75 -6.92
CA ASN A 454 21.52 -31.43 -5.92
C ASN A 454 21.10 -31.81 -4.51
N GLY A 455 22.10 -31.93 -3.66
CA GLY A 455 21.90 -31.95 -2.23
C GLY A 455 22.74 -30.86 -1.59
N VAL A 456 22.36 -30.50 -0.37
CA VAL A 456 22.97 -29.33 0.28
C VAL A 456 24.26 -29.72 0.99
N ALA A 457 24.46 -31.01 1.25
CA ALA A 457 25.67 -31.50 1.89
C ALA A 457 26.13 -32.76 1.18
N LYS A 458 27.39 -33.15 1.44
CA LYS A 458 27.91 -34.39 0.87
C LYS A 458 27.09 -35.59 1.34
N ILE A 459 26.84 -35.67 2.64
CA ILE A 459 26.01 -36.75 3.18
C ILE A 459 24.59 -36.65 2.62
N HIS A 460 24.04 -35.43 2.56
CA HIS A 460 22.69 -35.26 2.04
C HIS A 460 22.63 -35.61 0.56
N SER A 461 23.65 -35.22 -0.21
CA SER A 461 23.70 -35.57 -1.63
C SER A 461 23.76 -37.09 -1.80
N ASP A 462 24.58 -37.76 -1.00
CA ASP A 462 24.65 -39.21 -1.07
C ASP A 462 23.33 -39.86 -0.72
N ILE A 463 22.64 -39.34 0.30
CA ILE A 463 21.36 -39.93 0.71
C ILE A 463 20.32 -39.75 -0.38
N VAL A 464 20.23 -38.56 -0.98
CA VAL A 464 19.21 -38.33 -1.99
C VAL A 464 19.52 -39.12 -3.26
N LYS A 465 20.80 -39.24 -3.63
CA LYS A 465 21.15 -40.00 -4.83
C LYS A 465 20.97 -41.50 -4.64
N THR A 466 21.35 -42.03 -3.49
CA THR A 466 21.39 -43.47 -3.26
C THR A 466 20.13 -44.01 -2.62
N LYS A 467 19.57 -43.32 -1.63
CA LYS A 467 18.42 -43.81 -0.88
C LYS A 467 17.10 -43.19 -1.32
N VAL A 468 17.03 -41.87 -1.37
CA VAL A 468 15.76 -41.20 -1.63
C VAL A 468 15.34 -41.40 -3.09
N PHE A 469 16.27 -41.23 -4.01
CA PHE A 469 15.97 -41.22 -5.45
C PHE A 469 16.85 -42.22 -6.19
N LYS A 470 16.90 -43.46 -5.68
CA LYS A 470 17.73 -44.48 -6.29
C LYS A 470 17.29 -44.80 -7.72
N ASP A 471 15.97 -44.91 -7.94
CA ASP A 471 15.47 -45.28 -9.26
C ASP A 471 15.82 -44.23 -10.30
N PHE A 472 15.64 -42.95 -9.97
CA PHE A 472 15.97 -41.89 -10.90
C PHE A 472 17.47 -41.77 -11.09
N SER A 473 18.25 -42.02 -10.02
CA SER A 473 19.69 -41.78 -10.07
C SER A 473 20.41 -42.85 -10.88
N GLU A 474 19.99 -44.11 -10.75
CA GLU A 474 20.70 -45.17 -11.46
C GLU A 474 20.50 -45.06 -12.97
N LEU A 475 19.33 -44.58 -13.40
CA LEU A 475 19.12 -44.35 -14.83
C LEU A 475 19.89 -43.13 -15.31
N GLU A 476 19.91 -42.05 -14.51
CA GLU A 476 20.59 -40.80 -14.84
C GLU A 476 21.68 -40.60 -13.81
N PRO A 477 22.86 -41.21 -14.00
CA PRO A 477 23.90 -41.11 -12.96
C PRO A 477 24.54 -39.74 -12.87
N ASP A 478 24.73 -39.07 -14.00
CA ASP A 478 25.46 -37.79 -13.99
C ASP A 478 24.56 -36.64 -13.58
N LYS A 479 23.24 -36.84 -13.62
CA LYS A 479 22.32 -35.75 -13.28
C LYS A 479 22.45 -35.35 -11.82
N PHE A 480 22.51 -36.34 -10.93
CA PHE A 480 22.56 -36.09 -9.50
C PHE A 480 23.95 -35.64 -9.08
N GLN A 481 24.06 -34.46 -8.48
CA GLN A 481 25.37 -33.92 -8.08
C GLN A 481 25.42 -33.49 -6.62
N ASN A 482 26.55 -32.95 -6.20
CA ASN A 482 26.67 -32.42 -4.83
C ASN A 482 27.19 -31.00 -4.79
N LYS A 483 26.52 -30.11 -4.05
CA LYS A 483 27.02 -28.75 -3.86
C LYS A 483 26.82 -28.42 -2.37
N THR A 484 27.90 -28.30 -1.59
CA THR A 484 27.77 -28.03 -0.18
C THR A 484 27.61 -26.53 0.06
N ASN A 485 26.69 -26.18 0.96
CA ASN A 485 26.32 -24.79 1.17
C ASN A 485 27.49 -23.97 1.69
N GLY A 486 27.28 -22.65 1.73
CA GLY A 486 28.29 -21.73 2.21
C GLY A 486 27.65 -20.44 2.66
N ILE A 487 28.47 -19.61 3.31
CA ILE A 487 28.03 -18.33 3.85
C ILE A 487 28.95 -17.24 3.33
N THR A 488 28.38 -16.08 3.05
CA THR A 488 29.16 -14.97 2.50
C THR A 488 30.08 -14.38 3.57
N PRO A 489 31.37 -14.25 3.28
CA PRO A 489 32.29 -13.66 4.28
C PRO A 489 31.96 -12.21 4.61
N ARG A 490 31.42 -11.46 3.66
CA ARG A 490 31.20 -10.03 3.86
C ARG A 490 30.20 -9.78 4.99
N ARG A 491 29.05 -10.46 4.94
CA ARG A 491 28.02 -10.22 5.94
C ARG A 491 28.36 -10.85 7.28
N TRP A 492 29.03 -12.00 7.25
CA TRP A 492 29.19 -12.83 8.45
C TRP A 492 30.59 -12.79 9.03
N LEU A 493 31.55 -12.15 8.36
CA LEU A 493 32.83 -11.90 9.01
C LEU A 493 33.17 -10.42 9.02
N LEU A 494 33.10 -9.77 7.85
CA LEU A 494 33.49 -8.38 7.75
C LEU A 494 32.46 -7.46 8.39
N LEU A 495 31.18 -7.75 8.17
CA LEU A 495 30.12 -6.97 8.80
C LEU A 495 29.84 -7.47 10.22
N CYS A 496 29.84 -8.79 10.41
CA CYS A 496 29.45 -9.37 11.69
C CYS A 496 30.50 -9.09 12.76
N ASN A 497 31.77 -9.32 12.44
CA ASN A 497 32.87 -9.24 13.40
C ASN A 497 33.99 -8.38 12.83
N PRO A 498 33.84 -7.05 12.88
CA PRO A 498 34.91 -6.19 12.37
C PRO A 498 36.24 -6.35 13.10
N GLY A 499 36.22 -6.61 14.41
CA GLY A 499 37.46 -6.77 15.14
C GLY A 499 38.25 -7.99 14.71
N LEU A 500 37.58 -9.14 14.59
CA LEU A 500 38.25 -10.36 14.13
C LEU A 500 38.71 -10.19 12.69
N ALA A 501 37.90 -9.55 11.85
CA ALA A 501 38.29 -9.32 10.47
C ALA A 501 39.55 -8.47 10.38
N GLU A 502 39.62 -7.39 11.17
CA GLU A 502 40.80 -6.54 11.16
C GLU A 502 42.02 -7.29 11.72
N LEU A 503 41.82 -8.10 12.76
CA LEU A 503 42.92 -8.89 13.31
C LEU A 503 43.47 -9.85 12.27
N ILE A 504 42.58 -10.54 11.55
CA ILE A 504 43.01 -11.47 10.50
C ILE A 504 43.73 -10.70 9.38
N ALA A 505 43.16 -9.57 8.96
CA ALA A 505 43.77 -8.78 7.90
C ALA A 505 45.16 -8.28 8.29
N GLU A 506 45.41 -8.09 9.59
CA GLU A 506 46.73 -7.69 10.03
C GLU A 506 47.76 -8.80 9.87
N LYS A 507 47.32 -10.05 9.77
CA LYS A 507 48.24 -11.19 9.68
C LYS A 507 48.42 -11.67 8.24
N ILE A 508 47.33 -12.00 7.56
CA ILE A 508 47.39 -12.63 6.24
C ILE A 508 46.87 -11.71 5.15
N GLY A 509 46.80 -10.40 5.40
CA GLY A 509 46.34 -9.47 4.40
C GLY A 509 44.84 -9.49 4.24
N GLU A 510 44.36 -8.68 3.29
CA GLU A 510 42.93 -8.52 3.05
C GLU A 510 42.40 -9.42 1.95
N ASP A 511 43.25 -10.23 1.33
CA ASP A 511 42.82 -11.07 0.22
C ASP A 511 41.86 -12.18 0.62
N TYR A 512 41.75 -12.48 1.92
CA TYR A 512 40.86 -13.55 2.37
C TYR A 512 39.39 -13.24 2.11
N VAL A 513 39.03 -11.96 1.94
CA VAL A 513 37.64 -11.60 1.71
C VAL A 513 37.14 -12.20 0.40
N LYS A 514 37.93 -12.09 -0.66
CA LYS A 514 37.55 -12.67 -1.94
C LYS A 514 37.52 -14.19 -1.86
N ASP A 515 38.66 -14.81 -1.56
CA ASP A 515 38.76 -16.25 -1.41
C ASP A 515 39.04 -16.63 0.06
N LEU A 516 38.04 -17.21 0.71
CA LEU A 516 38.15 -17.55 2.11
C LEU A 516 39.19 -18.63 2.38
N SER A 517 39.65 -19.35 1.36
CA SER A 517 40.62 -20.42 1.56
C SER A 517 41.98 -19.90 2.01
N GLN A 518 42.21 -18.59 1.95
CA GLN A 518 43.43 -18.01 2.47
C GLN A 518 43.51 -18.08 3.99
N LEU A 519 42.42 -18.45 4.66
CA LEU A 519 42.43 -18.58 6.11
C LEU A 519 43.38 -19.68 6.59
N THR A 520 43.77 -20.60 5.70
CA THR A 520 44.72 -21.65 6.07
C THR A 520 46.11 -21.09 6.38
N LYS A 521 46.39 -19.85 5.97
CA LYS A 521 47.67 -19.23 6.30
C LYS A 521 47.77 -18.87 7.77
N LEU A 522 46.68 -18.95 8.53
CA LEU A 522 46.70 -18.72 9.96
C LEU A 522 47.27 -19.89 10.75
N HIS A 523 47.46 -21.06 10.10
CA HIS A 523 48.08 -22.19 10.79
C HIS A 523 49.52 -21.89 11.16
N SER A 524 50.17 -20.95 10.47
CA SER A 524 51.53 -20.58 10.80
C SER A 524 51.63 -19.78 12.10
N PHE A 525 50.51 -19.36 12.67
CA PHE A 525 50.49 -18.58 13.89
C PHE A 525 50.02 -19.40 15.10
N LEU A 526 49.96 -20.73 14.98
CA LEU A 526 49.59 -21.55 16.12
C LEU A 526 50.64 -21.50 17.22
N GLY A 527 51.92 -21.38 16.85
CA GLY A 527 52.97 -21.35 17.85
C GLY A 527 52.94 -20.09 18.70
N ASP A 528 52.62 -18.96 18.09
CA ASP A 528 52.66 -17.69 18.80
C ASP A 528 51.54 -17.60 19.82
N ASP A 529 51.86 -17.02 20.99
CA ASP A 529 50.90 -16.87 22.07
C ASP A 529 50.23 -15.50 22.09
N VAL A 530 50.92 -14.47 21.61
CA VAL A 530 50.33 -13.13 21.58
C VAL A 530 49.12 -13.11 20.66
N PHE A 531 49.19 -13.82 19.54
CA PHE A 531 48.06 -13.89 18.63
C PHE A 531 46.86 -14.55 19.28
N LEU A 532 47.09 -15.64 20.03
CA LEU A 532 45.99 -16.29 20.75
C LEU A 532 45.40 -15.36 21.80
N ARG A 533 46.25 -14.63 22.52
CA ARG A 533 45.76 -13.69 23.51
C ARG A 533 44.91 -12.59 22.87
N GLU A 534 45.35 -12.07 21.73
CA GLU A 534 44.58 -11.03 21.04
C GLU A 534 43.26 -11.58 20.48
N LEU A 535 43.27 -12.84 20.03
CA LEU A 535 42.03 -13.49 19.61
C LEU A 535 41.04 -13.59 20.76
N ALA A 536 41.50 -14.06 21.92
CA ALA A 536 40.62 -14.09 23.09
C ALA A 536 40.19 -12.68 23.50
N LYS A 537 41.05 -11.69 23.28
CA LYS A 537 40.69 -10.31 23.62
C LYS A 537 39.55 -9.80 22.74
N VAL A 538 39.61 -10.05 21.43
CA VAL A 538 38.51 -9.60 20.58
C VAL A 538 37.23 -10.37 20.91
N LYS A 539 37.36 -11.66 21.26
CA LYS A 539 36.19 -12.39 21.71
C LYS A 539 35.58 -11.76 22.95
N GLN A 540 36.44 -11.34 23.90
CA GLN A 540 35.94 -10.71 25.12
C GLN A 540 35.32 -9.35 24.85
N GLU A 541 35.87 -8.59 23.89
CA GLU A 541 35.26 -7.30 23.54
C GLU A 541 33.85 -7.51 22.96
N ASN A 542 33.70 -8.48 22.07
CA ASN A 542 32.37 -8.78 21.54
C ASN A 542 31.44 -9.26 22.65
N LYS A 543 31.98 -10.05 23.58
CA LYS A 543 31.19 -10.51 24.72
C LYS A 543 30.72 -9.33 25.56
N LEU A 544 31.59 -8.35 25.80
CA LEU A 544 31.21 -7.18 26.56
C LEU A 544 30.09 -6.40 25.87
N LYS A 545 30.21 -6.21 24.55
CA LYS A 545 29.16 -5.50 23.83
C LYS A 545 27.82 -6.25 23.93
N PHE A 546 27.84 -7.56 23.72
CA PHE A 546 26.60 -8.31 23.80
C PHE A 546 26.05 -8.34 25.22
N SER A 547 26.92 -8.23 26.23
CA SER A 547 26.43 -8.15 27.61
C SER A 547 25.79 -6.80 27.88
N GLN A 548 26.34 -5.72 27.31
CA GLN A 548 25.67 -4.43 27.38
C GLN A 548 24.27 -4.51 26.78
N PHE A 549 24.14 -5.21 25.65
CA PHE A 549 22.81 -5.41 25.06
C PHE A 549 21.91 -6.23 25.99
N LEU A 550 22.43 -7.34 26.51
CA LEU A 550 21.62 -8.28 27.27
C LEU A 550 21.12 -7.67 28.58
N GLU A 551 21.98 -6.94 29.28
CA GLU A 551 21.60 -6.38 30.57
C GLU A 551 20.41 -5.44 30.42
N THR A 552 20.47 -4.53 29.45
CA THR A 552 19.36 -3.61 29.24
C THR A 552 18.12 -4.35 28.74
N GLU A 553 18.31 -5.33 27.85
CA GLU A 553 17.16 -5.97 27.24
C GLU A 553 16.44 -6.96 28.16
N TYR A 554 17.18 -7.67 29.02
CA TYR A 554 16.60 -8.80 29.74
C TYR A 554 16.61 -8.66 31.26
N LYS A 555 17.11 -7.55 31.79
CA LYS A 555 17.11 -7.28 33.24
C LYS A 555 17.79 -8.40 34.02
N VAL A 556 18.91 -8.89 33.47
CA VAL A 556 19.71 -9.93 34.12
C VAL A 556 21.18 -9.48 34.07
N LYS A 557 21.87 -9.63 35.20
CA LYS A 557 23.28 -9.28 35.25
C LYS A 557 24.11 -10.40 34.63
N ILE A 558 24.99 -10.05 33.71
CA ILE A 558 25.77 -11.01 32.94
C ILE A 558 27.19 -11.02 33.46
N ASN A 559 27.66 -12.21 33.85
CA ASN A 559 29.05 -12.38 34.26
C ASN A 559 29.93 -12.24 33.03
N PRO A 560 30.85 -11.26 32.99
CA PRO A 560 31.59 -11.01 31.74
C PRO A 560 32.72 -11.99 31.46
N SER A 561 33.20 -12.70 32.48
CA SER A 561 34.22 -13.73 32.27
C SER A 561 33.61 -15.09 32.00
N SER A 562 32.29 -15.19 31.90
CA SER A 562 31.60 -16.45 31.71
C SER A 562 31.64 -16.87 30.25
N MET A 563 31.57 -18.18 30.03
CA MET A 563 31.48 -18.74 28.69
C MET A 563 30.09 -18.48 28.13
N PHE A 564 30.02 -17.98 26.89
CA PHE A 564 28.75 -17.75 26.24
C PHE A 564 28.35 -18.99 25.46
N ASP A 565 27.36 -19.73 25.99
CA ASP A 565 26.85 -20.95 25.38
C ASP A 565 25.55 -20.60 24.67
N VAL A 566 25.57 -20.62 23.33
CA VAL A 566 24.48 -20.10 22.51
C VAL A 566 23.95 -21.22 21.61
N GLN A 567 22.63 -21.29 21.49
CA GLN A 567 21.97 -22.17 20.53
C GLN A 567 20.84 -21.38 19.87
N VAL A 568 21.11 -20.83 18.68
CA VAL A 568 20.14 -20.04 17.95
C VAL A 568 19.76 -20.80 16.67
N LYS A 569 18.49 -21.19 16.58
CA LYS A 569 17.91 -21.81 15.39
C LYS A 569 16.42 -21.91 15.61
N ARG A 570 15.70 -22.27 14.55
CA ARG A 570 14.26 -22.44 14.65
C ARG A 570 13.92 -23.57 15.60
N ILE A 571 12.89 -23.37 16.42
CA ILE A 571 12.53 -24.34 17.45
C ILE A 571 11.86 -25.55 16.81
N HIS A 572 12.62 -26.64 16.68
CA HIS A 572 12.12 -27.88 16.12
C HIS A 572 12.43 -29.01 17.09
N GLU A 573 11.66 -30.09 16.98
CA GLU A 573 11.96 -31.29 17.77
C GLU A 573 13.26 -31.94 17.30
N TYR A 574 13.51 -31.96 15.98
CA TYR A 574 14.72 -32.59 15.48
C TYR A 574 15.96 -31.76 15.79
N LYS A 575 15.82 -30.47 16.07
CA LYS A 575 16.95 -29.64 16.45
C LYS A 575 17.32 -29.78 17.92
N ARG A 576 16.44 -30.36 18.74
CA ARG A 576 16.75 -30.81 20.09
C ARG A 576 17.25 -29.67 20.98
N GLN A 577 16.36 -28.70 21.20
CA GLN A 577 16.55 -27.74 22.29
C GLN A 577 16.17 -28.36 23.63
N LEU A 578 15.35 -29.41 23.61
CA LEU A 578 14.99 -30.12 24.84
C LEU A 578 16.21 -30.76 25.49
N LEU A 579 17.15 -31.26 24.69
CA LEU A 579 18.38 -31.82 25.24
C LEU A 579 19.18 -30.75 25.96
N ASN A 580 19.24 -29.54 25.40
CA ASN A 580 19.93 -28.44 26.06
C ASN A 580 19.22 -28.06 27.35
N CYS A 581 17.89 -28.04 27.34
CA CYS A 581 17.14 -27.76 28.57
C CYS A 581 17.43 -28.81 29.64
N LEU A 582 17.47 -30.08 29.25
CA LEU A 582 17.80 -31.14 30.20
C LEU A 582 19.21 -30.97 30.75
N HIS A 583 20.15 -30.56 29.90
CA HIS A 583 21.52 -30.33 30.37
C HIS A 583 21.59 -29.16 31.35
N VAL A 584 20.86 -28.08 31.08
CA VAL A 584 20.93 -26.93 31.99
C VAL A 584 20.30 -27.28 33.33
N ILE A 585 19.21 -28.05 33.32
CA ILE A 585 18.64 -28.53 34.58
C ILE A 585 19.62 -29.44 35.29
N THR A 586 20.35 -30.26 34.53
CA THR A 586 21.35 -31.15 35.12
C THR A 586 22.43 -30.36 35.86
N MET A 587 23.00 -29.35 35.20
CA MET A 587 24.08 -28.61 35.87
C MET A 587 23.54 -27.71 36.97
N TYR A 588 22.28 -27.29 36.87
CA TYR A 588 21.65 -26.57 37.98
C TYR A 588 21.54 -27.47 39.20
N ASN A 589 21.10 -28.72 39.01
CA ASN A 589 21.05 -29.66 40.12
C ASN A 589 22.44 -29.97 40.65
N ARG A 590 23.43 -30.01 39.75
CA ARG A 590 24.81 -30.24 40.17
C ARG A 590 25.30 -29.11 41.07
N ILE A 591 24.97 -27.87 40.72
CA ILE A 591 25.30 -26.72 41.59
C ILE A 591 24.54 -26.82 42.91
N LYS A 592 23.26 -27.20 42.86
CA LYS A 592 22.45 -27.30 44.08
C LYS A 592 22.98 -28.36 45.03
N LYS A 593 23.51 -29.45 44.51
CA LYS A 593 23.96 -30.56 45.37
C LYS A 593 25.07 -30.10 46.32
N ASP A 594 26.11 -29.48 45.78
CA ASP A 594 27.21 -29.02 46.62
C ASP A 594 27.85 -27.76 46.04
N PRO A 595 27.53 -26.59 46.59
CA PRO A 595 28.11 -25.35 46.06
C PRO A 595 29.61 -25.22 46.30
N LYS A 596 30.20 -26.06 47.15
CA LYS A 596 31.64 -25.97 47.40
C LYS A 596 32.45 -26.32 46.16
N LYS A 597 31.98 -27.29 45.38
CA LYS A 597 32.72 -27.73 44.20
C LYS A 597 32.82 -26.61 43.18
N LEU A 598 33.97 -26.53 42.51
CA LEU A 598 34.18 -25.52 41.49
C LEU A 598 33.26 -25.75 40.30
N PHE A 599 32.78 -24.66 39.72
CA PHE A 599 31.91 -24.70 38.55
C PHE A 599 32.41 -23.70 37.52
N VAL A 600 32.17 -24.01 36.25
CA VAL A 600 32.53 -23.12 35.15
C VAL A 600 31.48 -22.03 35.00
N PRO A 601 31.86 -20.76 35.04
CA PRO A 601 30.88 -19.69 34.75
C PRO A 601 30.36 -19.81 33.32
N ARG A 602 29.10 -20.17 33.17
CA ARG A 602 28.53 -20.52 31.88
C ARG A 602 27.19 -19.81 31.69
N THR A 603 27.12 -18.96 30.67
CA THR A 603 25.89 -18.29 30.27
C THR A 603 25.26 -19.07 29.14
N VAL A 604 24.02 -19.50 29.31
CA VAL A 604 23.32 -20.32 28.34
C VAL A 604 22.29 -19.45 27.63
N ILE A 605 22.39 -19.36 26.30
CA ILE A 605 21.48 -18.57 25.49
C ILE A 605 20.82 -19.50 24.48
N ILE A 606 19.49 -19.47 24.42
CA ILE A 606 18.71 -20.26 23.47
C ILE A 606 17.65 -19.34 22.88
N GLY A 607 17.76 -19.05 21.59
CA GLY A 607 16.81 -18.16 20.95
C GLY A 607 16.39 -18.56 19.55
N GLY A 608 15.10 -18.67 19.32
CA GLY A 608 14.60 -18.99 17.99
C GLY A 608 13.08 -18.99 17.99
N LYS A 609 12.53 -18.77 16.80
CA LYS A 609 11.09 -18.70 16.64
C LYS A 609 10.50 -20.08 16.41
N ALA A 610 9.20 -20.18 16.63
CA ALA A 610 8.46 -21.41 16.45
C ALA A 610 7.30 -21.17 15.49
N ALA A 611 6.83 -22.24 14.87
CA ALA A 611 5.67 -22.13 14.00
C ALA A 611 4.43 -21.86 14.84
N PRO A 612 3.58 -20.90 14.41
CA PRO A 612 2.40 -20.57 15.22
C PRO A 612 1.47 -21.75 15.47
N GLY A 613 1.35 -22.67 14.52
CA GLY A 613 0.53 -23.84 14.69
C GLY A 613 1.22 -25.05 15.27
N TYR A 614 2.48 -24.90 15.70
CA TYR A 614 3.28 -26.03 16.17
C TYR A 614 3.31 -25.99 17.70
N HIS A 615 2.59 -26.93 18.31
CA HIS A 615 2.34 -26.88 19.75
C HIS A 615 3.57 -27.28 20.55
N MET A 616 4.29 -28.31 20.10
CA MET A 616 5.40 -28.83 20.88
C MET A 616 6.53 -27.81 21.00
N ALA A 617 6.78 -27.06 19.93
CA ALA A 617 7.79 -26.00 20.00
C ALA A 617 7.41 -24.94 21.02
N LYS A 618 6.11 -24.59 21.06
CA LYS A 618 5.64 -23.64 22.06
C LYS A 618 5.82 -24.17 23.47
N MET A 619 5.54 -25.47 23.68
CA MET A 619 5.77 -26.06 24.99
C MET A 619 7.25 -26.06 25.35
N ILE A 620 8.12 -26.28 24.37
CA ILE A 620 9.57 -26.25 24.64
C ILE A 620 10.01 -24.85 25.02
N ILE A 621 9.46 -23.83 24.34
CA ILE A 621 9.77 -22.45 24.70
C ILE A 621 9.29 -22.15 26.12
N LYS A 622 8.09 -22.63 26.47
CA LYS A 622 7.58 -22.44 27.82
C LYS A 622 8.48 -23.11 28.86
N LEU A 623 8.96 -24.31 28.56
CA LEU A 623 9.87 -25.00 29.48
C LEU A 623 11.18 -24.24 29.63
N ILE A 624 11.70 -23.71 28.53
CA ILE A 624 12.93 -22.92 28.60
C ILE A 624 12.72 -21.68 29.48
N THR A 625 11.58 -21.01 29.31
CA THR A 625 11.32 -19.81 30.10
C THR A 625 11.13 -20.16 31.58
N SER A 626 10.45 -21.27 31.88
CA SER A 626 10.29 -21.67 33.27
C SER A 626 11.63 -22.01 33.92
N VAL A 627 12.49 -22.75 33.21
CA VAL A 627 13.80 -23.09 33.74
C VAL A 627 14.65 -21.83 33.92
N ALA A 628 14.56 -20.89 32.98
CA ALA A 628 15.29 -19.64 33.13
C ALA A 628 14.80 -18.87 34.35
N ASP A 629 13.49 -18.84 34.58
CA ASP A 629 12.95 -18.14 35.73
C ASP A 629 13.44 -18.76 37.03
N VAL A 630 13.46 -20.10 37.10
CA VAL A 630 13.92 -20.77 38.31
C VAL A 630 15.41 -20.54 38.53
N VAL A 631 16.22 -20.72 37.49
CA VAL A 631 17.67 -20.71 37.65
C VAL A 631 18.19 -19.29 37.87
N ASN A 632 17.62 -18.31 37.16
CA ASN A 632 18.11 -16.93 37.27
C ASN A 632 17.91 -16.37 38.66
N ASN A 633 16.86 -16.81 39.36
CA ASN A 633 16.47 -16.24 40.65
C ASN A 633 16.81 -17.16 41.82
N ASP A 634 17.94 -17.85 41.75
CA ASP A 634 18.42 -18.67 42.86
C ASP A 634 19.66 -18.02 43.46
N PRO A 635 19.59 -17.57 44.72
CA PRO A 635 20.77 -16.94 45.33
C PRO A 635 21.98 -17.86 45.42
N MET A 636 21.76 -19.16 45.56
CA MET A 636 22.89 -20.10 45.66
C MET A 636 23.70 -20.14 44.38
N VAL A 637 23.01 -20.14 43.23
CA VAL A 637 23.72 -20.18 41.95
C VAL A 637 24.53 -18.91 41.73
N GLY A 638 23.92 -17.75 41.96
CA GLY A 638 24.63 -16.50 41.77
C GLY A 638 25.01 -16.29 40.33
N SER A 639 26.31 -16.08 40.10
CA SER A 639 26.85 -15.83 38.76
C SER A 639 27.45 -17.09 38.15
N LYS A 640 26.84 -18.25 38.40
CA LYS A 640 27.33 -19.52 37.88
C LYS A 640 26.50 -20.06 36.71
N LEU A 641 25.20 -19.80 36.69
CA LEU A 641 24.33 -20.38 35.67
C LEU A 641 23.17 -19.43 35.42
N LYS A 642 23.18 -18.77 34.25
CA LYS A 642 22.08 -17.94 33.79
C LYS A 642 21.55 -18.50 32.48
N VAL A 643 20.24 -18.41 32.30
CA VAL A 643 19.58 -18.88 31.08
C VAL A 643 18.78 -17.71 30.51
N ILE A 644 19.15 -17.28 29.32
CA ILE A 644 18.47 -16.20 28.61
C ILE A 644 17.87 -16.76 27.35
N PHE A 645 16.55 -16.60 27.20
CA PHE A 645 15.86 -16.97 25.97
C PHE A 645 15.91 -15.76 25.05
N LEU A 646 16.79 -15.82 24.05
CA LEU A 646 16.92 -14.73 23.10
C LEU A 646 15.61 -14.50 22.37
N GLU A 647 15.27 -13.23 22.18
CA GLU A 647 13.97 -12.83 21.64
C GLU A 647 14.13 -12.26 20.25
N ASN A 648 13.22 -12.64 19.34
CA ASN A 648 13.18 -12.14 17.97
C ASN A 648 14.52 -12.35 17.27
N TYR A 649 14.89 -13.62 17.12
CA TYR A 649 16.16 -13.96 16.49
C TYR A 649 16.06 -13.76 14.98
N ARG A 650 17.05 -13.06 14.41
CA ARG A 650 17.01 -12.68 13.01
C ARG A 650 18.43 -12.40 12.54
N VAL A 651 18.56 -11.88 11.31
CA VAL A 651 19.88 -11.63 10.75
C VAL A 651 20.61 -10.54 11.53
N SER A 652 19.91 -9.45 11.86
CA SER A 652 20.55 -8.38 12.61
C SER A 652 20.96 -8.82 14.00
N LEU A 653 20.11 -9.59 14.67
CA LEU A 653 20.46 -10.10 15.99
C LEU A 653 21.61 -11.11 15.91
N ALA A 654 21.63 -11.93 14.86
CA ALA A 654 22.73 -12.85 14.66
C ALA A 654 24.04 -12.11 14.38
N GLU A 655 23.96 -10.94 13.76
CA GLU A 655 25.17 -10.16 13.55
C GLU A 655 25.81 -9.70 14.86
N LYS A 656 25.09 -9.80 15.97
CA LYS A 656 25.60 -9.43 17.29
C LYS A 656 25.86 -10.62 18.19
N VAL A 657 25.06 -11.68 18.10
CA VAL A 657 25.24 -12.83 18.99
C VAL A 657 26.29 -13.79 18.45
N ILE A 658 26.43 -13.91 17.12
CA ILE A 658 27.44 -14.82 16.56
C ILE A 658 28.86 -14.41 16.92
N PRO A 659 29.27 -13.15 16.77
CA PRO A 659 30.68 -12.81 17.06
C PRO A 659 31.04 -12.82 18.54
N ALA A 660 30.09 -13.05 19.44
CA ALA A 660 30.36 -13.16 20.86
C ALA A 660 30.25 -14.58 21.40
N THR A 661 29.84 -15.53 20.56
CA THR A 661 29.66 -16.90 21.01
C THR A 661 30.99 -17.55 21.36
N ASP A 662 30.97 -18.42 22.37
CA ASP A 662 32.10 -19.27 22.70
C ASP A 662 31.88 -20.73 22.37
N LEU A 663 30.66 -21.25 22.57
CA LEU A 663 30.34 -22.63 22.28
C LEU A 663 29.08 -22.69 21.45
N SER A 664 29.10 -23.49 20.39
CA SER A 664 28.00 -23.60 19.45
C SER A 664 27.27 -24.92 19.66
N GLU A 665 25.94 -24.87 19.65
CA GLU A 665 25.11 -26.03 19.94
C GLU A 665 24.38 -26.44 18.66
N GLN A 666 24.91 -27.46 17.99
CA GLN A 666 24.25 -28.08 16.83
C GLN A 666 24.10 -29.56 17.17
N ILE A 667 23.04 -29.88 17.89
CA ILE A 667 22.91 -31.20 18.49
C ILE A 667 21.70 -31.93 17.94
N SER A 668 21.38 -31.66 16.66
CA SER A 668 20.29 -32.37 16.01
C SER A 668 20.61 -33.85 15.88
N THR A 669 19.56 -34.68 15.92
CA THR A 669 19.73 -36.11 15.76
C THR A 669 20.39 -36.41 14.42
N ALA A 670 21.39 -37.29 14.44
CA ALA A 670 22.17 -37.57 13.24
C ALA A 670 21.29 -38.17 12.15
N GLY A 671 21.46 -37.67 10.92
CA GLY A 671 20.68 -38.12 9.80
C GLY A 671 19.36 -37.40 9.59
N THR A 672 19.01 -36.45 10.45
CA THR A 672 17.77 -35.71 10.32
C THR A 672 17.96 -34.29 9.82
N GLU A 673 19.18 -33.76 9.85
CA GLU A 673 19.48 -32.42 9.35
C GLU A 673 20.27 -32.57 8.06
N ALA A 674 19.80 -31.91 7.00
CA ALA A 674 20.49 -31.97 5.72
C ALA A 674 21.78 -31.16 5.77
N SER A 675 21.66 -29.86 6.02
CA SER A 675 22.81 -28.98 6.20
C SER A 675 22.36 -27.64 6.75
N GLY A 676 23.05 -27.13 7.76
CA GLY A 676 22.75 -25.83 8.33
C GLY A 676 23.93 -24.89 8.14
N THR A 677 23.63 -23.62 7.88
CA THR A 677 24.66 -22.61 7.71
C THR A 677 24.98 -21.84 8.99
N GLY A 678 24.22 -22.09 10.07
CA GLY A 678 24.53 -21.42 11.33
C GLY A 678 25.86 -21.84 11.91
N ASN A 679 26.13 -23.16 11.90
CA ASN A 679 27.39 -23.65 12.43
C ASN A 679 28.58 -23.16 11.62
N MET A 680 28.38 -22.91 10.32
CA MET A 680 29.43 -22.30 9.52
C MET A 680 29.75 -20.89 10.01
N LYS A 681 28.72 -20.10 10.32
CA LYS A 681 28.94 -18.77 10.86
C LYS A 681 29.63 -18.83 12.22
N PHE A 682 29.20 -19.77 13.07
CA PHE A 682 29.86 -19.95 14.35
C PHE A 682 31.34 -20.27 14.17
N MET A 683 31.66 -21.27 13.36
CA MET A 683 33.05 -21.65 13.13
C MET A 683 33.84 -20.51 12.51
N LEU A 684 33.19 -19.66 11.72
CA LEU A 684 33.87 -18.52 11.12
C LEU A 684 34.18 -17.44 12.16
N ASN A 685 33.28 -17.23 13.10
CA ASN A 685 33.44 -16.19 14.12
C ASN A 685 34.00 -16.74 15.44
N GLY A 686 35.11 -17.46 15.36
CA GLY A 686 35.89 -17.83 16.55
C GLY A 686 35.15 -18.57 17.64
N ALA A 687 34.28 -19.52 17.26
CA ALA A 687 33.51 -20.29 18.23
C ALA A 687 33.80 -21.77 18.06
N LEU A 688 33.91 -22.47 19.18
CA LEU A 688 34.08 -23.91 19.17
C LEU A 688 32.72 -24.58 19.12
N THR A 689 32.61 -25.62 18.30
CA THR A 689 31.34 -26.27 18.01
C THR A 689 31.28 -27.63 18.69
N ILE A 690 30.14 -27.90 19.32
CA ILE A 690 29.81 -29.24 19.81
C ILE A 690 28.58 -29.72 19.05
N GLY A 691 28.46 -31.03 18.89
CA GLY A 691 27.28 -31.57 18.25
C GLY A 691 27.51 -33.00 17.78
N THR A 692 26.62 -33.43 16.90
CA THR A 692 26.62 -34.78 16.34
C THR A 692 27.27 -34.77 14.95
N MET A 693 27.45 -35.97 14.40
CA MET A 693 27.93 -36.13 13.03
C MET A 693 26.72 -36.07 12.10
N ASP A 694 26.38 -34.84 11.70
CA ASP A 694 25.17 -34.61 10.93
C ASP A 694 25.29 -33.27 10.21
N GLY A 695 24.70 -33.21 9.02
CA GLY A 695 24.71 -31.97 8.26
C GLY A 695 26.12 -31.54 7.92
N ALA A 696 26.40 -30.26 8.12
CA ALA A 696 27.72 -29.70 7.84
C ALA A 696 28.73 -30.00 8.94
N ASN A 697 28.30 -30.62 10.05
CA ASN A 697 29.25 -30.99 11.09
C ASN A 697 30.27 -32.01 10.60
N VAL A 698 29.84 -32.94 9.73
CA VAL A 698 30.78 -33.91 9.16
C VAL A 698 31.84 -33.20 8.33
N GLU A 699 31.42 -32.25 7.49
CA GLU A 699 32.37 -31.50 6.67
C GLU A 699 33.31 -30.67 7.53
N MET A 700 32.78 -30.06 8.59
CA MET A 700 33.63 -29.27 9.48
C MET A 700 34.64 -30.15 10.21
N ALA A 701 34.22 -31.34 10.63
CA ALA A 701 35.14 -32.27 11.28
C ALA A 701 36.21 -32.75 10.31
N GLU A 702 35.85 -32.97 9.05
CA GLU A 702 36.85 -33.32 8.05
C GLU A 702 37.83 -32.16 7.82
N GLU A 703 37.31 -30.94 7.76
CA GLU A 703 38.13 -29.80 7.39
C GLU A 703 39.08 -29.38 8.50
N ALA A 704 38.62 -29.42 9.75
CA ALA A 704 39.43 -28.98 10.87
C ALA A 704 40.04 -30.10 11.69
N GLY A 705 39.43 -31.29 11.69
CA GLY A 705 39.88 -32.37 12.53
C GLY A 705 38.84 -32.72 13.58
N GLU A 706 38.52 -34.01 13.72
CA GLU A 706 37.51 -34.41 14.69
C GLU A 706 37.96 -34.15 16.12
N GLU A 707 39.28 -34.07 16.35
CA GLU A 707 39.78 -33.76 17.68
C GLU A 707 39.61 -32.29 18.03
N ASN A 708 39.40 -31.44 17.01
CA ASN A 708 39.17 -30.01 17.23
C ASN A 708 37.69 -29.68 17.36
N LEU A 709 36.82 -30.69 17.41
CA LEU A 709 35.40 -30.50 17.64
C LEU A 709 34.95 -31.49 18.70
N PHE A 710 33.87 -31.16 19.39
CA PHE A 710 33.32 -32.03 20.43
C PHE A 710 32.15 -32.80 19.81
N ILE A 711 32.42 -34.00 19.35
CA ILE A 711 31.44 -34.83 18.66
C ILE A 711 30.98 -35.93 19.61
N PHE A 712 29.67 -36.04 19.79
CA PHE A 712 29.08 -37.00 20.70
C PHE A 712 27.95 -37.74 19.99
N GLY A 713 27.27 -38.60 20.73
CA GLY A 713 26.04 -39.21 20.27
C GLY A 713 26.26 -40.35 19.30
N MET A 714 25.14 -40.98 18.95
CA MET A 714 25.14 -42.08 18.00
C MET A 714 25.06 -41.55 16.57
N ARG A 715 25.77 -42.22 15.66
CA ARG A 715 25.82 -41.82 14.27
C ARG A 715 24.57 -42.30 13.53
N ILE A 716 24.54 -42.05 12.22
CA ILE A 716 23.38 -42.42 11.41
C ILE A 716 23.17 -43.92 11.43
N ASP A 717 24.25 -44.69 11.27
CA ASP A 717 24.15 -46.14 11.32
C ASP A 717 23.67 -46.61 12.71
N ASP A 718 24.19 -45.99 13.76
CA ASP A 718 23.75 -46.35 15.11
C ASP A 718 22.28 -45.98 15.33
N VAL A 719 21.84 -44.84 14.78
CA VAL A 719 20.43 -44.47 14.86
C VAL A 719 19.56 -45.50 14.17
N ALA A 720 19.98 -45.94 12.97
CA ALA A 720 19.22 -46.97 12.26
C ALA A 720 19.20 -48.28 13.04
N ALA A 721 20.32 -48.65 13.64
CA ALA A 721 20.37 -49.87 14.45
C ALA A 721 19.44 -49.77 15.65
N LEU A 722 19.40 -48.61 16.30
CA LEU A 722 18.48 -48.42 17.41
C LEU A 722 17.03 -48.49 16.96
N ASP A 723 16.73 -47.93 15.78
CA ASP A 723 15.37 -48.01 15.23
C ASP A 723 14.99 -49.46 14.96
N LYS A 724 15.90 -50.25 14.39
CA LYS A 724 15.62 -51.66 14.13
C LYS A 724 15.42 -52.42 15.44
N LYS A 725 16.25 -52.15 16.45
CA LYS A 725 16.13 -52.85 17.72
C LYS A 725 14.84 -52.51 18.43
N GLY A 726 14.43 -51.24 18.38
CA GLY A 726 13.26 -50.79 19.11
C GLY A 726 13.61 -49.85 20.24
N TYR A 727 13.35 -48.56 20.05
CA TYR A 727 13.75 -47.54 21.01
C TYR A 727 12.71 -47.44 22.12
N GLU A 728 13.17 -47.53 23.37
CA GLU A 728 12.34 -47.30 24.54
C GLU A 728 13.07 -46.34 25.47
N ALA A 729 12.45 -45.19 25.74
CA ALA A 729 13.09 -44.15 26.54
C ALA A 729 13.13 -44.48 28.02
N LYS A 730 12.21 -45.32 28.51
CA LYS A 730 12.16 -45.61 29.94
C LYS A 730 13.42 -46.36 30.38
N GLU A 731 13.97 -47.21 29.52
CA GLU A 731 15.19 -47.92 29.88
C GLU A 731 16.37 -46.96 30.07
N TYR A 732 16.48 -45.95 29.21
CA TYR A 732 17.49 -44.93 29.42
C TYR A 732 17.18 -44.11 30.67
N TYR A 733 15.89 -43.90 30.95
CA TYR A 733 15.49 -43.11 32.11
C TYR A 733 15.88 -43.80 33.41
N GLU A 734 15.71 -45.12 33.49
CA GLU A 734 15.93 -45.83 34.75
C GLU A 734 17.41 -45.99 35.07
N ALA A 735 18.27 -45.88 34.07
CA ALA A 735 19.68 -46.18 34.23
C ALA A 735 20.56 -44.95 34.42
N LEU A 736 19.96 -43.78 34.68
CA LEU A 736 20.72 -42.56 34.89
C LEU A 736 20.17 -41.81 36.09
N PRO A 737 21.01 -41.46 37.08
CA PRO A 737 20.48 -40.71 38.22
C PRO A 737 20.19 -39.25 37.90
N GLU A 738 21.11 -38.57 37.20
CA GLU A 738 20.91 -37.16 36.90
C GLU A 738 19.76 -36.95 35.93
N LEU A 739 19.68 -37.77 34.88
CA LEU A 739 18.57 -37.66 33.93
C LEU A 739 17.24 -37.95 34.60
N LYS A 740 17.20 -38.96 35.47
CA LYS A 740 15.96 -39.26 36.20
C LYS A 740 15.57 -38.11 37.10
N LEU A 741 16.54 -37.50 37.78
CA LEU A 741 16.25 -36.36 38.64
C LEU A 741 15.69 -35.20 37.82
N VAL A 742 16.30 -34.90 36.67
CA VAL A 742 15.84 -33.80 35.83
C VAL A 742 14.42 -34.05 35.35
N ILE A 743 14.15 -35.26 34.85
CA ILE A 743 12.83 -35.57 34.31
C ILE A 743 11.79 -35.56 35.41
N ASP A 744 12.14 -36.08 36.60
CA ASP A 744 11.20 -36.04 37.72
C ASP A 744 10.89 -34.61 38.14
N GLN A 745 11.90 -33.75 38.18
CA GLN A 745 11.67 -32.35 38.51
C GLN A 745 10.75 -31.70 37.49
N ILE A 746 10.96 -31.98 36.21
CA ILE A 746 10.07 -31.43 35.18
C ILE A 746 8.64 -31.93 35.39
N ASP A 747 8.49 -33.23 35.67
CA ASP A 747 7.16 -33.81 35.80
C ASP A 747 6.50 -33.42 37.12
N ASN A 748 7.28 -33.26 38.19
CA ASN A 748 6.73 -33.00 39.52
C ASN A 748 6.39 -31.53 39.75
N GLY A 749 6.34 -30.72 38.71
CA GLY A 749 5.99 -29.32 38.87
C GLY A 749 7.02 -28.49 39.59
N PHE A 750 8.31 -28.85 39.48
CA PHE A 750 9.35 -28.04 40.10
C PHE A 750 9.49 -26.68 39.42
N PHE A 751 9.19 -26.61 38.12
CA PHE A 751 9.27 -25.37 37.37
C PHE A 751 7.91 -24.75 37.09
N SER A 752 6.82 -25.43 37.43
CA SER A 752 5.46 -24.92 37.25
C SER A 752 4.70 -25.09 38.55
N PRO A 753 4.96 -24.22 39.54
CA PRO A 753 4.24 -24.35 40.82
C PRO A 753 2.73 -24.19 40.69
N LYS A 754 2.26 -23.36 39.77
CA LYS A 754 0.82 -23.13 39.64
C LYS A 754 0.13 -24.35 39.05
N GLN A 755 0.51 -24.75 37.84
CA GLN A 755 -0.06 -25.93 37.22
C GLN A 755 0.89 -27.11 37.40
N PRO A 756 0.53 -28.11 38.21
CA PRO A 756 1.43 -29.27 38.37
C PRO A 756 1.65 -30.06 37.09
N ASP A 757 0.72 -29.97 36.14
CA ASP A 757 0.75 -30.76 34.91
C ASP A 757 1.01 -29.89 33.68
N LEU A 758 1.90 -28.91 33.82
CA LEU A 758 2.15 -27.97 32.72
C LEU A 758 2.97 -28.62 31.60
N PHE A 759 3.88 -29.53 31.95
CA PHE A 759 4.78 -30.14 30.99
C PHE A 759 4.51 -31.63 30.79
N LYS A 760 3.29 -32.08 31.08
CA LYS A 760 2.93 -33.48 30.84
C LYS A 760 3.02 -33.82 29.36
N ASP A 761 2.73 -32.84 28.49
CA ASP A 761 2.86 -33.06 27.05
C ASP A 761 4.30 -33.39 26.68
N ILE A 762 5.24 -32.57 27.17
CA ILE A 762 6.66 -32.80 26.89
C ILE A 762 7.11 -34.13 27.48
N ILE A 763 6.63 -34.46 28.68
CA ILE A 763 7.03 -35.71 29.32
C ILE A 763 6.55 -36.91 28.52
N ASN A 764 5.29 -36.87 28.08
CA ASN A 764 4.75 -37.98 27.29
C ASN A 764 5.46 -38.10 25.95
N MET A 765 5.80 -36.97 25.31
CA MET A 765 6.55 -37.03 24.07
C MET A 765 7.93 -37.62 24.29
N LEU A 766 8.57 -37.28 25.41
CA LEU A 766 9.91 -37.80 25.69
C LEU A 766 9.86 -39.29 25.99
N PHE A 767 8.80 -39.76 26.65
CA PHE A 767 8.76 -41.14 27.12
C PHE A 767 8.15 -42.09 26.09
N TYR A 768 6.89 -41.87 25.72
CA TYR A 768 6.13 -42.88 24.99
C TYR A 768 6.12 -42.66 23.48
N HIS A 769 6.41 -41.46 23.00
CA HIS A 769 6.37 -41.17 21.57
C HIS A 769 7.60 -40.38 21.15
N ASP A 770 8.76 -40.76 21.68
CA ASP A 770 10.01 -40.11 21.28
C ASP A 770 10.37 -40.52 19.86
N ARG A 771 10.75 -39.54 19.05
CA ARG A 771 11.09 -39.78 17.65
C ARG A 771 12.54 -39.48 17.32
N PHE A 772 13.20 -38.60 18.08
CA PHE A 772 14.55 -38.16 17.75
C PHE A 772 15.57 -38.54 18.81
N LYS A 773 15.22 -39.45 19.72
CA LYS A 773 16.16 -40.06 20.65
C LYS A 773 16.88 -39.02 21.51
N VAL A 774 16.09 -38.29 22.30
CA VAL A 774 16.67 -37.29 23.19
C VAL A 774 17.42 -37.98 24.34
N PHE A 775 16.81 -39.00 24.95
CA PHE A 775 17.43 -39.65 26.10
C PHE A 775 18.68 -40.44 25.71
N ALA A 776 18.70 -41.02 24.50
CA ALA A 776 19.79 -41.90 24.10
C ALA A 776 21.09 -41.16 23.82
N ASP A 777 21.07 -39.83 23.78
CA ASP A 777 22.27 -39.03 23.56
C ASP A 777 22.64 -38.18 24.76
N TYR A 778 21.85 -38.24 25.84
CA TYR A 778 22.07 -37.39 27.00
C TYR A 778 23.41 -37.70 27.68
N GLU A 779 23.76 -38.98 27.78
CA GLU A 779 25.00 -39.36 28.44
C GLU A 779 26.21 -38.77 27.72
N ALA A 780 26.27 -38.97 26.40
CA ALA A 780 27.38 -38.44 25.63
C ALA A 780 27.39 -36.92 25.63
N TYR A 781 26.19 -36.31 25.59
CA TYR A 781 26.12 -34.85 25.64
C TYR A 781 26.70 -34.32 26.95
N VAL A 782 26.34 -34.94 28.07
CA VAL A 782 26.86 -34.50 29.36
C VAL A 782 28.37 -34.70 29.44
N LYS A 783 28.86 -35.85 28.96
CA LYS A 783 30.30 -36.10 28.99
C LYS A 783 31.05 -35.07 28.16
N CYS A 784 30.56 -34.76 26.96
CA CYS A 784 31.25 -33.79 26.12
C CYS A 784 31.12 -32.37 26.67
N GLN A 785 30.02 -32.05 27.36
CA GLN A 785 29.92 -30.74 27.99
C GLN A 785 30.91 -30.62 29.15
N ASP A 786 31.10 -31.72 29.90
CA ASP A 786 32.14 -31.73 30.93
C ASP A 786 33.52 -31.53 30.32
N LYS A 787 33.79 -32.19 29.18
CA LYS A 787 35.07 -31.99 28.50
C LYS A 787 35.22 -30.54 28.03
N VAL A 788 34.14 -29.94 27.54
CA VAL A 788 34.19 -28.54 27.11
C VAL A 788 34.53 -27.64 28.29
N SER A 789 33.88 -27.87 29.43
CA SER A 789 34.15 -27.05 30.61
C SER A 789 35.60 -27.22 31.08
N GLN A 790 36.10 -28.45 31.07
CA GLN A 790 37.49 -28.68 31.45
C GLN A 790 38.45 -27.99 30.49
N LEU A 791 38.13 -27.97 29.20
CA LEU A 791 38.98 -27.31 28.24
C LEU A 791 38.93 -25.79 28.37
N TYR A 792 37.78 -25.25 28.77
CA TYR A 792 37.64 -23.79 28.91
C TYR A 792 38.52 -23.25 30.02
N MET A 793 38.84 -24.08 31.01
CA MET A 793 39.71 -23.65 32.10
C MET A 793 41.11 -23.29 31.61
N ASN A 794 41.55 -23.86 30.49
CA ASN A 794 42.86 -23.56 29.95
C ASN A 794 42.70 -22.63 28.75
N PRO A 795 43.09 -21.36 28.85
CA PRO A 795 43.00 -20.47 27.68
C PRO A 795 43.84 -20.93 26.50
N LYS A 796 44.98 -21.59 26.76
CA LYS A 796 45.89 -21.96 25.68
C LYS A 796 45.25 -22.99 24.74
N ALA A 797 44.71 -24.07 25.31
CA ALA A 797 44.08 -25.10 24.48
C ALA A 797 42.83 -24.59 23.80
N TRP A 798 42.03 -23.79 24.50
CA TRP A 798 40.82 -23.23 23.92
C TRP A 798 41.16 -22.34 22.72
N ASN A 799 42.16 -21.46 22.88
CA ASN A 799 42.56 -20.59 21.79
C ASN A 799 43.20 -21.36 20.65
N THR A 800 43.93 -22.44 20.96
CA THR A 800 44.50 -23.26 19.91
C THR A 800 43.40 -23.91 19.07
N MET A 801 42.37 -24.46 19.71
CA MET A 801 41.28 -25.05 18.94
C MET A 801 40.49 -23.98 18.18
N VAL A 802 40.34 -22.79 18.77
CA VAL A 802 39.65 -21.72 18.06
C VAL A 802 40.42 -21.32 16.80
N LEU A 803 41.73 -21.18 16.91
CA LEU A 803 42.54 -20.85 15.74
C LEU A 803 42.49 -21.96 14.69
N LYS A 804 42.50 -23.23 15.14
CA LYS A 804 42.40 -24.34 14.21
C LYS A 804 41.07 -24.32 13.46
N ASN A 805 39.97 -24.01 14.16
CA ASN A 805 38.67 -23.91 13.52
C ASN A 805 38.59 -22.71 12.58
N ILE A 806 39.24 -21.60 12.93
CA ILE A 806 39.23 -20.42 12.07
C ILE A 806 39.98 -20.69 10.77
N ALA A 807 41.17 -21.28 10.87
CA ALA A 807 42.00 -21.51 9.70
C ALA A 807 41.45 -22.60 8.78
N ALA A 808 40.46 -23.36 9.22
CA ALA A 808 39.91 -24.47 8.43
C ALA A 808 38.46 -24.26 8.06
N SER A 809 37.99 -23.01 8.00
CA SER A 809 36.63 -22.70 7.61
C SER A 809 36.54 -22.01 6.26
N GLY A 810 37.67 -21.86 5.55
CA GLY A 810 37.65 -21.21 4.24
C GLY A 810 36.92 -22.00 3.17
N LYS A 811 36.71 -23.30 3.38
CA LYS A 811 35.93 -24.10 2.45
C LYS A 811 34.49 -23.64 2.36
N PHE A 812 33.90 -23.21 3.47
CA PHE A 812 32.48 -22.97 3.57
C PHE A 812 32.07 -21.57 3.13
N SER A 813 32.89 -20.91 2.30
CA SER A 813 32.48 -19.68 1.67
C SER A 813 31.42 -19.96 0.61
N SER A 814 30.53 -18.99 0.39
CA SER A 814 29.53 -19.12 -0.66
C SER A 814 30.11 -18.87 -2.04
N ASP A 815 31.28 -18.24 -2.12
CA ASP A 815 31.95 -18.09 -3.40
C ASP A 815 32.33 -19.44 -3.98
N ARG A 816 32.82 -20.36 -3.13
CA ARG A 816 33.12 -21.71 -3.57
C ARG A 816 31.87 -22.41 -4.13
N THR A 817 30.76 -22.32 -3.40
CA THR A 817 29.53 -22.97 -3.83
C THR A 817 29.03 -22.38 -5.15
N ILE A 818 29.10 -21.06 -5.28
CA ILE A 818 28.63 -20.43 -6.50
C ILE A 818 29.53 -20.77 -7.68
N LYS A 819 30.84 -20.87 -7.45
CA LYS A 819 31.75 -21.30 -8.52
C LYS A 819 31.45 -22.73 -8.95
N GLU A 820 31.18 -23.61 -8.00
CA GLU A 820 30.81 -24.98 -8.36
C GLU A 820 29.50 -25.00 -9.14
N TYR A 821 28.51 -24.22 -8.71
CA TYR A 821 27.25 -24.10 -9.42
C TYR A 821 27.45 -23.62 -10.85
N ALA A 822 28.30 -22.61 -11.03
CA ALA A 822 28.49 -22.03 -12.35
C ALA A 822 29.25 -22.98 -13.27
N GLN A 823 30.29 -23.63 -12.76
CA GLN A 823 31.17 -24.44 -13.60
C GLN A 823 30.72 -25.88 -13.73
N ASN A 824 29.69 -26.31 -13.00
CA ASN A 824 29.23 -27.68 -13.10
C ASN A 824 27.75 -27.84 -13.42
N ILE A 825 26.93 -26.80 -13.24
CA ILE A 825 25.50 -26.93 -13.49
C ILE A 825 25.04 -25.88 -14.50
N TRP A 826 25.21 -24.61 -14.15
CA TRP A 826 24.68 -23.53 -14.98
C TRP A 826 25.48 -23.31 -16.24
N ASN A 827 26.77 -23.67 -16.23
CA ASN A 827 27.66 -23.51 -17.38
C ASN A 827 27.74 -22.04 -17.79
N VAL A 828 28.11 -21.21 -16.82
CA VAL A 828 28.27 -19.78 -17.02
C VAL A 828 29.68 -19.39 -16.63
N GLU A 829 30.35 -18.63 -17.50
CA GLU A 829 31.73 -18.18 -17.29
C GLU A 829 32.68 -19.33 -16.99
N VAL B 25 17.28 28.01 -17.23
CA VAL B 25 16.79 26.90 -18.03
C VAL B 25 17.74 25.72 -17.91
N ALA B 26 19.05 26.02 -17.94
CA ALA B 26 20.05 24.96 -17.81
C ALA B 26 19.98 24.30 -16.44
N GLU B 27 19.75 25.10 -15.39
CA GLU B 27 19.62 24.53 -14.05
C GLU B 27 18.44 23.57 -13.97
N LEU B 28 17.31 23.92 -14.60
CA LEU B 28 16.15 23.04 -14.56
C LEU B 28 16.39 21.78 -15.37
N LYS B 29 17.09 21.87 -16.50
CA LYS B 29 17.44 20.69 -17.25
C LYS B 29 18.36 19.76 -16.45
N LYS B 30 19.35 20.35 -15.77
CA LYS B 30 20.23 19.54 -14.93
C LYS B 30 19.46 18.87 -13.80
N SER B 31 18.55 19.60 -13.16
CA SER B 31 17.74 19.02 -12.10
C SER B 31 16.86 17.89 -12.61
N PHE B 32 16.26 18.08 -13.79
CA PHE B 32 15.43 17.05 -14.40
C PHE B 32 16.24 15.80 -14.72
N ASN B 33 17.42 15.98 -15.31
CA ASN B 33 18.29 14.85 -15.63
C ASN B 33 18.71 14.12 -14.36
N ARG B 34 19.08 14.86 -13.33
CA ARG B 34 19.51 14.24 -12.07
C ARG B 34 18.37 13.48 -11.42
N HIS B 35 17.15 14.01 -11.47
CA HIS B 35 16.01 13.28 -10.93
C HIS B 35 15.72 12.03 -11.76
N LEU B 36 15.92 12.09 -13.08
CA LEU B 36 15.76 10.89 -13.90
C LEU B 36 16.78 9.84 -13.52
N HIS B 37 18.03 10.25 -13.31
CA HIS B 37 19.10 9.33 -12.92
C HIS B 37 18.85 8.68 -11.57
N PHE B 38 18.81 9.50 -10.50
CA PHE B 38 18.85 8.95 -9.15
C PHE B 38 17.47 8.53 -8.67
N THR B 39 16.47 9.41 -8.78
CA THR B 39 15.15 9.13 -8.23
C THR B 39 14.43 8.01 -8.98
N LEU B 40 14.56 7.97 -10.30
CA LEU B 40 13.83 7.01 -11.12
C LEU B 40 14.59 5.74 -11.42
N VAL B 41 15.92 5.74 -11.27
CA VAL B 41 16.78 4.64 -11.66
C VAL B 41 16.49 4.32 -13.12
N LYS B 42 16.86 5.23 -14.02
CA LYS B 42 16.57 5.09 -15.44
C LYS B 42 17.62 5.86 -16.23
N ASP B 43 17.74 5.51 -17.50
CA ASP B 43 18.56 6.25 -18.44
C ASP B 43 17.71 6.70 -19.62
N ARG B 44 18.25 7.65 -20.40
CA ARG B 44 17.48 8.23 -21.49
C ARG B 44 17.12 7.21 -22.56
N ASN B 45 17.90 6.13 -22.67
CA ASN B 45 17.64 5.12 -23.70
C ASN B 45 16.53 4.15 -23.33
N VAL B 46 16.09 4.13 -22.07
CA VAL B 46 15.05 3.21 -21.64
C VAL B 46 13.86 3.93 -21.01
N ALA B 47 14.04 5.15 -20.50
CA ALA B 47 12.99 5.85 -19.77
C ALA B 47 11.74 6.04 -20.62
N THR B 48 10.59 5.71 -20.04
CA THR B 48 9.30 5.96 -20.67
C THR B 48 8.88 7.40 -20.41
N THR B 49 7.70 7.77 -20.90
CA THR B 49 7.18 9.11 -20.64
C THR B 49 6.75 9.27 -19.19
N ARG B 50 6.36 8.17 -18.54
CA ARG B 50 6.00 8.23 -17.12
C ARG B 50 7.19 8.65 -16.27
N ASP B 51 8.37 8.15 -16.59
CA ASP B 51 9.57 8.52 -15.85
C ASP B 51 9.90 9.99 -16.03
N TYR B 52 9.75 10.51 -17.26
CA TYR B 52 9.98 11.92 -17.50
C TYR B 52 8.98 12.78 -16.72
N TYR B 53 7.72 12.36 -16.70
CA TYR B 53 6.74 13.07 -15.89
C TYR B 53 7.10 13.05 -14.42
N PHE B 54 7.53 11.90 -13.90
CA PHE B 54 7.88 11.82 -12.49
C PHE B 54 9.06 12.73 -12.17
N ALA B 55 10.04 12.80 -13.09
CA ALA B 55 11.17 13.70 -12.89
C ALA B 55 10.71 15.15 -12.84
N LEU B 56 9.80 15.54 -13.75
CA LEU B 56 9.31 16.91 -13.75
C LEU B 56 8.54 17.23 -12.47
N ALA B 57 7.68 16.30 -12.03
CA ALA B 57 6.94 16.51 -10.80
C ALA B 57 7.88 16.62 -9.61
N HIS B 58 8.92 15.81 -9.58
CA HIS B 58 9.88 15.87 -8.48
C HIS B 58 10.64 17.19 -8.48
N THR B 59 11.02 17.70 -9.66
CA THR B 59 11.73 18.97 -9.66
C THR B 59 10.84 20.16 -9.30
N VAL B 60 9.57 20.16 -9.69
CA VAL B 60 8.68 21.24 -9.22
C VAL B 60 8.39 21.12 -7.72
N ARG B 61 8.27 19.89 -7.18
CA ARG B 61 8.12 19.73 -5.74
C ARG B 61 9.36 20.24 -5.01
N ASP B 62 10.55 19.97 -5.57
CA ASP B 62 11.77 20.54 -4.99
C ASP B 62 11.77 22.06 -5.08
N HIS B 63 11.12 22.61 -6.10
CA HIS B 63 11.02 24.07 -6.19
C HIS B 63 10.13 24.64 -5.10
N LEU B 64 9.07 23.92 -4.72
CA LEU B 64 8.16 24.44 -3.70
C LEU B 64 8.54 24.08 -2.26
N VAL B 65 9.41 23.08 -2.07
CA VAL B 65 9.58 22.49 -0.73
C VAL B 65 10.20 23.47 0.26
N GLY B 66 11.06 24.38 -0.19
CA GLY B 66 11.68 25.30 0.75
C GLY B 66 10.67 26.24 1.40
N ARG B 67 9.80 26.84 0.59
CA ARG B 67 8.75 27.68 1.14
C ARG B 67 7.72 26.86 1.88
N TRP B 68 7.49 25.61 1.47
CA TRP B 68 6.62 24.74 2.27
C TRP B 68 7.17 24.55 3.67
N ILE B 69 8.48 24.28 3.77
CA ILE B 69 9.11 24.08 5.08
C ILE B 69 9.03 25.36 5.90
N ARG B 70 9.33 26.51 5.28
CA ARG B 70 9.30 27.77 6.02
C ARG B 70 7.89 28.08 6.51
N THR B 71 6.87 27.77 5.71
CA THR B 71 5.49 28.04 6.11
C THR B 71 5.02 27.08 7.20
N GLN B 72 5.50 25.84 7.17
CA GLN B 72 5.05 24.86 8.16
C GLN B 72 5.42 25.28 9.58
N GLN B 73 6.63 25.80 9.77
CA GLN B 73 7.07 26.19 11.10
C GLN B 73 6.43 27.50 11.54
N LYS B 81 -4.00 33.35 14.83
CA LYS B 81 -5.02 32.31 14.76
C LYS B 81 -4.86 31.48 13.50
N ARG B 82 -5.28 30.23 13.56
CA ARG B 82 -5.22 29.31 12.44
C ARG B 82 -6.59 28.74 12.13
N VAL B 83 -6.83 28.46 10.85
CA VAL B 83 -8.09 27.89 10.39
C VAL B 83 -7.85 26.43 10.04
N TYR B 84 -8.84 25.59 10.35
CA TYR B 84 -8.72 24.15 10.12
C TYR B 84 -9.99 23.68 9.41
N TYR B 85 -9.86 23.42 8.12
CA TYR B 85 -11.00 23.11 7.26
C TYR B 85 -11.14 21.60 7.17
N LEU B 86 -12.31 21.09 7.57
CA LEU B 86 -12.51 19.66 7.81
C LEU B 86 -13.56 19.12 6.84
N SER B 87 -13.11 18.51 5.75
CA SER B 87 -13.98 17.96 4.73
C SER B 87 -13.71 16.48 4.52
N LEU B 88 -14.76 15.75 4.17
CA LEU B 88 -14.63 14.36 3.76
C LEU B 88 -14.23 14.21 2.29
N GLU B 89 -14.19 15.30 1.54
CA GLU B 89 -13.92 15.25 0.11
C GLU B 89 -13.03 16.43 -0.27
N PHE B 90 -12.04 16.14 -1.13
CA PHE B 90 -11.17 17.19 -1.67
C PHE B 90 -10.95 16.86 -3.14
N TYR B 91 -11.74 17.49 -4.01
CA TYR B 91 -11.75 17.19 -5.44
C TYR B 91 -10.67 18.03 -6.13
N MET B 92 -9.42 17.64 -5.88
CA MET B 92 -8.28 18.45 -6.28
C MET B 92 -8.06 18.42 -7.79
N GLY B 93 -8.04 17.23 -8.37
CA GLY B 93 -7.77 17.08 -9.80
C GLY B 93 -6.29 16.85 -10.07
N ARG B 94 -5.72 17.67 -10.95
CA ARG B 94 -4.34 17.54 -11.38
C ARG B 94 -3.49 18.66 -10.78
N THR B 95 -2.26 18.33 -10.38
CA THR B 95 -1.45 19.20 -9.55
C THR B 95 -0.32 19.91 -10.30
N LEU B 96 0.30 19.24 -11.28
CA LEU B 96 1.55 19.77 -11.87
C LEU B 96 1.34 21.12 -12.53
N GLN B 97 0.31 21.22 -13.38
CA GLN B 97 0.04 22.48 -14.08
C GLN B 97 -0.33 23.58 -13.10
N ASN B 98 -1.19 23.27 -12.13
CA ASN B 98 -1.58 24.26 -11.13
C ASN B 98 -0.38 24.71 -10.30
N THR B 99 0.48 23.76 -9.91
CA THR B 99 1.65 24.12 -9.13
C THR B 99 2.60 25.01 -9.93
N MET B 100 2.80 24.71 -11.21
CA MET B 100 3.70 25.53 -12.01
C MET B 100 3.10 26.90 -12.29
N ILE B 101 1.77 26.99 -12.38
CA ILE B 101 1.13 28.30 -12.54
C ILE B 101 1.25 29.13 -11.28
N ASN B 102 0.98 28.52 -10.12
CA ASN B 102 1.04 29.24 -8.85
C ASN B 102 2.47 29.63 -8.49
N LEU B 103 3.45 28.82 -8.88
CA LEU B 103 4.85 29.13 -8.61
C LEU B 103 5.42 30.15 -9.58
N GLY B 104 4.71 30.46 -10.67
CA GLY B 104 5.22 31.39 -11.66
C GLY B 104 6.44 30.89 -12.40
N LEU B 105 6.44 29.62 -12.79
CA LEU B 105 7.56 28.97 -13.45
C LEU B 105 7.10 28.22 -14.69
N GLN B 106 6.35 28.91 -15.55
CA GLN B 106 5.80 28.24 -16.74
C GLN B 106 6.70 28.42 -17.95
N ASN B 107 7.22 29.63 -18.17
CA ASN B 107 8.04 29.89 -19.34
C ASN B 107 9.33 29.07 -19.30
N ALA B 108 10.05 29.13 -18.17
CA ALA B 108 11.30 28.40 -18.05
C ALA B 108 11.08 26.90 -18.12
N CYS B 109 10.04 26.40 -17.46
CA CYS B 109 9.77 24.98 -17.46
C CYS B 109 9.40 24.49 -18.87
N ASP B 110 8.56 25.23 -19.58
CA ASP B 110 8.21 24.83 -20.94
C ASP B 110 9.41 24.89 -21.86
N GLU B 111 10.25 25.92 -21.73
CA GLU B 111 11.45 26.00 -22.55
C GLU B 111 12.40 24.84 -22.27
N ALA B 112 12.55 24.47 -20.99
CA ALA B 112 13.43 23.35 -20.65
C ALA B 112 12.88 22.03 -21.19
N ILE B 113 11.57 21.82 -21.07
CA ILE B 113 10.96 20.60 -21.58
C ILE B 113 11.11 20.53 -23.10
N TYR B 114 10.97 21.67 -23.77
CA TYR B 114 11.17 21.70 -25.23
C TYR B 114 12.62 21.37 -25.58
N GLN B 115 13.59 21.97 -24.88
CA GLN B 115 14.99 21.74 -25.18
C GLN B 115 15.38 20.29 -24.88
N LEU B 116 14.70 19.66 -23.92
CA LEU B 116 14.91 18.24 -23.68
C LEU B 116 14.48 17.42 -24.89
N GLY B 117 13.41 17.83 -25.56
CA GLY B 117 12.91 17.11 -26.71
C GLY B 117 11.67 16.30 -26.42
N LEU B 118 10.76 16.88 -25.62
CA LEU B 118 9.54 16.19 -25.23
C LEU B 118 8.34 17.11 -25.44
N ASP B 119 7.16 16.51 -25.38
CA ASP B 119 5.90 17.23 -25.41
C ASP B 119 5.34 17.32 -23.99
N ILE B 120 4.63 18.41 -23.71
CA ILE B 120 4.11 18.62 -22.36
C ILE B 120 2.72 18.02 -22.19
N GLU B 121 1.98 17.79 -23.27
CA GLU B 121 0.60 17.34 -23.16
C GLU B 121 0.52 15.89 -22.69
N GLU B 122 1.37 15.01 -23.22
CA GLU B 122 1.32 13.61 -22.80
C GLU B 122 1.91 13.44 -21.40
N LEU B 123 2.93 14.23 -21.06
CA LEU B 123 3.45 14.23 -19.70
C LEU B 123 2.36 14.63 -18.71
N GLU B 124 1.60 15.68 -19.04
CA GLU B 124 0.47 16.07 -18.20
C GLU B 124 -0.58 14.97 -18.14
N GLU B 125 -0.87 14.34 -19.29
CA GLU B 125 -1.89 13.29 -19.32
C GLU B 125 -1.45 12.04 -18.57
N ILE B 126 -0.15 11.92 -18.24
CA ILE B 126 0.30 10.81 -17.42
C ILE B 126 -0.30 10.88 -16.02
N GLU B 127 -0.39 12.09 -15.46
CA GLU B 127 -0.87 12.26 -14.09
C GLU B 127 -2.32 11.84 -13.94
N GLU B 128 -2.61 11.12 -12.85
CA GLU B 128 -3.96 10.73 -12.50
C GLU B 128 -4.57 11.78 -11.58
N ASP B 129 -5.84 12.08 -11.81
CA ASP B 129 -6.52 13.09 -11.01
C ASP B 129 -6.80 12.58 -9.61
N ALA B 130 -6.69 13.47 -8.63
CA ALA B 130 -7.07 13.16 -7.25
C ALA B 130 -8.58 13.32 -7.11
N GLY B 131 -9.30 12.38 -7.73
CA GLY B 131 -10.74 12.40 -7.72
C GLY B 131 -11.35 11.98 -6.40
N LEU B 132 -10.99 12.71 -5.34
CA LEU B 132 -11.45 12.38 -3.99
C LEU B 132 -12.76 13.04 -3.62
N GLY B 133 -13.36 13.79 -4.54
CA GLY B 133 -14.65 14.43 -4.30
C GLY B 133 -15.70 13.94 -5.27
N ASN B 134 -16.95 13.88 -4.80
CA ASN B 134 -18.03 13.44 -5.66
C ASN B 134 -18.45 14.54 -6.64
N GLY B 135 -18.36 15.80 -6.23
CA GLY B 135 -18.95 16.88 -6.99
C GLY B 135 -18.60 18.27 -6.51
N GLY B 136 -19.61 19.13 -6.38
CA GLY B 136 -19.38 20.52 -6.08
C GLY B 136 -18.76 20.76 -4.71
N LEU B 137 -19.09 19.90 -3.74
CA LEU B 137 -18.61 20.11 -2.37
C LEU B 137 -17.09 19.99 -2.28
N GLY B 138 -16.53 18.89 -2.79
CA GLY B 138 -15.08 18.73 -2.77
C GLY B 138 -14.37 19.75 -3.64
N ARG B 139 -14.98 20.11 -4.77
CA ARG B 139 -14.39 21.12 -5.64
C ARG B 139 -14.33 22.47 -4.93
N LEU B 140 -15.40 22.82 -4.21
CA LEU B 140 -15.39 24.04 -3.41
C LEU B 140 -14.34 23.97 -2.31
N ALA B 141 -14.16 22.80 -1.70
CA ALA B 141 -13.13 22.65 -0.69
C ALA B 141 -11.74 22.90 -1.27
N ALA B 142 -11.48 22.35 -2.46
CA ALA B 142 -10.18 22.56 -3.11
C ALA B 142 -9.97 24.03 -3.49
N CYS B 143 -11.02 24.68 -4.00
CA CYS B 143 -10.92 26.10 -4.31
C CYS B 143 -10.68 26.93 -3.06
N PHE B 144 -11.34 26.55 -1.96
CA PHE B 144 -11.11 27.23 -0.68
C PHE B 144 -9.68 27.09 -0.22
N LEU B 145 -9.11 25.88 -0.35
CA LEU B 145 -7.71 25.69 0.01
C LEU B 145 -6.80 26.57 -0.83
N ASP B 146 -7.04 26.61 -2.14
CA ASP B 146 -6.23 27.46 -3.01
C ASP B 146 -6.37 28.93 -2.64
N SER B 147 -7.58 29.35 -2.26
CA SER B 147 -7.81 30.76 -1.94
C SER B 147 -7.15 31.14 -0.62
N MET B 148 -7.28 30.29 0.41
CA MET B 148 -6.59 30.54 1.67
C MET B 148 -5.09 30.57 1.48
N ALA B 149 -4.55 29.68 0.64
CA ALA B 149 -3.11 29.75 0.35
C ALA B 149 -2.76 31.05 -0.35
N THR B 150 -3.59 31.48 -1.32
CA THR B 150 -3.28 32.68 -2.08
C THR B 150 -3.41 33.94 -1.23
N LEU B 151 -4.35 33.97 -0.30
CA LEU B 151 -4.57 35.14 0.54
C LEU B 151 -3.59 35.25 1.69
N GLY B 152 -2.72 34.26 1.88
CA GLY B 152 -1.73 34.30 2.94
C GLY B 152 -2.21 33.81 4.28
N LEU B 153 -3.39 33.21 4.36
CA LEU B 153 -3.92 32.73 5.63
C LEU B 153 -3.13 31.52 6.12
N ALA B 154 -3.16 31.32 7.44
CA ALA B 154 -2.59 30.13 8.06
C ALA B 154 -3.71 29.11 8.22
N ALA B 155 -3.82 28.21 7.25
CA ALA B 155 -4.91 27.25 7.21
C ALA B 155 -4.37 25.86 6.92
N TYR B 156 -5.16 24.86 7.29
CA TYR B 156 -4.86 23.46 7.03
C TYR B 156 -6.07 22.79 6.42
N GLY B 157 -5.82 21.78 5.60
CA GLY B 157 -6.86 20.89 5.11
C GLY B 157 -6.78 19.56 5.82
N TYR B 158 -7.94 18.94 6.00
CA TYR B 158 -7.99 17.67 6.71
C TYR B 158 -9.04 16.77 6.06
N GLY B 159 -8.65 15.54 5.79
CA GLY B 159 -9.57 14.59 5.18
C GLY B 159 -9.00 13.20 5.17
N ILE B 160 -9.64 12.33 4.40
CA ILE B 160 -9.31 10.91 4.33
C ILE B 160 -8.55 10.66 3.04
N ARG B 161 -7.42 9.96 3.15
CA ARG B 161 -6.65 9.56 1.96
C ARG B 161 -7.29 8.30 1.38
N TYR B 162 -8.25 8.54 0.49
CA TYR B 162 -8.93 7.45 -0.19
C TYR B 162 -8.03 6.87 -1.27
N GLU B 163 -7.82 5.55 -1.20
CA GLU B 163 -7.06 4.88 -2.26
C GLU B 163 -7.85 4.82 -3.57
N TYR B 164 -9.17 4.79 -3.49
CA TYR B 164 -10.04 4.79 -4.66
C TYR B 164 -10.93 6.02 -4.61
N GLY B 165 -10.97 6.76 -5.71
CA GLY B 165 -11.80 7.95 -5.81
C GLY B 165 -13.25 7.61 -6.05
N ILE B 166 -13.92 8.45 -6.85
CA ILE B 166 -15.33 8.25 -7.15
C ILE B 166 -15.51 6.95 -7.95
N PHE B 167 -15.04 6.94 -9.20
CA PHE B 167 -14.73 5.77 -10.00
C PHE B 167 -14.31 6.32 -11.37
N ASN B 168 -13.88 5.43 -12.25
CA ASN B 168 -13.68 5.77 -13.64
C ASN B 168 -14.86 5.26 -14.45
N GLN B 169 -15.43 6.12 -15.28
CA GLN B 169 -16.67 5.82 -15.98
C GLN B 169 -16.39 5.50 -17.44
N LYS B 170 -17.05 4.46 -17.94
CA LYS B 170 -16.93 4.04 -19.34
C LYS B 170 -18.30 3.61 -19.82
N ILE B 171 -18.53 3.79 -21.12
CA ILE B 171 -19.82 3.47 -21.74
C ILE B 171 -19.66 2.18 -22.54
N ARG B 172 -20.36 1.13 -22.13
CA ARG B 172 -20.34 -0.15 -22.80
C ARG B 172 -21.76 -0.52 -23.20
N ASP B 173 -22.01 -0.65 -24.50
CA ASP B 173 -23.33 -0.95 -25.05
C ASP B 173 -24.34 0.11 -24.65
N GLY B 174 -23.89 1.35 -24.60
CA GLY B 174 -24.77 2.46 -24.25
C GLY B 174 -25.17 2.51 -22.79
N TRP B 175 -24.52 1.75 -21.92
CA TRP B 175 -24.83 1.70 -20.51
C TRP B 175 -23.66 2.22 -19.69
N GLN B 176 -23.85 2.25 -18.38
CA GLN B 176 -22.83 2.76 -17.46
C GLN B 176 -22.19 1.60 -16.71
N VAL B 177 -20.86 1.54 -16.76
CA VAL B 177 -20.08 0.57 -16.00
C VAL B 177 -19.02 1.31 -15.22
N GLU B 178 -18.82 0.90 -13.97
CA GLU B 178 -17.87 1.54 -13.07
C GLU B 178 -16.65 0.65 -12.88
N GLU B 179 -15.47 1.25 -12.92
CA GLU B 179 -14.23 0.55 -12.65
C GLU B 179 -13.46 1.30 -11.55
N ALA B 180 -12.68 0.55 -10.77
CA ALA B 180 -11.96 1.14 -9.66
C ALA B 180 -10.94 2.16 -10.15
N ASP B 181 -10.82 3.26 -9.40
CA ASP B 181 -9.87 4.32 -9.72
C ASP B 181 -8.65 4.15 -8.82
N ASP B 182 -7.60 3.53 -9.37
CA ASP B 182 -6.36 3.27 -8.64
C ASP B 182 -5.39 4.40 -8.96
N TRP B 183 -5.55 5.54 -8.28
CA TRP B 183 -4.73 6.71 -8.53
C TRP B 183 -3.37 6.66 -7.83
N LEU B 184 -3.13 5.63 -7.01
CA LEU B 184 -1.90 5.54 -6.24
C LEU B 184 -1.05 4.33 -6.61
N ARG B 185 -1.41 3.60 -7.67
CA ARG B 185 -0.66 2.39 -8.02
C ARG B 185 0.76 2.72 -8.46
N TYR B 186 0.93 3.76 -9.26
CA TYR B 186 2.24 4.09 -9.81
C TYR B 186 3.00 5.12 -8.99
N GLY B 187 2.45 5.56 -7.87
CA GLY B 187 3.12 6.50 -6.98
C GLY B 187 2.35 7.80 -6.85
N ASN B 188 2.95 8.71 -6.09
CA ASN B 188 2.38 10.03 -5.83
C ASN B 188 3.53 10.98 -5.53
N PRO B 189 3.94 11.79 -6.49
CA PRO B 189 5.12 12.65 -6.29
C PRO B 189 4.81 13.93 -5.52
N TRP B 190 3.66 13.98 -4.87
CA TRP B 190 3.22 15.18 -4.16
C TRP B 190 3.08 14.97 -2.66
N GLU B 191 2.44 13.89 -2.22
CA GLU B 191 2.19 13.68 -0.81
C GLU B 191 3.49 13.32 -0.08
N LYS B 192 3.40 13.22 1.24
CA LYS B 192 4.53 12.84 2.08
C LYS B 192 3.99 12.31 3.40
N SER B 193 4.28 11.04 3.69
CA SER B 193 3.83 10.45 4.94
C SER B 193 4.56 11.06 6.12
N ARG B 194 3.86 11.14 7.25
CA ARG B 194 4.41 11.68 8.49
C ARG B 194 4.33 10.61 9.58
N PRO B 195 5.39 9.81 9.77
CA PRO B 195 5.35 8.80 10.83
C PRO B 195 5.24 9.39 12.22
N GLU B 196 5.69 10.63 12.41
CA GLU B 196 5.70 11.25 13.73
C GLU B 196 4.29 11.39 14.28
N PHE B 197 3.34 11.75 13.43
CA PHE B 197 2.02 12.17 13.87
C PHE B 197 0.96 11.07 13.75
N MET B 198 1.37 9.81 13.76
CA MET B 198 0.41 8.72 13.80
C MET B 198 -0.37 8.76 15.11
N LEU B 199 -1.68 8.55 15.01
CA LEU B 199 -2.55 8.66 16.17
C LEU B 199 -3.47 7.45 16.27
N PRO B 200 -3.85 7.06 17.49
CA PRO B 200 -4.78 5.95 17.65
C PRO B 200 -6.24 6.38 17.69
N VAL B 201 -7.08 5.75 16.88
CA VAL B 201 -8.52 6.00 16.86
C VAL B 201 -9.22 4.77 17.41
N HIS B 202 -10.07 4.96 18.40
CA HIS B 202 -10.73 3.86 19.11
C HIS B 202 -12.14 3.67 18.58
N PHE B 203 -12.56 2.41 18.50
CA PHE B 203 -13.89 2.05 17.99
C PHE B 203 -14.54 1.06 18.94
N TYR B 204 -15.87 1.06 18.95
CA TYR B 204 -16.66 0.16 19.77
C TYR B 204 -16.32 0.31 21.24
N GLY B 205 -16.83 -0.60 22.08
CA GLY B 205 -16.43 -0.60 23.47
C GLY B 205 -17.57 -0.52 24.46
N LYS B 206 -17.27 -0.02 25.65
CA LYS B 206 -18.26 0.11 26.71
C LYS B 206 -17.90 1.32 27.56
N VAL B 207 -18.91 1.86 28.24
CA VAL B 207 -18.74 3.02 29.11
C VAL B 207 -18.69 2.54 30.55
N GLU B 208 -17.66 2.97 31.28
CA GLU B 208 -17.48 2.65 32.69
C GLU B 208 -17.54 3.95 33.48
N HIS B 209 -18.31 3.95 34.57
CA HIS B 209 -18.53 5.14 35.37
C HIS B 209 -17.70 5.07 36.65
N THR B 210 -16.85 6.07 36.85
CA THR B 210 -15.97 6.14 37.99
C THR B 210 -16.01 7.53 38.60
N ASN B 211 -15.37 7.66 39.77
CA ASN B 211 -15.41 8.94 40.49
C ASN B 211 -14.67 10.04 39.74
N THR B 212 -13.54 9.71 39.11
CA THR B 212 -12.72 10.69 38.41
C THR B 212 -12.88 10.49 36.90
N GLY B 213 -13.79 11.24 36.31
CA GLY B 213 -14.01 11.18 34.87
C GLY B 213 -14.83 9.97 34.46
N THR B 214 -15.06 9.89 33.15
CA THR B 214 -15.79 8.80 32.54
C THR B 214 -14.83 7.98 31.68
N LYS B 215 -14.90 6.65 31.80
CA LYS B 215 -13.98 5.74 31.14
C LYS B 215 -14.67 5.03 29.99
N TRP B 216 -14.05 5.06 28.82
CA TRP B 216 -14.49 4.33 27.64
C TRP B 216 -13.43 3.28 27.33
N ILE B 217 -13.80 2.01 27.47
CA ILE B 217 -12.85 0.90 27.49
C ILE B 217 -13.34 -0.20 26.57
N ASP B 218 -12.50 -1.24 26.43
CA ASP B 218 -12.80 -2.41 25.59
C ASP B 218 -12.96 -2.01 24.12
N THR B 219 -12.11 -1.12 23.66
CA THR B 219 -12.21 -0.56 22.32
C THR B 219 -11.11 -1.10 21.41
N GLN B 220 -11.44 -1.24 20.13
CA GLN B 220 -10.43 -1.58 19.12
C GLN B 220 -9.74 -0.31 18.63
N VAL B 221 -8.43 -0.40 18.44
CA VAL B 221 -7.62 0.73 18.02
C VAL B 221 -7.34 0.62 16.53
N VAL B 222 -7.56 1.72 15.81
CA VAL B 222 -7.20 1.83 14.40
C VAL B 222 -6.22 2.98 14.26
N LEU B 223 -5.08 2.72 13.65
CA LEU B 223 -4.06 3.75 13.52
C LEU B 223 -4.44 4.72 12.40
N ALA B 224 -3.92 5.95 12.52
CA ALA B 224 -4.19 7.01 11.57
C ALA B 224 -2.87 7.64 11.17
N LEU B 225 -2.48 7.48 9.89
CA LEU B 225 -1.18 7.92 9.42
C LEU B 225 -1.38 9.12 8.50
N PRO B 226 -0.77 10.27 8.79
CA PRO B 226 -1.00 11.46 7.95
C PRO B 226 -0.07 11.53 6.74
N TYR B 227 -0.63 12.07 5.66
CA TYR B 227 0.10 12.37 4.43
C TYR B 227 -0.08 13.85 4.10
N ASP B 228 1.02 14.52 3.79
CA ASP B 228 1.03 15.97 3.62
C ASP B 228 1.17 16.33 2.14
N THR B 229 0.15 16.99 1.60
CA THR B 229 0.16 17.49 0.23
C THR B 229 0.20 19.00 0.22
N PRO B 230 1.18 19.61 -0.45
CA PRO B 230 1.26 21.07 -0.44
C PRO B 230 0.10 21.72 -1.18
N VAL B 231 -0.25 22.92 -0.74
CA VAL B 231 -1.27 23.74 -1.38
C VAL B 231 -0.68 25.12 -1.62
N PRO B 232 -0.01 25.35 -2.74
CA PRO B 232 0.65 26.64 -2.96
C PRO B 232 -0.34 27.76 -3.18
N GLY B 233 0.09 28.98 -2.83
CA GLY B 233 -0.66 30.19 -3.10
C GLY B 233 -0.08 30.91 -4.29
N TYR B 234 -0.92 31.65 -5.00
CA TYR B 234 -0.51 32.29 -6.25
C TYR B 234 0.43 33.45 -5.94
N MET B 235 1.72 33.22 -6.17
CA MET B 235 2.74 34.27 -6.16
C MET B 235 2.78 35.02 -4.83
N ASN B 236 2.75 34.26 -3.73
CA ASN B 236 2.67 34.87 -2.41
C ASN B 236 3.59 34.26 -1.35
N ASN B 237 4.44 33.29 -1.71
CA ASN B 237 5.38 32.67 -0.77
C ASN B 237 4.66 31.97 0.38
N THR B 238 3.46 31.45 0.13
CA THR B 238 2.68 30.73 1.12
C THR B 238 2.32 29.36 0.56
N VAL B 239 2.70 28.31 1.27
CA VAL B 239 2.40 26.94 0.86
C VAL B 239 1.72 26.27 2.05
N ASN B 240 0.39 26.24 2.03
CA ASN B 240 -0.36 25.59 3.09
C ASN B 240 -0.26 24.07 2.95
N THR B 241 -0.96 23.35 3.82
CA THR B 241 -0.84 21.91 3.90
C THR B 241 -2.20 21.26 3.76
N MET B 242 -2.23 20.17 3.01
CA MET B 242 -3.39 19.28 2.92
C MET B 242 -3.00 17.96 3.55
N ARG B 243 -3.59 17.64 4.69
CA ARG B 243 -3.22 16.46 5.47
C ARG B 243 -4.33 15.43 5.35
N LEU B 244 -3.98 14.24 4.88
CA LEU B 244 -4.94 13.18 4.62
C LEU B 244 -4.63 12.00 5.54
N TRP B 245 -5.66 11.48 6.18
CA TRP B 245 -5.48 10.43 7.17
C TRP B 245 -5.61 9.05 6.53
N SER B 246 -4.58 8.23 6.68
CA SER B 246 -4.53 6.88 6.14
C SER B 246 -4.72 5.89 7.28
N ALA B 247 -5.68 4.98 7.12
CA ALA B 247 -5.94 3.98 8.14
C ALA B 247 -4.91 2.87 8.10
N ARG B 248 -4.55 2.38 9.27
CA ARG B 248 -3.59 1.28 9.41
C ARG B 248 -4.15 0.29 10.41
N ALA B 249 -3.31 -0.65 10.84
CA ALA B 249 -3.70 -1.63 11.83
C ALA B 249 -2.68 -1.70 12.95
N PRO B 250 -3.09 -2.05 14.15
CA PRO B 250 -2.12 -2.33 15.22
C PRO B 250 -1.49 -3.70 15.03
N ASN B 251 -0.19 -3.77 15.33
CA ASN B 251 0.54 -5.02 15.09
C ASN B 251 0.10 -6.12 16.06
N ASP B 252 -0.59 -5.74 17.13
CA ASP B 252 -1.07 -6.71 18.11
C ASP B 252 -2.08 -7.68 17.49
N TYR B 263 -0.29 -16.59 12.44
CA TYR B 263 -1.57 -17.08 11.95
C TYR B 263 -1.98 -16.30 10.70
N ILE B 264 -2.24 -17.02 9.61
CA ILE B 264 -2.43 -16.38 8.32
C ILE B 264 -3.73 -15.58 8.29
N GLN B 265 -4.82 -16.15 8.81
CA GLN B 265 -6.11 -15.46 8.75
C GLN B 265 -6.10 -14.19 9.59
N ALA B 266 -5.39 -14.20 10.72
CA ALA B 266 -5.25 -12.98 11.50
C ALA B 266 -4.48 -11.91 10.75
N VAL B 267 -3.57 -12.32 9.86
CA VAL B 267 -2.86 -11.36 9.03
C VAL B 267 -3.74 -10.86 7.89
N LEU B 268 -4.63 -11.69 7.37
CA LEU B 268 -5.53 -11.28 6.31
C LEU B 268 -6.69 -10.44 6.82
N ASP B 269 -6.92 -10.43 8.13
CA ASP B 269 -7.98 -9.63 8.73
C ASP B 269 -7.52 -8.21 9.09
N ARG B 270 -6.26 -7.88 8.85
CA ARG B 270 -5.79 -6.52 9.04
C ARG B 270 -6.34 -5.56 7.99
N ASN B 271 -6.99 -6.08 6.95
CA ASN B 271 -7.58 -5.24 5.92
C ASN B 271 -8.88 -4.61 6.39
N LEU B 272 -9.59 -5.26 7.32
CA LEU B 272 -10.84 -4.70 7.83
C LEU B 272 -10.59 -3.37 8.54
N ALA B 273 -9.51 -3.29 9.32
CA ALA B 273 -9.12 -2.01 9.90
C ALA B 273 -8.76 -1.00 8.83
N GLU B 274 -8.12 -1.46 7.75
CA GLU B 274 -7.77 -0.60 6.63
C GLU B 274 -8.90 -0.42 5.64
N ASN B 275 -10.04 -1.08 5.85
CA ASN B 275 -11.19 -0.93 4.95
C ASN B 275 -11.80 0.46 5.03
N ILE B 276 -11.58 1.18 6.13
CA ILE B 276 -11.81 2.62 6.15
C ILE B 276 -10.59 3.27 5.51
N SER B 277 -10.82 4.40 4.85
CA SER B 277 -9.84 5.07 3.98
C SER B 277 -9.56 4.27 2.72
N ARG B 278 -10.37 3.26 2.42
CA ARG B 278 -10.17 2.45 1.22
C ARG B 278 -10.76 3.13 -0.02
N VAL B 279 -12.07 3.35 -0.02
CA VAL B 279 -12.78 3.85 -1.20
C VAL B 279 -13.69 5.00 -0.79
N LEU B 280 -13.65 6.08 -1.58
CA LEU B 280 -14.61 7.16 -1.43
C LEU B 280 -16.02 6.67 -1.76
N TYR B 281 -16.97 7.05 -0.93
CA TYR B 281 -18.36 6.70 -1.20
C TYR B 281 -18.87 7.52 -2.40
N PRO B 282 -19.71 6.92 -3.25
CA PRO B 282 -20.05 7.54 -4.53
C PRO B 282 -21.25 8.47 -4.54
N ASN B 283 -22.06 8.48 -3.49
CA ASN B 283 -23.27 9.31 -3.47
C ASN B 283 -22.90 10.78 -3.49
N ASP B 284 -23.63 11.56 -4.30
CA ASP B 284 -23.36 12.99 -4.42
C ASP B 284 -24.10 13.77 -3.33
N ASN B 285 -25.42 13.65 -3.30
CA ASN B 285 -26.24 14.25 -2.25
C ASN B 285 -26.95 13.23 -1.39
N PHE B 286 -27.24 12.05 -1.94
CA PHE B 286 -27.99 11.03 -1.22
C PHE B 286 -27.24 10.56 0.01
N PHE B 287 -27.99 10.18 1.04
CA PHE B 287 -27.43 9.68 2.30
C PHE B 287 -27.79 8.21 2.44
N GLU B 288 -26.77 7.36 2.58
CA GLU B 288 -26.99 5.92 2.66
C GLU B 288 -27.38 5.47 4.06
N GLY B 289 -26.49 5.66 5.02
CA GLY B 289 -26.72 5.17 6.37
C GLY B 289 -26.02 3.86 6.66
N LYS B 290 -24.78 3.74 6.19
CA LYS B 290 -24.00 2.53 6.37
C LYS B 290 -23.13 2.63 7.62
N GLU B 291 -22.86 1.48 8.23
CA GLU B 291 -21.93 1.46 9.36
C GLU B 291 -20.55 1.95 8.92
N LEU B 292 -20.09 1.51 7.76
CA LEU B 292 -18.98 2.16 7.11
C LEU B 292 -19.41 3.54 6.63
N ARG B 293 -18.42 4.44 6.53
CA ARG B 293 -18.60 5.88 6.27
C ARG B 293 -19.08 6.59 7.53
N LEU B 294 -19.50 5.83 8.54
CA LEU B 294 -19.60 6.37 9.88
C LEU B 294 -18.29 6.20 10.62
N LYS B 295 -17.65 5.03 10.45
CA LYS B 295 -16.28 4.87 10.90
C LYS B 295 -15.35 5.86 10.21
N GLN B 296 -15.63 6.18 8.94
CA GLN B 296 -14.80 7.16 8.24
C GLN B 296 -14.95 8.56 8.84
N GLU B 297 -16.19 8.97 9.10
CA GLU B 297 -16.44 10.27 9.72
C GLU B 297 -15.78 10.34 11.10
N TYR B 298 -16.01 9.32 11.93
CA TYR B 298 -15.40 9.29 13.25
C TYR B 298 -13.88 9.29 13.17
N PHE B 299 -13.33 8.51 12.24
CA PHE B 299 -11.89 8.42 12.06
C PHE B 299 -11.29 9.77 11.72
N VAL B 300 -11.88 10.47 10.76
CA VAL B 300 -11.30 11.74 10.33
C VAL B 300 -11.46 12.80 11.42
N VAL B 301 -12.62 12.86 12.09
CA VAL B 301 -12.80 13.90 13.11
C VAL B 301 -11.89 13.63 14.31
N ALA B 302 -11.77 12.36 14.73
CA ALA B 302 -10.91 12.03 15.86
C ALA B 302 -9.46 12.36 15.55
N ALA B 303 -8.97 11.90 14.41
CA ALA B 303 -7.58 12.16 14.06
C ALA B 303 -7.30 13.64 13.95
N THR B 304 -8.19 14.39 13.29
CA THR B 304 -7.97 15.82 13.09
C THR B 304 -7.98 16.57 14.42
N LEU B 305 -8.96 16.27 15.28
CA LEU B 305 -9.05 16.96 16.56
C LEU B 305 -7.84 16.67 17.43
N GLN B 306 -7.42 15.40 17.49
CA GLN B 306 -6.24 15.07 18.29
C GLN B 306 -4.98 15.74 17.73
N ASP B 307 -4.85 15.80 16.40
CA ASP B 307 -3.69 16.45 15.80
C ASP B 307 -3.66 17.94 16.14
N ILE B 308 -4.80 18.62 16.03
CA ILE B 308 -4.82 20.05 16.32
C ILE B 308 -4.58 20.32 17.80
N ILE B 309 -5.14 19.48 18.67
CA ILE B 309 -4.92 19.64 20.11
C ILE B 309 -3.45 19.42 20.46
N ARG B 310 -2.82 18.42 19.84
CA ARG B 310 -1.38 18.22 20.00
C ARG B 310 -0.61 19.45 19.54
N ARG B 311 -1.01 20.04 18.41
CA ARG B 311 -0.31 21.21 17.90
C ARG B 311 -0.49 22.41 18.82
N PHE B 312 -1.65 22.53 19.45
CA PHE B 312 -1.89 23.66 20.36
C PHE B 312 -1.14 23.49 21.68
N LYS B 313 -1.10 22.27 22.21
CA LYS B 313 -0.38 22.04 23.46
C LYS B 313 1.13 22.26 23.29
N ALA B 314 1.66 22.05 22.10
CA ALA B 314 3.07 22.27 21.83
C ALA B 314 3.40 23.70 21.46
N SER B 315 2.41 24.59 21.47
CA SER B 315 2.63 25.99 21.17
C SER B 315 2.97 26.78 22.44
N LYS B 316 3.31 28.05 22.24
CA LYS B 316 3.63 28.93 23.37
C LYS B 316 2.40 29.21 24.23
N PHE B 317 1.20 28.98 23.72
CA PHE B 317 -0.02 29.20 24.49
C PHE B 317 -0.30 28.00 25.40
N VAL B 326 -4.97 27.41 30.10
CA VAL B 326 -4.34 27.35 28.78
C VAL B 326 -5.40 27.17 27.71
N PHE B 327 -6.43 26.38 28.03
CA PHE B 327 -7.52 26.12 27.10
C PHE B 327 -8.52 27.25 27.01
N ASP B 328 -8.40 28.28 27.85
CA ASP B 328 -9.23 29.47 27.67
C ASP B 328 -8.86 30.22 26.41
N ALA B 329 -7.66 30.01 25.86
CA ALA B 329 -7.22 30.61 24.62
C ALA B 329 -7.43 29.70 23.42
N PHE B 330 -8.01 28.52 23.62
CA PHE B 330 -8.20 27.60 22.49
C PHE B 330 -9.14 28.16 21.42
N PRO B 331 -10.34 28.67 21.75
CA PRO B 331 -11.17 29.27 20.69
C PRO B 331 -10.55 30.50 20.05
N ASP B 332 -9.60 31.15 20.71
CA ASP B 332 -8.90 32.29 20.14
C ASP B 332 -7.76 31.88 19.22
N GLN B 333 -7.49 30.58 19.11
CA GLN B 333 -6.38 30.07 18.31
C GLN B 333 -6.76 28.94 17.37
N VAL B 334 -7.93 28.32 17.53
CA VAL B 334 -8.37 27.21 16.70
C VAL B 334 -9.79 27.49 16.23
N ALA B 335 -9.97 27.58 14.91
CA ALA B 335 -11.29 27.68 14.29
C ALA B 335 -11.46 26.48 13.37
N ILE B 336 -12.47 25.66 13.65
CA ILE B 336 -12.71 24.43 12.92
C ILE B 336 -13.95 24.65 12.05
N GLN B 337 -13.75 24.65 10.74
CA GLN B 337 -14.84 24.79 9.78
C GLN B 337 -15.33 23.41 9.35
N LEU B 338 -16.62 23.16 9.51
CA LEU B 338 -17.23 21.91 9.09
C LEU B 338 -17.88 22.12 7.73
N ASN B 339 -17.37 21.40 6.71
CA ASN B 339 -17.85 21.60 5.35
C ASN B 339 -19.35 21.36 5.25
N ASP B 340 -19.81 20.21 5.74
CA ASP B 340 -21.22 19.87 5.70
C ASP B 340 -21.54 19.21 7.04
N THR B 341 -22.68 18.53 7.11
CA THR B 341 -23.03 17.74 8.27
C THR B 341 -22.22 16.45 8.38
N HIS B 342 -21.24 16.26 7.50
CA HIS B 342 -20.40 15.06 7.55
C HIS B 342 -19.47 15.04 8.76
N PRO B 343 -18.68 16.10 9.04
CA PRO B 343 -17.88 16.08 10.27
C PRO B 343 -18.65 16.60 11.48
N ALA B 344 -19.89 16.13 11.65
CA ALA B 344 -20.73 16.57 12.76
C ALA B 344 -20.29 15.96 14.09
N LEU B 345 -19.61 14.80 14.05
CA LEU B 345 -19.14 14.15 15.26
C LEU B 345 -17.99 14.88 15.92
N ALA B 346 -17.45 15.92 15.26
CA ALA B 346 -16.38 16.70 15.87
C ALA B 346 -16.82 17.46 17.10
N ILE B 347 -18.13 17.66 17.28
CA ILE B 347 -18.65 18.36 18.46
C ILE B 347 -18.61 17.42 19.66
N PRO B 348 -19.27 16.26 19.64
CA PRO B 348 -19.16 15.36 20.81
C PRO B 348 -17.76 14.84 21.06
N GLU B 349 -16.93 14.72 20.02
CA GLU B 349 -15.56 14.25 20.24
C GLU B 349 -14.72 15.32 20.94
N LEU B 350 -14.87 16.58 20.54
CA LEU B 350 -14.19 17.66 21.25
C LEU B 350 -14.68 17.76 22.68
N MET B 351 -15.99 17.58 22.89
CA MET B 351 -16.53 17.53 24.24
C MET B 351 -15.91 16.40 25.04
N ARG B 352 -15.75 15.23 24.42
CA ARG B 352 -15.15 14.09 25.11
C ARG B 352 -13.71 14.37 25.50
N ILE B 353 -12.95 15.02 24.61
CA ILE B 353 -11.56 15.31 24.93
C ILE B 353 -11.47 16.34 26.05
N PHE B 354 -12.27 17.41 25.99
CA PHE B 354 -12.23 18.41 27.05
C PHE B 354 -12.67 17.85 28.40
N VAL B 355 -13.74 17.06 28.42
CA VAL B 355 -14.34 16.66 29.68
C VAL B 355 -13.66 15.43 30.29
N ASP B 356 -13.10 14.54 29.47
CA ASP B 356 -12.53 13.30 29.96
C ASP B 356 -11.01 13.31 29.96
N ILE B 357 -10.38 13.56 28.81
CA ILE B 357 -8.93 13.57 28.74
C ILE B 357 -8.36 14.77 29.49
N GLU B 358 -9.05 15.91 29.46
CA GLU B 358 -8.58 17.11 30.11
C GLU B 358 -9.32 17.43 31.40
N LYS B 359 -10.47 16.79 31.63
CA LYS B 359 -11.24 16.93 32.87
C LYS B 359 -11.63 18.38 33.15
N LEU B 360 -11.82 19.16 32.09
CA LEU B 360 -12.31 20.52 32.25
C LEU B 360 -13.75 20.50 32.75
N PRO B 361 -14.20 21.57 33.41
CA PRO B 361 -15.61 21.63 33.81
C PRO B 361 -16.52 21.57 32.59
N TRP B 362 -17.68 20.95 32.78
CA TRP B 362 -18.60 20.72 31.66
C TRP B 362 -18.99 22.03 31.00
N SER B 363 -19.35 23.04 31.81
CA SER B 363 -19.85 24.29 31.26
C SER B 363 -18.80 25.01 30.43
N LYS B 364 -17.55 25.05 30.92
CA LYS B 364 -16.48 25.69 30.16
C LYS B 364 -16.20 24.93 28.87
N ALA B 365 -16.24 23.61 28.92
CA ALA B 365 -15.97 22.81 27.73
C ALA B 365 -16.99 23.09 26.63
N TRP B 366 -18.27 23.13 26.98
CA TRP B 366 -19.31 23.43 26.00
C TRP B 366 -19.16 24.83 25.45
N GLU B 367 -18.78 25.78 26.30
CA GLU B 367 -18.50 27.14 25.85
C GLU B 367 -17.40 27.16 24.80
N LEU B 368 -16.28 26.49 25.08
CA LEU B 368 -15.16 26.49 24.14
C LEU B 368 -15.56 25.79 22.84
N THR B 369 -16.29 24.68 22.93
CA THR B 369 -16.71 23.99 21.72
C THR B 369 -17.61 24.87 20.86
N GLN B 370 -18.57 25.56 21.47
CA GLN B 370 -19.41 26.47 20.69
C GLN B 370 -18.59 27.59 20.07
N LYS B 371 -17.63 28.13 20.82
CA LYS B 371 -16.80 29.21 20.28
C LYS B 371 -15.82 28.72 19.21
N THR B 372 -15.60 27.42 19.07
CA THR B 372 -14.62 26.94 18.10
C THR B 372 -15.23 26.54 16.76
N PHE B 373 -16.47 26.06 16.73
CA PHE B 373 -17.04 25.45 15.55
C PHE B 373 -17.87 26.44 14.74
N ALA B 374 -17.80 26.30 13.42
CA ALA B 374 -18.66 27.02 12.47
C ALA B 374 -19.21 26.01 11.47
N TYR B 375 -20.47 26.18 11.09
CA TYR B 375 -21.18 25.22 10.27
C TYR B 375 -21.54 25.83 8.92
N THR B 376 -21.45 25.01 7.87
CA THR B 376 -21.84 25.41 6.52
C THR B 376 -22.81 24.37 5.97
N ASN B 377 -23.95 24.84 5.47
CA ASN B 377 -24.96 23.97 4.89
C ASN B 377 -24.84 24.00 3.37
N HIS B 378 -24.98 22.82 2.75
CA HIS B 378 -24.84 22.69 1.31
C HIS B 378 -26.08 22.16 0.61
N THR B 379 -26.95 21.43 1.29
CA THR B 379 -28.10 20.80 0.66
C THR B 379 -29.36 21.07 1.46
N VAL B 380 -30.50 20.94 0.77
CA VAL B 380 -31.81 21.19 1.37
C VAL B 380 -32.73 20.02 1.07
N LEU B 381 -32.28 19.12 0.20
CA LEU B 381 -33.10 17.99 -0.21
C LEU B 381 -33.35 17.07 0.99
N PRO B 382 -34.60 16.67 1.23
CA PRO B 382 -34.89 15.85 2.41
C PRO B 382 -34.14 14.52 2.44
N GLU B 383 -33.91 13.91 1.30
CA GLU B 383 -33.17 12.66 1.23
C GLU B 383 -31.66 12.86 1.28
N ALA B 384 -31.20 14.11 1.29
CA ALA B 384 -29.78 14.43 1.32
C ALA B 384 -29.28 14.78 2.71
N LEU B 385 -30.11 14.57 3.75
CA LEU B 385 -29.78 14.98 5.11
C LEU B 385 -29.41 13.75 5.93
N GLU B 386 -28.29 13.85 6.65
CA GLU B 386 -27.80 12.72 7.44
C GLU B 386 -28.60 12.56 8.72
N ARG B 387 -29.03 11.34 9.00
CA ARG B 387 -29.77 11.02 10.23
C ARG B 387 -29.32 9.63 10.67
N TRP B 388 -28.31 9.59 11.51
CA TRP B 388 -27.73 8.32 11.94
C TRP B 388 -28.60 7.67 13.00
N PRO B 389 -28.95 6.40 12.85
CA PRO B 389 -29.77 5.73 13.89
C PRO B 389 -29.02 5.62 15.20
N VAL B 390 -29.78 5.66 16.30
CA VAL B 390 -29.17 5.67 17.63
C VAL B 390 -28.50 4.33 17.93
N ASP B 391 -29.09 3.22 17.46
CA ASP B 391 -28.55 1.91 17.79
C ASP B 391 -27.17 1.70 17.17
N LEU B 392 -26.99 2.12 15.92
CA LEU B 392 -25.70 1.96 15.27
C LEU B 392 -24.61 2.78 15.97
N VAL B 393 -24.93 4.01 16.34
CA VAL B 393 -23.97 4.85 17.05
C VAL B 393 -23.67 4.28 18.43
N GLU B 394 -24.69 3.78 19.12
CA GLU B 394 -24.50 3.18 20.43
C GLU B 394 -23.57 1.98 20.35
N LYS B 395 -23.75 1.15 19.31
CA LYS B 395 -22.84 0.04 19.11
C LYS B 395 -21.43 0.53 18.80
N LEU B 396 -21.31 1.60 18.02
CA LEU B 396 -19.99 2.06 17.61
C LEU B 396 -19.39 3.06 18.60
N LEU B 397 -20.19 4.07 19.00
CA LEU B 397 -19.70 5.16 19.86
C LEU B 397 -20.65 5.33 21.05
N PRO B 398 -20.43 4.59 22.13
CA PRO B 398 -21.32 4.75 23.30
C PRO B 398 -21.08 6.04 24.06
N ARG B 399 -19.81 6.41 24.26
CA ARG B 399 -19.50 7.67 24.95
C ARG B 399 -20.02 8.87 24.17
N HIS B 400 -19.89 8.82 22.83
CA HIS B 400 -20.39 9.92 22.01
C HIS B 400 -21.90 9.99 22.04
N LEU B 401 -22.58 8.83 22.07
CA LEU B 401 -24.04 8.86 22.23
C LEU B 401 -24.44 9.46 23.56
N GLU B 402 -23.71 9.14 24.63
CA GLU B 402 -23.99 9.72 25.93
C GLU B 402 -23.79 11.24 25.90
N ILE B 403 -22.72 11.70 25.26
CA ILE B 403 -22.46 13.13 25.16
C ILE B 403 -23.56 13.81 24.33
N ILE B 404 -24.03 13.14 23.28
CA ILE B 404 -25.10 13.68 22.46
C ILE B 404 -26.39 13.81 23.28
N TYR B 405 -26.72 12.79 24.06
CA TYR B 405 -27.88 12.90 24.96
C TYR B 405 -27.71 14.03 25.96
N GLU B 406 -26.50 14.21 26.50
CA GLU B 406 -26.30 15.28 27.47
C GLU B 406 -26.48 16.66 26.84
N ILE B 407 -25.89 16.86 25.66
CA ILE B 407 -26.06 18.13 24.95
C ILE B 407 -27.53 18.36 24.61
N ASN B 408 -28.21 17.31 24.16
CA ASN B 408 -29.63 17.42 23.83
C ASN B 408 -30.44 17.82 25.05
N GLN B 409 -30.18 17.19 26.19
CA GLN B 409 -30.93 17.49 27.41
C GLN B 409 -30.71 18.93 27.85
N LYS B 410 -29.45 19.39 27.83
CA LYS B 410 -29.18 20.76 28.22
C LYS B 410 -29.85 21.76 27.28
N HIS B 411 -29.76 21.52 25.97
CA HIS B 411 -30.39 22.43 25.01
C HIS B 411 -31.90 22.44 25.17
N LEU B 412 -32.51 21.27 25.36
CA LEU B 412 -33.95 21.20 25.51
C LEU B 412 -34.41 21.90 26.78
N ASP B 413 -33.66 21.75 27.87
CA ASP B 413 -34.00 22.48 29.09
C ASP B 413 -33.88 23.98 28.89
N ARG B 414 -32.83 24.42 28.20
CA ARG B 414 -32.67 25.85 27.92
C ARG B 414 -33.83 26.38 27.10
N ILE B 415 -34.27 25.63 26.10
CA ILE B 415 -35.37 26.09 25.25
C ILE B 415 -36.69 26.08 26.02
N VAL B 416 -36.96 25.02 26.79
CA VAL B 416 -38.22 24.93 27.51
C VAL B 416 -38.30 25.96 28.63
N ALA B 417 -37.15 26.46 29.10
CA ALA B 417 -37.19 27.57 30.04
C ALA B 417 -37.85 28.80 29.40
N LEU B 418 -37.51 29.08 28.14
CA LEU B 418 -38.05 30.24 27.45
C LEU B 418 -39.49 30.03 26.98
N PHE B 419 -39.84 28.80 26.59
CA PHE B 419 -41.14 28.51 25.98
C PHE B 419 -41.85 27.40 26.74
N PRO B 420 -42.41 27.71 27.92
CA PRO B 420 -43.21 26.69 28.62
C PRO B 420 -44.42 26.23 27.83
N LYS B 421 -44.99 27.09 26.99
CA LYS B 421 -46.19 26.75 26.23
C LYS B 421 -45.89 25.84 25.05
N ASP B 422 -44.74 26.02 24.40
CA ASP B 422 -44.43 25.32 23.16
C ASP B 422 -44.16 23.85 23.44
N VAL B 423 -45.06 22.99 22.97
CA VAL B 423 -44.91 21.55 23.10
C VAL B 423 -44.41 20.92 21.80
N ASP B 424 -44.93 21.36 20.66
CA ASP B 424 -44.44 20.85 19.38
C ASP B 424 -43.03 21.35 19.10
N ARG B 425 -42.69 22.56 19.56
CA ARG B 425 -41.32 23.04 19.44
C ARG B 425 -40.35 22.16 20.22
N LEU B 426 -40.82 21.54 21.31
CA LEU B 426 -39.98 20.62 22.07
C LEU B 426 -39.54 19.45 21.20
N ARG B 427 -40.47 18.91 20.40
CA ARG B 427 -40.11 17.84 19.48
C ARG B 427 -39.32 18.36 18.28
N ARG B 428 -39.63 19.56 17.79
CA ARG B 428 -38.98 20.06 16.59
C ARG B 428 -37.50 20.37 16.84
N MET B 429 -37.19 21.07 17.93
CA MET B 429 -35.84 21.56 18.13
C MET B 429 -34.89 20.53 18.72
N SER B 430 -35.37 19.33 19.02
CA SER B 430 -34.53 18.31 19.62
C SER B 430 -33.46 17.83 18.63
N LEU B 431 -32.43 17.20 19.18
CA LEU B 431 -31.39 16.59 18.38
C LEU B 431 -31.70 15.14 18.03
N ILE B 432 -32.85 14.63 18.47
CA ILE B 432 -33.26 13.26 18.26
C ILE B 432 -34.65 13.25 17.65
N GLU B 433 -34.85 12.43 16.63
CA GLU B 433 -36.16 12.22 16.02
C GLU B 433 -36.59 10.79 16.24
N GLU B 434 -37.79 10.61 16.81
CA GLU B 434 -38.28 9.29 17.21
C GLU B 434 -39.64 9.01 16.60
N GLU B 435 -39.79 9.30 15.30
CA GLU B 435 -41.02 8.94 14.61
C GLU B 435 -41.16 7.43 14.49
N GLY B 436 -40.10 6.77 14.03
CA GLY B 436 -40.00 5.32 14.07
C GLY B 436 -38.80 4.91 14.91
N SER B 437 -37.75 4.44 14.26
CA SER B 437 -36.47 4.27 14.94
C SER B 437 -35.85 5.63 15.21
N LYS B 438 -35.24 5.77 16.38
CA LYS B 438 -34.67 7.05 16.77
C LYS B 438 -33.40 7.33 15.97
N ARG B 439 -33.30 8.54 15.43
CA ARG B 439 -32.17 8.95 14.62
C ARG B 439 -31.66 10.30 15.12
N ILE B 440 -30.40 10.59 14.83
CA ILE B 440 -29.74 11.79 15.31
C ILE B 440 -29.67 12.80 14.16
N ASN B 441 -30.37 13.92 14.32
CA ASN B 441 -30.31 15.01 13.35
C ASN B 441 -28.95 15.69 13.47
N MET B 442 -28.03 15.34 12.58
CA MET B 442 -26.67 15.87 12.68
C MET B 442 -26.61 17.35 12.32
N ALA B 443 -27.57 17.83 11.52
CA ALA B 443 -27.65 19.26 11.25
C ALA B 443 -27.97 20.04 12.51
N HIS B 444 -28.91 19.53 13.32
CA HIS B 444 -29.22 20.17 14.60
C HIS B 444 -27.99 20.19 15.51
N LEU B 445 -27.26 19.08 15.56
CA LEU B 445 -26.04 19.02 16.37
C LEU B 445 -25.02 20.04 15.90
N CYS B 446 -24.88 20.21 14.58
CA CYS B 446 -23.96 21.24 14.08
C CYS B 446 -24.45 22.64 14.40
N ILE B 447 -25.77 22.83 14.41
CA ILE B 447 -26.32 24.14 14.76
C ILE B 447 -25.98 24.50 16.21
N VAL B 448 -26.36 23.63 17.15
CA VAL B 448 -26.21 23.95 18.57
C VAL B 448 -24.73 24.05 18.94
N GLY B 449 -23.87 23.29 18.28
CA GLY B 449 -22.46 23.25 18.64
C GLY B 449 -21.57 24.25 17.97
N SER B 450 -22.11 25.14 17.14
CA SER B 450 -21.32 26.11 16.38
C SER B 450 -21.76 27.52 16.73
N HIS B 451 -20.85 28.49 16.52
CA HIS B 451 -21.22 29.88 16.74
C HIS B 451 -21.67 30.55 15.46
N ALA B 452 -21.71 29.81 14.36
CA ALA B 452 -22.17 30.33 13.07
C ALA B 452 -22.80 29.21 12.25
N VAL B 453 -23.73 29.59 11.37
CA VAL B 453 -24.39 28.67 10.45
C VAL B 453 -24.51 29.39 9.11
N ASN B 454 -24.31 28.65 8.02
CA ASN B 454 -24.19 29.26 6.69
C ASN B 454 -25.08 28.58 5.67
N GLY B 455 -25.33 29.31 4.59
CA GLY B 455 -25.85 28.74 3.37
C GLY B 455 -24.92 29.08 2.22
N VAL B 456 -25.05 28.31 1.14
CA VAL B 456 -24.08 28.43 0.04
C VAL B 456 -24.49 29.53 -0.93
N ALA B 457 -25.74 29.96 -0.87
CA ALA B 457 -26.24 31.03 -1.72
C ALA B 457 -27.12 31.95 -0.89
N LYS B 458 -27.38 33.15 -1.43
CA LYS B 458 -28.27 34.10 -0.77
C LYS B 458 -29.67 33.50 -0.59
N ILE B 459 -30.21 32.92 -1.66
CA ILE B 459 -31.51 32.26 -1.58
C ILE B 459 -31.44 31.07 -0.64
N HIS B 460 -30.37 30.28 -0.73
CA HIS B 460 -30.23 29.13 0.15
C HIS B 460 -30.08 29.56 1.60
N SER B 461 -29.31 30.62 1.85
CA SER B 461 -29.17 31.12 3.21
C SER B 461 -30.50 31.60 3.76
N ASP B 462 -31.28 32.31 2.94
CA ASP B 462 -32.60 32.75 3.37
C ASP B 462 -33.51 31.58 3.67
N ILE B 463 -33.46 30.54 2.84
CA ILE B 463 -34.33 29.37 3.05
C ILE B 463 -33.96 28.66 4.34
N VAL B 464 -32.66 28.45 4.59
CA VAL B 464 -32.26 27.71 5.78
C VAL B 464 -32.53 28.53 7.04
N LYS B 465 -32.33 29.86 6.97
CA LYS B 465 -32.59 30.69 8.15
C LYS B 465 -34.08 30.83 8.44
N THR B 466 -34.90 31.01 7.41
CA THR B 466 -36.31 31.33 7.60
C THR B 466 -37.21 30.11 7.57
N LYS B 467 -36.98 29.16 6.67
CA LYS B 467 -37.86 28.01 6.52
C LYS B 467 -37.33 26.75 7.18
N VAL B 468 -36.09 26.37 6.89
CA VAL B 468 -35.55 25.09 7.37
C VAL B 468 -35.33 25.14 8.88
N PHE B 469 -34.72 26.22 9.36
CA PHE B 469 -34.27 26.33 10.75
C PHE B 469 -34.83 27.59 11.40
N LYS B 470 -36.15 27.79 11.26
CA LYS B 470 -36.77 28.99 11.82
C LYS B 470 -36.66 29.03 13.34
N ASP B 471 -36.89 27.90 14.00
CA ASP B 471 -36.87 27.87 15.46
C ASP B 471 -35.50 28.21 16.00
N PHE B 472 -34.45 27.66 15.41
CA PHE B 472 -33.10 27.96 15.86
C PHE B 472 -32.70 29.38 15.50
N SER B 473 -33.18 29.88 14.35
CA SER B 473 -32.72 31.17 13.86
C SER B 473 -33.35 32.32 14.63
N GLU B 474 -34.63 32.21 14.99
CA GLU B 474 -35.28 33.31 15.70
C GLU B 474 -34.69 33.51 17.08
N LEU B 475 -34.28 32.42 17.74
CA LEU B 475 -33.61 32.55 19.03
C LEU B 475 -32.20 33.10 18.89
N GLU B 476 -31.47 32.63 17.87
CA GLU B 476 -30.10 33.07 17.61
C GLU B 476 -30.08 33.76 16.25
N PRO B 477 -30.42 35.05 16.19
CA PRO B 477 -30.53 35.71 14.89
C PRO B 477 -29.18 35.96 14.23
N ASP B 478 -28.15 36.29 15.00
CA ASP B 478 -26.87 36.64 14.39
C ASP B 478 -26.05 35.42 14.01
N LYS B 479 -26.41 34.25 14.54
CA LYS B 479 -25.65 33.04 14.25
C LYS B 479 -25.76 32.66 12.78
N PHE B 480 -26.96 32.73 12.22
CA PHE B 480 -27.18 32.32 10.84
C PHE B 480 -26.70 33.39 9.88
N GLN B 481 -25.79 33.05 8.98
CA GLN B 481 -25.23 34.03 8.04
C GLN B 481 -25.31 33.58 6.59
N ASN B 482 -24.77 34.39 5.68
CA ASN B 482 -24.74 34.00 4.27
C ASN B 482 -23.34 34.13 3.67
N LYS B 483 -22.86 33.10 2.99
CA LYS B 483 -21.57 33.18 2.28
C LYS B 483 -21.79 32.51 0.91
N THR B 484 -21.78 33.28 -0.17
CA THR B 484 -22.02 32.71 -1.49
C THR B 484 -20.73 32.12 -2.06
N ASN B 485 -20.83 30.95 -2.66
CA ASN B 485 -19.66 30.20 -3.10
C ASN B 485 -18.89 30.96 -4.18
N GLY B 486 -17.72 30.42 -4.50
CA GLY B 486 -16.86 31.03 -5.51
C GLY B 486 -15.90 29.99 -6.07
N ILE B 487 -15.23 30.38 -7.15
CA ILE B 487 -14.29 29.52 -7.84
C ILE B 487 -12.96 30.25 -7.97
N THR B 488 -11.87 29.50 -7.84
CA THR B 488 -10.55 30.12 -7.90
C THR B 488 -10.21 30.54 -9.33
N PRO B 489 -9.81 31.80 -9.54
CA PRO B 489 -9.44 32.24 -10.89
C PRO B 489 -8.25 31.49 -11.49
N ARG B 490 -7.32 31.06 -10.64
CA ARG B 490 -6.09 30.45 -11.14
C ARG B 490 -6.38 29.15 -11.89
N ARG B 491 -7.15 28.26 -11.29
CA ARG B 491 -7.42 26.97 -11.91
C ARG B 491 -8.41 27.09 -13.06
N TRP B 492 -9.37 27.99 -12.95
CA TRP B 492 -10.51 28.01 -13.86
C TRP B 492 -10.47 29.16 -14.86
N LEU B 493 -9.51 30.07 -14.75
CA LEU B 493 -9.31 31.04 -15.83
C LEU B 493 -7.88 31.00 -16.35
N LEU B 494 -6.90 31.08 -15.45
CA LEU B 494 -5.50 31.14 -15.87
C LEU B 494 -5.01 29.78 -16.35
N LEU B 495 -5.40 28.71 -15.64
CA LEU B 495 -5.04 27.37 -16.07
C LEU B 495 -6.02 26.86 -17.13
N CYS B 496 -7.31 27.12 -16.94
CA CYS B 496 -8.33 26.56 -17.81
C CYS B 496 -8.28 27.18 -19.20
N ASN B 497 -8.19 28.50 -19.27
CA ASN B 497 -8.28 29.24 -20.53
C ASN B 497 -7.12 30.24 -20.62
N PRO B 498 -5.92 29.76 -20.97
CA PRO B 498 -4.79 30.69 -21.11
C PRO B 498 -4.99 31.77 -22.16
N GLY B 499 -5.68 31.45 -23.26
CA GLY B 499 -5.88 32.45 -24.29
C GLY B 499 -6.77 33.61 -23.84
N LEU B 500 -7.89 33.28 -23.20
CA LEU B 500 -8.77 34.33 -22.67
C LEU B 500 -8.08 35.11 -21.56
N ALA B 501 -7.32 34.42 -20.72
CA ALA B 501 -6.59 35.11 -19.65
C ALA B 501 -5.58 36.10 -20.23
N GLU B 502 -4.84 35.68 -21.25
CA GLU B 502 -3.86 36.59 -21.88
C GLU B 502 -4.57 37.74 -22.58
N LEU B 503 -5.70 37.48 -23.24
CA LEU B 503 -6.45 38.55 -23.89
C LEU B 503 -6.92 39.57 -22.86
N ILE B 504 -7.46 39.11 -21.73
CA ILE B 504 -7.90 40.01 -20.67
C ILE B 504 -6.73 40.80 -20.11
N ALA B 505 -5.61 40.11 -19.86
CA ALA B 505 -4.43 40.78 -19.31
C ALA B 505 -3.89 41.84 -20.26
N GLU B 506 -4.11 41.68 -21.56
CA GLU B 506 -3.69 42.69 -22.51
C GLU B 506 -4.52 43.96 -22.41
N LYS B 507 -5.72 43.89 -21.83
CA LYS B 507 -6.61 45.04 -21.74
C LYS B 507 -6.56 45.72 -20.38
N ILE B 508 -6.80 44.96 -19.31
CA ILE B 508 -6.94 45.53 -17.97
C ILE B 508 -5.80 45.12 -17.05
N GLY B 509 -4.67 44.67 -17.62
CA GLY B 509 -3.54 44.29 -16.82
C GLY B 509 -3.72 42.93 -16.16
N GLU B 510 -2.72 42.55 -15.37
CA GLU B 510 -2.69 41.24 -14.72
C GLU B 510 -3.25 41.26 -13.30
N ASP B 511 -3.69 42.42 -12.79
CA ASP B 511 -4.16 42.53 -11.42
C ASP B 511 -5.46 41.78 -11.18
N TYR B 512 -6.19 41.39 -12.23
CA TYR B 512 -7.46 40.71 -12.05
C TYR B 512 -7.30 39.34 -11.41
N VAL B 513 -6.11 38.74 -11.49
CA VAL B 513 -5.90 37.41 -10.92
C VAL B 513 -6.10 37.44 -9.41
N LYS B 514 -5.52 38.45 -8.74
CA LYS B 514 -5.69 38.59 -7.30
C LYS B 514 -7.13 38.90 -6.94
N ASP B 515 -7.65 40.02 -7.44
CA ASP B 515 -9.03 40.43 -7.22
C ASP B 515 -9.83 40.39 -8.52
N LEU B 516 -10.73 39.41 -8.62
CA LEU B 516 -11.50 39.22 -9.84
C LEU B 516 -12.44 40.38 -10.14
N SER B 517 -12.71 41.26 -9.16
CA SER B 517 -13.63 42.36 -9.38
C SER B 517 -13.10 43.38 -10.38
N GLN B 518 -11.83 43.31 -10.75
CA GLN B 518 -11.28 44.16 -11.79
C GLN B 518 -11.84 43.85 -13.17
N LEU B 519 -12.57 42.73 -13.32
CA LEU B 519 -13.18 42.38 -14.59
C LEU B 519 -14.20 43.40 -15.03
N THR B 520 -14.72 44.23 -14.12
CA THR B 520 -15.67 45.27 -14.50
C THR B 520 -15.06 46.34 -15.38
N LYS B 521 -13.73 46.42 -15.44
CA LYS B 521 -13.08 47.37 -16.33
C LYS B 521 -13.20 46.98 -17.80
N LEU B 522 -13.69 45.78 -18.09
CA LEU B 522 -13.96 45.36 -19.45
C LEU B 522 -15.23 45.96 -20.03
N HIS B 523 -16.07 46.59 -19.21
CA HIS B 523 -17.26 47.26 -19.72
C HIS B 523 -16.90 48.43 -20.62
N SER B 524 -15.70 48.99 -20.46
CA SER B 524 -15.26 50.09 -21.32
C SER B 524 -14.93 49.64 -22.73
N PHE B 525 -14.89 48.33 -22.99
CA PHE B 525 -14.58 47.79 -24.30
C PHE B 525 -15.80 47.23 -25.02
N LEU B 526 -17.01 47.52 -24.53
CA LEU B 526 -18.21 47.07 -25.22
C LEU B 526 -18.39 47.74 -26.57
N GLY B 527 -17.96 49.00 -26.69
CA GLY B 527 -18.11 49.71 -27.95
C GLY B 527 -17.22 49.14 -29.06
N ASP B 528 -16.01 48.73 -28.71
CA ASP B 528 -15.05 48.28 -29.71
C ASP B 528 -15.48 46.93 -30.28
N ASP B 529 -15.29 46.78 -31.59
CA ASP B 529 -15.64 45.55 -32.30
C ASP B 529 -14.47 44.58 -32.46
N VAL B 530 -13.25 45.11 -32.54
CA VAL B 530 -12.07 44.25 -32.67
C VAL B 530 -11.92 43.36 -31.45
N PHE B 531 -12.21 43.91 -30.26
CA PHE B 531 -12.14 43.11 -29.04
C PHE B 531 -13.14 41.97 -29.06
N LEU B 532 -14.37 42.24 -29.52
CA LEU B 532 -15.37 41.20 -29.62
C LEU B 532 -14.95 40.13 -30.62
N ARG B 533 -14.38 40.55 -31.75
CA ARG B 533 -13.91 39.60 -32.75
C ARG B 533 -12.80 38.71 -32.18
N GLU B 534 -11.87 39.31 -31.43
CA GLU B 534 -10.78 38.53 -30.83
C GLU B 534 -11.30 37.59 -29.75
N LEU B 535 -12.32 38.01 -29.00
CA LEU B 535 -12.96 37.13 -28.03
C LEU B 535 -13.59 35.92 -28.72
N ALA B 536 -14.34 36.14 -29.80
CA ALA B 536 -14.88 35.03 -30.56
C ALA B 536 -13.78 34.17 -31.15
N LYS B 537 -12.65 34.79 -31.51
CA LYS B 537 -11.54 34.03 -32.07
C LYS B 537 -10.93 33.08 -31.04
N VAL B 538 -10.72 33.54 -29.81
CA VAL B 538 -10.18 32.66 -28.79
C VAL B 538 -11.20 31.56 -28.45
N LYS B 539 -12.48 31.90 -28.48
CA LYS B 539 -13.50 30.86 -28.29
C LYS B 539 -13.41 29.80 -29.39
N GLN B 540 -13.20 30.24 -30.63
CA GLN B 540 -13.10 29.30 -31.75
C GLN B 540 -11.83 28.46 -31.67
N GLU B 541 -10.73 29.03 -31.18
CA GLU B 541 -9.50 28.25 -31.01
C GLU B 541 -9.70 27.16 -29.97
N ASN B 542 -10.33 27.49 -28.84
CA ASN B 542 -10.62 26.47 -27.85
C ASN B 542 -11.58 25.42 -28.41
N LYS B 543 -12.54 25.86 -29.22
CA LYS B 543 -13.46 24.93 -29.86
C LYS B 543 -12.73 23.97 -30.79
N LEU B 544 -11.75 24.48 -31.55
CA LEU B 544 -10.96 23.63 -32.43
C LEU B 544 -10.18 22.60 -31.64
N LYS B 545 -9.54 23.02 -30.55
CA LYS B 545 -8.79 22.06 -29.73
C LYS B 545 -9.71 20.97 -29.18
N PHE B 546 -10.87 21.36 -28.64
CA PHE B 546 -11.78 20.37 -28.10
C PHE B 546 -12.35 19.47 -29.19
N SER B 547 -12.48 19.99 -30.43
CA SER B 547 -12.92 19.15 -31.53
C SER B 547 -11.85 18.15 -31.92
N GLN B 548 -10.58 18.55 -31.87
CA GLN B 548 -9.49 17.60 -32.07
C GLN B 548 -9.57 16.48 -31.04
N PHE B 549 -9.87 16.82 -29.78
CA PHE B 549 -10.05 15.80 -28.77
C PHE B 549 -11.25 14.90 -29.08
N LEU B 550 -12.39 15.51 -29.41
CA LEU B 550 -13.64 14.78 -29.59
C LEU B 550 -13.58 13.82 -30.76
N GLU B 551 -12.99 14.26 -31.88
CA GLU B 551 -12.96 13.42 -33.07
C GLU B 551 -12.21 12.12 -32.81
N THR B 552 -11.03 12.22 -32.20
CA THR B 552 -10.26 11.02 -31.88
C THR B 552 -10.96 10.18 -30.82
N GLU B 553 -11.57 10.82 -29.81
CA GLU B 553 -12.12 10.07 -28.70
C GLU B 553 -13.45 9.40 -29.04
N TYR B 554 -14.29 10.03 -29.85
CA TYR B 554 -15.66 9.57 -30.01
C TYR B 554 -16.03 9.13 -31.42
N LYS B 555 -15.10 9.18 -32.38
CA LYS B 555 -15.34 8.73 -33.74
C LYS B 555 -16.54 9.43 -34.37
N VAL B 556 -16.65 10.73 -34.13
CA VAL B 556 -17.72 11.56 -34.69
C VAL B 556 -17.08 12.81 -35.26
N LYS B 557 -17.48 13.20 -36.46
CA LYS B 557 -16.97 14.42 -37.08
C LYS B 557 -17.70 15.62 -36.49
N ILE B 558 -16.93 16.61 -36.06
CA ILE B 558 -17.45 17.78 -35.35
C ILE B 558 -17.43 18.97 -36.30
N ASN B 559 -18.60 19.58 -36.49
CA ASN B 559 -18.69 20.80 -37.27
C ASN B 559 -18.02 21.93 -36.48
N PRO B 560 -16.97 22.56 -37.02
CA PRO B 560 -16.21 23.52 -36.20
C PRO B 560 -16.86 24.88 -36.06
N SER B 561 -17.79 25.24 -36.94
CA SER B 561 -18.54 26.49 -36.82
C SER B 561 -19.81 26.33 -36.00
N SER B 562 -20.05 25.15 -35.46
CA SER B 562 -21.26 24.86 -34.71
C SER B 562 -21.16 25.39 -33.28
N MET B 563 -22.33 25.71 -32.71
CA MET B 563 -22.41 26.11 -31.32
C MET B 563 -22.19 24.91 -30.41
N PHE B 564 -21.32 25.06 -29.42
CA PHE B 564 -21.07 23.99 -28.47
C PHE B 564 -22.04 24.13 -27.29
N ASP B 565 -23.03 23.25 -27.25
CA ASP B 565 -24.05 23.23 -26.19
C ASP B 565 -23.67 22.12 -25.20
N VAL B 566 -23.24 22.52 -24.00
CA VAL B 566 -22.65 21.60 -23.04
C VAL B 566 -23.47 21.62 -21.76
N GLN B 567 -23.69 20.43 -21.18
CA GLN B 567 -24.28 20.29 -19.85
C GLN B 567 -23.49 19.23 -19.10
N VAL B 568 -22.55 19.66 -18.27
CA VAL B 568 -21.71 18.77 -17.48
C VAL B 568 -22.05 18.94 -16.01
N LYS B 569 -22.56 17.88 -15.40
CA LYS B 569 -22.83 17.81 -13.97
C LYS B 569 -23.22 16.38 -13.64
N ARG B 570 -23.31 16.08 -12.35
CA ARG B 570 -23.70 14.76 -11.91
C ARG B 570 -25.13 14.46 -12.35
N ILE B 571 -25.36 13.23 -12.81
CA ILE B 571 -26.65 12.85 -13.35
C ILE B 571 -27.66 12.69 -12.23
N HIS B 572 -28.52 13.70 -12.07
CA HIS B 572 -29.57 13.69 -11.06
C HIS B 572 -30.91 13.99 -11.73
N GLU B 573 -32.00 13.56 -11.08
CA GLU B 573 -33.32 13.92 -11.57
C GLU B 573 -33.58 15.40 -11.41
N TYR B 574 -33.12 16.00 -10.30
CA TYR B 574 -33.37 17.42 -10.07
C TYR B 574 -32.52 18.30 -10.98
N LYS B 575 -31.44 17.76 -11.54
CA LYS B 575 -30.63 18.52 -12.49
C LYS B 575 -31.19 18.51 -13.90
N ARG B 576 -32.13 17.60 -14.18
CA ARG B 576 -32.95 17.64 -15.40
C ARG B 576 -32.11 17.58 -16.67
N GLN B 577 -31.40 16.46 -16.84
CA GLN B 577 -30.85 16.11 -18.14
C GLN B 577 -31.93 15.54 -19.06
N LEU B 578 -33.03 15.04 -18.50
CA LEU B 578 -34.14 14.54 -19.29
C LEU B 578 -34.78 15.66 -20.10
N LEU B 579 -34.84 16.87 -19.56
CA LEU B 579 -35.36 18.01 -20.31
C LEU B 579 -34.48 18.30 -21.53
N ASN B 580 -33.17 18.23 -21.35
CA ASN B 580 -32.26 18.41 -22.49
C ASN B 580 -32.43 17.31 -23.52
N CYS B 581 -32.62 16.07 -23.07
CA CYS B 581 -32.87 14.97 -24.01
C CYS B 581 -34.16 15.20 -24.80
N LEU B 582 -35.21 15.65 -24.12
CA LEU B 582 -36.46 15.96 -24.79
C LEU B 582 -36.27 17.09 -25.80
N HIS B 583 -35.48 18.10 -25.45
CA HIS B 583 -35.22 19.18 -26.40
C HIS B 583 -34.46 18.71 -27.62
N VAL B 584 -33.45 17.83 -27.43
CA VAL B 584 -32.68 17.38 -28.59
C VAL B 584 -33.54 16.50 -29.49
N ILE B 585 -34.42 15.68 -28.90
CA ILE B 585 -35.36 14.93 -29.73
C ILE B 585 -36.31 15.88 -30.45
N THR B 586 -36.71 16.97 -29.79
CA THR B 586 -37.59 17.95 -30.42
C THR B 586 -36.94 18.55 -31.65
N MET B 587 -35.70 19.02 -31.53
CA MET B 587 -35.07 19.67 -32.67
C MET B 587 -34.68 18.65 -33.74
N TYR B 588 -34.43 17.40 -33.34
CA TYR B 588 -34.22 16.35 -34.33
C TYR B 588 -35.50 16.12 -35.16
N ASN B 589 -36.65 16.07 -34.50
CA ASN B 589 -37.91 15.95 -35.22
C ASN B 589 -38.17 17.18 -36.08
N ARG B 590 -37.77 18.35 -35.60
CA ARG B 590 -37.91 19.58 -36.37
C ARG B 590 -37.08 19.52 -37.66
N ILE B 591 -35.86 19.01 -37.57
CA ILE B 591 -35.05 18.81 -38.76
C ILE B 591 -35.68 17.76 -39.68
N LYS B 592 -36.21 16.68 -39.11
CA LYS B 592 -36.81 15.62 -39.91
C LYS B 592 -38.04 16.10 -40.67
N LYS B 593 -38.82 17.02 -40.07
CA LYS B 593 -40.06 17.47 -40.69
C LYS B 593 -39.79 18.13 -42.04
N ASP B 594 -38.88 19.10 -42.07
CA ASP B 594 -38.58 19.79 -43.32
C ASP B 594 -37.12 20.23 -43.36
N PRO B 595 -36.24 19.50 -44.06
CA PRO B 595 -34.83 19.89 -44.12
C PRO B 595 -34.57 21.18 -44.87
N LYS B 596 -35.55 21.71 -45.59
CA LYS B 596 -35.34 22.96 -46.33
C LYS B 596 -35.14 24.14 -45.38
N LYS B 597 -35.86 24.14 -44.26
CA LYS B 597 -35.77 25.25 -43.32
C LYS B 597 -34.36 25.36 -42.74
N LEU B 598 -33.90 26.59 -42.53
CA LEU B 598 -32.58 26.82 -41.96
C LEU B 598 -32.55 26.33 -40.51
N PHE B 599 -31.40 25.78 -40.12
CA PHE B 599 -31.19 25.30 -38.76
C PHE B 599 -29.83 25.79 -38.27
N VAL B 600 -29.74 25.99 -36.96
CA VAL B 600 -28.49 26.41 -36.32
C VAL B 600 -27.58 25.21 -36.14
N PRO B 601 -26.34 25.25 -36.63
CA PRO B 601 -25.41 24.16 -36.33
C PRO B 601 -25.11 24.08 -34.85
N ARG B 602 -25.58 23.03 -34.19
CA ARG B 602 -25.56 22.94 -32.73
C ARG B 602 -25.03 21.58 -32.33
N THR B 603 -23.91 21.58 -31.60
CA THR B 603 -23.33 20.37 -31.02
C THR B 603 -23.78 20.28 -29.56
N VAL B 604 -24.41 19.18 -29.20
CA VAL B 604 -24.96 18.99 -27.86
C VAL B 604 -24.06 18.01 -27.12
N ILE B 605 -23.52 18.44 -25.98
CA ILE B 605 -22.65 17.63 -25.14
C ILE B 605 -23.27 17.51 -23.76
N ILE B 606 -23.42 16.27 -23.28
CA ILE B 606 -23.96 15.99 -21.95
C ILE B 606 -23.05 14.94 -21.31
N GLY B 607 -22.34 15.33 -20.25
CA GLY B 607 -21.44 14.39 -19.61
C GLY B 607 -21.41 14.49 -18.10
N GLY B 608 -21.62 13.37 -17.43
CA GLY B 608 -21.54 13.34 -15.98
C GLY B 608 -21.77 11.93 -15.47
N LYS B 609 -21.25 11.69 -14.28
CA LYS B 609 -21.33 10.36 -13.67
C LYS B 609 -22.64 10.21 -12.89
N ALA B 610 -22.99 8.95 -12.63
CA ALA B 610 -24.19 8.61 -11.88
C ALA B 610 -23.81 7.74 -10.70
N ALA B 611 -24.67 7.73 -9.69
CA ALA B 611 -24.46 6.85 -8.56
C ALA B 611 -24.65 5.40 -8.97
N PRO B 612 -23.75 4.50 -8.57
CA PRO B 612 -23.89 3.10 -8.99
C PRO B 612 -25.20 2.45 -8.59
N GLY B 613 -25.76 2.83 -7.45
CA GLY B 613 -27.03 2.29 -7.01
C GLY B 613 -28.24 3.08 -7.44
N TYR B 614 -28.07 4.09 -8.29
CA TYR B 614 -29.16 4.99 -8.67
C TYR B 614 -29.62 4.58 -10.07
N HIS B 615 -30.81 3.97 -10.12
CA HIS B 615 -31.28 3.35 -11.36
C HIS B 615 -31.74 4.37 -12.39
N MET B 616 -32.44 5.42 -11.94
CA MET B 616 -33.02 6.38 -12.87
C MET B 616 -31.95 7.14 -13.63
N ALA B 617 -30.85 7.48 -12.95
CA ALA B 617 -29.75 8.15 -13.64
C ALA B 617 -29.15 7.25 -14.71
N LYS B 618 -29.03 5.96 -14.42
CA LYS B 618 -28.54 5.01 -15.43
C LYS B 618 -29.49 4.93 -16.62
N MET B 619 -30.79 4.93 -16.36
CA MET B 619 -31.76 4.93 -17.46
C MET B 619 -31.65 6.21 -18.28
N ILE B 620 -31.41 7.35 -17.63
CA ILE B 620 -31.26 8.61 -18.35
C ILE B 620 -30.01 8.59 -19.22
N ILE B 621 -28.92 8.00 -18.71
CA ILE B 621 -27.70 7.86 -19.50
C ILE B 621 -27.96 6.95 -20.70
N LYS B 622 -28.71 5.87 -20.49
CA LYS B 622 -29.06 4.98 -21.59
C LYS B 622 -29.88 5.70 -22.64
N LEU B 623 -30.85 6.52 -22.22
CA LEU B 623 -31.66 7.28 -23.15
C LEU B 623 -30.81 8.27 -23.94
N ILE B 624 -29.87 8.94 -23.27
CA ILE B 624 -28.98 9.87 -23.96
C ILE B 624 -28.16 9.14 -25.00
N THR B 625 -27.62 7.95 -24.66
CA THR B 625 -26.82 7.20 -25.61
C THR B 625 -27.66 6.72 -26.79
N SER B 626 -28.89 6.27 -26.54
CA SER B 626 -29.76 5.85 -27.63
C SER B 626 -30.09 7.00 -28.57
N VAL B 627 -30.41 8.17 -28.01
CA VAL B 627 -30.72 9.32 -28.83
C VAL B 627 -29.49 9.77 -29.61
N ALA B 628 -28.31 9.71 -29.00
CA ALA B 628 -27.08 10.05 -29.71
C ALA B 628 -26.84 9.08 -30.86
N ASP B 629 -27.08 7.78 -30.64
CA ASP B 629 -26.90 6.80 -31.70
C ASP B 629 -27.84 7.06 -32.86
N VAL B 630 -29.10 7.39 -32.57
CA VAL B 630 -30.06 7.65 -33.64
C VAL B 630 -29.70 8.92 -34.40
N VAL B 631 -29.41 10.00 -33.66
CA VAL B 631 -29.24 11.31 -34.29
C VAL B 631 -27.91 11.39 -35.05
N ASN B 632 -26.85 10.82 -34.49
CA ASN B 632 -25.53 10.91 -35.11
C ASN B 632 -25.49 10.20 -36.47
N ASN B 633 -26.29 9.14 -36.64
CA ASN B 633 -26.24 8.29 -37.82
C ASN B 633 -27.44 8.52 -38.74
N ASP B 634 -27.90 9.76 -38.87
CA ASP B 634 -28.96 10.11 -39.79
C ASP B 634 -28.37 10.94 -40.94
N PRO B 635 -28.39 10.43 -42.17
CA PRO B 635 -27.82 11.21 -43.28
C PRO B 635 -28.53 12.54 -43.51
N MET B 636 -29.84 12.61 -43.22
CA MET B 636 -30.57 13.85 -43.44
C MET B 636 -30.07 14.97 -42.52
N VAL B 637 -29.77 14.64 -41.26
CA VAL B 637 -29.29 15.65 -40.34
C VAL B 637 -27.92 16.15 -40.75
N GLY B 638 -27.00 15.25 -41.06
CA GLY B 638 -25.67 15.65 -41.47
C GLY B 638 -24.93 16.36 -40.36
N SER B 639 -24.47 17.58 -40.64
CA SER B 639 -23.72 18.38 -39.66
C SER B 639 -24.61 19.41 -38.97
N LYS B 640 -25.86 19.05 -38.69
CA LYS B 640 -26.79 19.96 -38.03
C LYS B 640 -27.03 19.64 -36.56
N LEU B 641 -26.97 18.36 -36.18
CA LEU B 641 -27.30 17.97 -34.81
C LEU B 641 -26.49 16.73 -34.45
N LYS B 642 -25.50 16.90 -33.58
CA LYS B 642 -24.74 15.79 -33.03
C LYS B 642 -24.90 15.78 -31.51
N VAL B 643 -24.96 14.59 -30.93
CA VAL B 643 -25.07 14.41 -29.49
C VAL B 643 -23.93 13.55 -29.02
N ILE B 644 -23.06 14.11 -28.18
CA ILE B 644 -21.92 13.41 -27.62
C ILE B 644 -22.11 13.31 -26.12
N PHE B 645 -22.11 12.09 -25.60
CA PHE B 645 -22.14 11.86 -24.15
C PHE B 645 -20.70 11.87 -23.66
N LEU B 646 -20.29 12.98 -23.04
CA LEU B 646 -18.94 13.10 -22.52
C LEU B 646 -18.67 12.02 -21.48
N GLU B 647 -17.48 11.43 -21.54
CA GLU B 647 -17.13 10.27 -20.73
C GLU B 647 -16.09 10.66 -19.68
N ASN B 648 -16.29 10.16 -18.46
CA ASN B 648 -15.37 10.36 -17.33
C ASN B 648 -15.13 11.86 -17.09
N TYR B 649 -16.21 12.55 -16.74
CA TYR B 649 -16.14 13.98 -16.49
C TYR B 649 -15.46 14.24 -15.16
N ARG B 650 -14.48 15.15 -15.16
CA ARG B 650 -13.67 15.40 -13.97
C ARG B 650 -13.04 16.79 -14.10
N VAL B 651 -12.14 17.11 -13.18
CA VAL B 651 -11.52 18.43 -13.18
C VAL B 651 -10.66 18.64 -14.42
N SER B 652 -9.86 17.64 -14.78
CA SER B 652 -8.99 17.77 -15.96
C SER B 652 -9.82 17.89 -17.23
N LEU B 653 -10.89 17.10 -17.35
CA LEU B 653 -11.75 17.19 -18.52
C LEU B 653 -12.48 18.53 -18.55
N ALA B 654 -12.91 19.01 -17.39
CA ALA B 654 -13.54 20.33 -17.33
C ALA B 654 -12.57 21.44 -17.70
N GLU B 655 -11.27 21.25 -17.44
CA GLU B 655 -10.31 22.25 -17.86
C GLU B 655 -10.22 22.37 -19.38
N LYS B 656 -10.79 21.43 -20.12
CA LYS B 656 -10.81 21.46 -21.57
C LYS B 656 -12.18 21.75 -22.15
N VAL B 657 -13.25 21.28 -21.51
CA VAL B 657 -14.58 21.49 -22.08
C VAL B 657 -15.16 22.85 -21.68
N ILE B 658 -14.81 23.37 -20.49
CA ILE B 658 -15.32 24.68 -20.07
C ILE B 658 -14.86 25.81 -20.99
N PRO B 659 -13.56 25.92 -21.33
CA PRO B 659 -13.13 27.07 -22.15
C PRO B 659 -13.58 27.02 -23.59
N ALA B 660 -14.23 25.94 -24.03
CA ALA B 660 -14.77 25.85 -25.38
C ALA B 660 -16.29 25.93 -25.44
N THR B 661 -16.96 26.01 -24.30
CA THR B 661 -18.42 26.06 -24.27
C THR B 661 -18.93 27.36 -24.85
N ASP B 662 -20.09 27.28 -25.52
CA ASP B 662 -20.83 28.45 -25.97
C ASP B 662 -22.12 28.68 -25.20
N LEU B 663 -22.83 27.62 -24.84
CA LEU B 663 -24.08 27.74 -24.09
C LEU B 663 -24.04 26.79 -22.91
N SER B 664 -24.43 27.30 -21.74
CA SER B 664 -24.38 26.55 -20.50
C SER B 664 -25.79 26.13 -20.10
N GLU B 665 -25.93 24.88 -19.66
CA GLU B 665 -27.23 24.31 -19.32
C GLU B 665 -27.29 24.07 -17.82
N GLN B 666 -27.94 25.00 -17.11
CA GLN B 666 -28.23 24.84 -15.68
C GLN B 666 -29.74 24.97 -15.52
N ILE B 667 -30.44 23.86 -15.74
CA ILE B 667 -31.89 23.90 -15.89
C ILE B 667 -32.55 23.10 -14.78
N SER B 668 -31.93 23.08 -13.61
CA SER B 668 -32.53 22.41 -12.45
C SER B 668 -33.82 23.10 -12.05
N THR B 669 -34.76 22.31 -11.52
CA THR B 669 -36.02 22.87 -11.03
C THR B 669 -35.75 23.91 -9.96
N ALA B 670 -36.44 25.05 -10.08
CA ALA B 670 -36.19 26.17 -9.18
C ALA B 670 -36.50 25.80 -7.73
N GLY B 671 -35.61 26.16 -6.82
CA GLY B 671 -35.77 25.84 -5.42
C GLY B 671 -35.22 24.50 -4.99
N THR B 672 -34.68 23.71 -5.91
CA THR B 672 -34.11 22.41 -5.58
C THR B 672 -32.60 22.38 -5.58
N GLU B 673 -31.94 23.38 -6.15
CA GLU B 673 -30.49 23.48 -6.15
C GLU B 673 -30.08 24.59 -5.22
N ALA B 674 -29.19 24.27 -4.28
CA ALA B 674 -28.70 25.28 -3.34
C ALA B 674 -27.78 26.27 -4.03
N SER B 675 -26.67 25.78 -4.57
CA SER B 675 -25.75 26.60 -5.35
C SER B 675 -24.75 25.69 -6.06
N GLY B 676 -24.50 25.95 -7.33
CA GLY B 676 -23.52 25.20 -8.10
C GLY B 676 -22.42 26.11 -8.57
N THR B 677 -21.20 25.60 -8.59
CA THR B 677 -20.04 26.37 -9.05
C THR B 677 -19.71 26.12 -10.52
N GLY B 678 -20.41 25.20 -11.18
CA GLY B 678 -20.16 24.97 -12.60
C GLY B 678 -20.56 26.16 -13.45
N ASN B 679 -21.72 26.73 -13.17
CA ASN B 679 -22.18 27.89 -13.94
C ASN B 679 -21.28 29.09 -13.73
N MET B 680 -20.65 29.21 -12.56
CA MET B 680 -19.66 30.26 -12.35
C MET B 680 -18.46 30.07 -13.28
N LYS B 681 -17.98 28.84 -13.44
CA LYS B 681 -16.88 28.57 -14.35
C LYS B 681 -17.29 28.87 -15.79
N PHE B 682 -18.51 28.46 -16.17
CA PHE B 682 -19.02 28.77 -17.50
C PHE B 682 -19.03 30.28 -17.74
N MET B 683 -19.65 31.04 -16.84
CA MET B 683 -19.72 32.49 -16.98
C MET B 683 -18.34 33.11 -17.00
N LEU B 684 -17.38 32.51 -16.30
CA LEU B 684 -16.02 33.04 -16.29
C LEU B 684 -15.32 32.79 -17.62
N ASN B 685 -15.57 31.64 -18.25
CA ASN B 685 -14.91 31.27 -19.49
C ASN B 685 -15.77 31.56 -20.72
N GLY B 686 -16.27 32.80 -20.83
CA GLY B 686 -16.88 33.28 -22.06
C GLY B 686 -18.05 32.49 -22.59
N ALA B 687 -18.93 32.00 -21.72
CA ALA B 687 -20.07 31.21 -22.12
C ALA B 687 -21.36 31.87 -21.66
N LEU B 688 -22.38 31.85 -22.53
CA LEU B 688 -23.69 32.36 -22.18
C LEU B 688 -24.49 31.27 -21.49
N THR B 689 -25.21 31.65 -20.45
CA THR B 689 -25.90 30.70 -19.59
C THR B 689 -27.40 30.78 -19.81
N ILE B 690 -28.04 29.62 -19.93
CA ILE B 690 -29.49 29.50 -19.90
C ILE B 690 -29.86 28.67 -18.68
N GLY B 691 -31.05 28.93 -18.14
CA GLY B 691 -31.51 28.13 -17.03
C GLY B 691 -32.66 28.82 -16.29
N THR B 692 -32.90 28.33 -15.08
CA THR B 692 -33.95 28.81 -14.21
C THR B 692 -33.40 29.78 -13.18
N MET B 693 -34.31 30.39 -12.41
CA MET B 693 -33.93 31.26 -11.29
C MET B 693 -33.74 30.35 -10.07
N ASP B 694 -32.51 29.85 -9.93
CA ASP B 694 -32.22 28.87 -8.88
C ASP B 694 -30.72 28.86 -8.63
N GLY B 695 -30.35 28.61 -7.38
CA GLY B 695 -28.94 28.53 -7.03
C GLY B 695 -28.22 29.83 -7.30
N ALA B 696 -27.05 29.72 -7.93
CA ALA B 696 -26.25 30.90 -8.27
C ALA B 696 -26.74 31.62 -9.51
N ASN B 697 -27.76 31.07 -10.20
CA ASN B 697 -28.31 31.76 -11.36
C ASN B 697 -28.93 33.09 -10.97
N VAL B 698 -29.58 33.15 -9.80
CA VAL B 698 -30.16 34.41 -9.34
C VAL B 698 -29.07 35.45 -9.13
N GLU B 699 -27.96 35.06 -8.49
CA GLU B 699 -26.86 35.99 -8.26
C GLU B 699 -26.23 36.42 -9.58
N MET B 700 -26.09 35.50 -10.53
CA MET B 700 -25.53 35.85 -11.83
C MET B 700 -26.44 36.82 -12.58
N ALA B 701 -27.76 36.60 -12.50
CA ALA B 701 -28.70 37.51 -13.15
C ALA B 701 -28.68 38.88 -12.50
N GLU B 702 -28.51 38.93 -11.18
CA GLU B 702 -28.36 40.22 -10.51
C GLU B 702 -27.07 40.92 -10.93
N GLU B 703 -25.98 40.16 -11.05
CA GLU B 703 -24.67 40.76 -11.29
C GLU B 703 -24.52 41.23 -12.72
N ALA B 704 -25.04 40.47 -13.69
CA ALA B 704 -24.87 40.81 -15.09
C ALA B 704 -26.11 41.43 -15.73
N GLY B 705 -27.30 41.15 -15.20
CA GLY B 705 -28.52 41.60 -15.82
C GLY B 705 -29.34 40.44 -16.34
N GLU B 706 -30.64 40.42 -16.01
CA GLU B 706 -31.48 39.31 -16.43
C GLU B 706 -31.65 39.28 -17.95
N GLU B 707 -31.45 40.42 -18.61
CA GLU B 707 -31.55 40.46 -20.06
C GLU B 707 -30.30 39.85 -20.71
N ASN B 708 -29.22 39.72 -19.97
CA ASN B 708 -28.00 39.11 -20.46
C ASN B 708 -27.94 37.61 -20.18
N LEU B 709 -29.01 37.03 -19.67
CA LEU B 709 -29.13 35.60 -19.46
C LEU B 709 -30.47 35.14 -20.00
N PHE B 710 -30.55 33.86 -20.34
CA PHE B 710 -31.78 33.27 -20.87
C PHE B 710 -32.47 32.54 -19.72
N ILE B 711 -33.39 33.22 -19.06
CA ILE B 711 -34.08 32.69 -17.89
C ILE B 711 -35.48 32.26 -18.31
N PHE B 712 -35.84 31.02 -18.00
CA PHE B 712 -37.13 30.45 -18.37
C PHE B 712 -37.74 29.78 -17.15
N GLY B 713 -38.90 29.15 -17.37
CA GLY B 713 -39.48 28.27 -16.38
C GLY B 713 -40.19 29.01 -15.26
N MET B 714 -40.82 28.22 -14.40
CA MET B 714 -41.53 28.75 -13.25
C MET B 714 -40.58 28.93 -12.07
N ARG B 715 -40.80 29.99 -11.30
CA ARG B 715 -39.95 30.31 -10.17
C ARG B 715 -40.34 29.47 -8.96
N ILE B 716 -39.67 29.73 -7.83
CA ILE B 716 -39.92 28.96 -6.62
C ILE B 716 -41.36 29.13 -6.15
N ASP B 717 -41.86 30.36 -6.17
CA ASP B 717 -43.25 30.60 -5.79
C ASP B 717 -44.21 29.91 -6.74
N ASP B 718 -43.91 29.94 -8.04
CA ASP B 718 -44.75 29.26 -9.02
C ASP B 718 -44.69 27.75 -8.84
N VAL B 719 -43.52 27.21 -8.48
CA VAL B 719 -43.41 25.78 -8.20
C VAL B 719 -44.27 25.41 -7.00
N ALA B 720 -44.22 26.23 -5.94
CA ALA B 720 -45.05 25.97 -4.77
C ALA B 720 -46.53 26.06 -5.11
N ALA B 721 -46.91 27.03 -5.93
CA ALA B 721 -48.32 27.15 -6.34
C ALA B 721 -48.75 25.93 -7.14
N LEU B 722 -47.89 25.44 -8.03
CA LEU B 722 -48.21 24.23 -8.79
C LEU B 722 -48.34 23.02 -7.87
N ASP B 723 -47.48 22.92 -6.86
CA ASP B 723 -47.57 21.83 -5.89
C ASP B 723 -48.88 21.89 -5.13
N LYS B 724 -49.29 23.09 -4.71
CA LYS B 724 -50.55 23.23 -4.00
C LYS B 724 -51.74 22.89 -4.90
N LYS B 725 -51.69 23.32 -6.17
CA LYS B 725 -52.79 23.04 -7.09
C LYS B 725 -52.89 21.55 -7.40
N GLY B 726 -51.76 20.88 -7.56
CA GLY B 726 -51.75 19.48 -7.94
C GLY B 726 -51.20 19.28 -9.34
N TYR B 727 -49.96 18.79 -9.43
CA TYR B 727 -49.29 18.64 -10.71
C TYR B 727 -49.71 17.35 -11.40
N GLU B 728 -50.14 17.46 -12.65
CA GLU B 728 -50.44 16.31 -13.50
C GLU B 728 -49.75 16.51 -14.83
N ALA B 729 -48.86 15.58 -15.18
CA ALA B 729 -48.06 15.71 -16.39
C ALA B 729 -48.85 15.43 -17.66
N LYS B 730 -49.92 14.64 -17.57
CA LYS B 730 -50.68 14.29 -18.76
C LYS B 730 -51.35 15.51 -19.39
N GLU B 731 -51.76 16.47 -18.56
CA GLU B 731 -52.37 17.69 -19.09
C GLU B 731 -51.38 18.49 -19.91
N TYR B 732 -50.13 18.59 -19.44
CA TYR B 732 -49.09 19.23 -20.26
C TYR B 732 -48.79 18.40 -21.50
N TYR B 733 -48.88 17.07 -21.39
CA TYR B 733 -48.60 16.19 -22.51
C TYR B 733 -49.60 16.38 -23.64
N GLU B 734 -50.88 16.52 -23.29
CA GLU B 734 -51.92 16.54 -24.31
C GLU B 734 -51.97 17.88 -25.05
N ALA B 735 -51.41 18.93 -24.45
CA ALA B 735 -51.54 20.28 -24.99
C ALA B 735 -50.33 20.73 -25.78
N LEU B 736 -49.42 19.82 -26.14
CA LEU B 736 -48.24 20.19 -26.91
C LEU B 736 -48.01 19.16 -28.02
N PRO B 737 -47.90 19.58 -29.28
CA PRO B 737 -47.65 18.60 -30.34
C PRO B 737 -46.23 18.08 -30.35
N GLU B 738 -45.23 18.96 -30.20
CA GLU B 738 -43.84 18.51 -30.25
C GLU B 738 -43.49 17.65 -29.05
N LEU B 739 -43.93 18.06 -27.85
CA LEU B 739 -43.67 17.26 -26.65
C LEU B 739 -44.36 15.90 -26.75
N LYS B 740 -45.60 15.87 -27.23
CA LYS B 740 -46.29 14.60 -27.40
C LYS B 740 -45.58 13.71 -28.40
N LEU B 741 -45.10 14.28 -29.50
CA LEU B 741 -44.36 13.50 -30.48
C LEU B 741 -43.08 12.92 -29.88
N VAL B 742 -42.34 13.73 -29.12
CA VAL B 742 -41.10 13.26 -28.51
C VAL B 742 -41.38 12.13 -27.53
N ILE B 743 -42.38 12.30 -26.67
CA ILE B 743 -42.67 11.29 -25.66
C ILE B 743 -43.19 10.03 -26.31
N ASP B 744 -44.02 10.15 -27.36
CA ASP B 744 -44.49 8.97 -28.06
C ASP B 744 -43.34 8.22 -28.72
N GLN B 745 -42.41 8.94 -29.34
CA GLN B 745 -41.25 8.30 -29.94
C GLN B 745 -40.43 7.55 -28.89
N ILE B 746 -40.24 8.17 -27.72
CA ILE B 746 -39.52 7.49 -26.64
C ILE B 746 -40.26 6.21 -26.23
N ASP B 747 -41.58 6.32 -26.08
CA ASP B 747 -42.37 5.18 -25.59
C ASP B 747 -42.54 4.11 -26.67
N ASN B 748 -42.63 4.52 -27.94
CA ASN B 748 -42.91 3.58 -29.02
C ASN B 748 -41.66 2.85 -29.52
N GLY B 749 -40.57 2.88 -28.79
CA GLY B 749 -39.37 2.17 -29.19
C GLY B 749 -38.69 2.74 -30.41
N PHE B 750 -38.79 4.05 -30.64
CA PHE B 750 -38.09 4.66 -31.76
C PHE B 750 -36.59 4.65 -31.57
N PHE B 751 -36.13 4.70 -30.31
CA PHE B 751 -34.71 4.69 -30.00
C PHE B 751 -34.24 3.34 -29.45
N SER B 752 -35.15 2.40 -29.23
CA SER B 752 -34.80 1.06 -28.74
C SER B 752 -35.50 0.03 -29.62
N PRO B 753 -34.99 -0.20 -30.84
CA PRO B 753 -35.64 -1.19 -31.72
C PRO B 753 -35.67 -2.60 -31.14
N LYS B 754 -34.66 -2.99 -30.37
CA LYS B 754 -34.61 -4.34 -29.84
C LYS B 754 -35.66 -4.55 -28.75
N GLN B 755 -35.58 -3.76 -27.67
CA GLN B 755 -36.55 -3.84 -26.60
C GLN B 755 -37.56 -2.72 -26.77
N PRO B 756 -38.82 -3.02 -27.11
CA PRO B 756 -39.82 -1.95 -27.24
C PRO B 756 -40.09 -1.21 -25.94
N ASP B 757 -39.83 -1.84 -24.79
CA ASP B 757 -40.15 -1.29 -23.49
C ASP B 757 -38.90 -0.92 -22.70
N LEU B 758 -37.90 -0.37 -23.38
CA LEU B 758 -36.63 -0.07 -22.72
C LEU B 758 -36.75 1.15 -21.81
N PHE B 759 -37.58 2.12 -22.18
CA PHE B 759 -37.69 3.38 -21.45
C PHE B 759 -39.05 3.54 -20.77
N LYS B 760 -39.75 2.43 -20.51
CA LYS B 760 -41.02 2.50 -19.80
C LYS B 760 -40.83 3.07 -18.39
N ASP B 761 -39.68 2.78 -17.78
CA ASP B 761 -39.38 3.36 -16.46
C ASP B 761 -39.36 4.88 -16.51
N ILE B 762 -38.62 5.43 -17.48
CA ILE B 762 -38.54 6.88 -17.64
C ILE B 762 -39.91 7.46 -17.97
N ILE B 763 -40.68 6.77 -18.82
CA ILE B 763 -42.00 7.27 -19.19
C ILE B 763 -42.92 7.32 -17.98
N ASN B 764 -42.92 6.27 -17.16
CA ASN B 764 -43.77 6.24 -15.97
C ASN B 764 -43.34 7.30 -14.97
N MET B 765 -42.03 7.50 -14.81
CA MET B 765 -41.55 8.56 -13.92
C MET B 765 -41.98 9.93 -14.42
N LEU B 766 -41.93 10.15 -15.73
CA LEU B 766 -42.32 11.44 -16.29
C LEU B 766 -43.82 11.67 -16.15
N PHE B 767 -44.62 10.62 -16.26
CA PHE B 767 -46.07 10.79 -16.30
C PHE B 767 -46.71 10.73 -14.91
N TYR B 768 -46.56 9.60 -14.21
CA TYR B 768 -47.37 9.34 -13.04
C TYR B 768 -46.67 9.68 -11.72
N HIS B 769 -45.34 9.79 -11.70
CA HIS B 769 -44.61 10.07 -10.49
C HIS B 769 -43.56 11.15 -10.72
N ASP B 770 -43.91 12.17 -11.49
CA ASP B 770 -42.99 13.28 -11.71
C ASP B 770 -42.85 14.10 -10.44
N ARG B 771 -41.61 14.43 -10.09
CA ARG B 771 -41.32 15.19 -8.88
C ARG B 771 -40.73 16.56 -9.15
N PHE B 772 -40.06 16.76 -10.30
CA PHE B 772 -39.34 17.99 -10.56
C PHE B 772 -39.90 18.76 -11.76
N LYS B 773 -41.10 18.41 -12.21
CA LYS B 773 -41.85 19.18 -13.20
C LYS B 773 -41.05 19.36 -14.50
N VAL B 774 -40.75 18.23 -15.15
CA VAL B 774 -40.03 18.30 -16.42
C VAL B 774 -40.93 18.85 -17.51
N PHE B 775 -42.19 18.37 -17.59
CA PHE B 775 -43.09 18.79 -18.65
C PHE B 775 -43.51 20.24 -18.49
N ALA B 776 -43.64 20.73 -17.26
CA ALA B 776 -44.17 22.06 -17.03
C ALA B 776 -43.20 23.17 -17.41
N ASP B 777 -41.95 22.84 -17.72
CA ASP B 777 -40.96 23.83 -18.13
C ASP B 777 -40.51 23.64 -19.58
N TYR B 778 -41.04 22.63 -20.27
CA TYR B 778 -40.60 22.33 -21.63
C TYR B 778 -40.92 23.46 -22.60
N GLU B 779 -42.09 24.07 -22.46
CA GLU B 779 -42.49 25.14 -23.37
C GLU B 779 -41.53 26.31 -23.27
N ALA B 780 -41.27 26.78 -22.06
CA ALA B 780 -40.35 27.90 -21.87
C ALA B 780 -38.94 27.53 -22.28
N TYR B 781 -38.52 26.28 -22.01
CA TYR B 781 -37.20 25.84 -22.43
C TYR B 781 -37.05 25.90 -23.94
N VAL B 782 -38.05 25.43 -24.67
CA VAL B 782 -38.00 25.45 -26.13
C VAL B 782 -38.00 26.88 -26.65
N LYS B 783 -38.83 27.74 -26.07
CA LYS B 783 -38.86 29.14 -26.50
C LYS B 783 -37.51 29.81 -26.29
N CYS B 784 -36.90 29.60 -25.12
CA CYS B 784 -35.61 30.24 -24.86
C CYS B 784 -34.50 29.62 -25.69
N GLN B 785 -34.59 28.34 -26.03
CA GLN B 785 -33.59 27.76 -26.93
C GLN B 785 -33.73 28.33 -28.33
N ASP B 786 -34.96 28.59 -28.77
CA ASP B 786 -35.16 29.28 -30.04
C ASP B 786 -34.57 30.68 -30.01
N LYS B 787 -34.77 31.39 -28.90
CA LYS B 787 -34.17 32.72 -28.76
C LYS B 787 -32.64 32.65 -28.77
N VAL B 788 -32.07 31.62 -28.14
CA VAL B 788 -30.63 31.43 -28.15
C VAL B 788 -30.13 31.23 -29.56
N SER B 789 -30.81 30.36 -30.32
CA SER B 789 -30.41 30.10 -31.70
C SER B 789 -30.50 31.35 -32.55
N GLN B 790 -31.58 32.13 -32.38
CA GLN B 790 -31.72 33.37 -33.13
C GLN B 790 -30.63 34.37 -32.76
N LEU B 791 -30.22 34.41 -31.50
CA LEU B 791 -29.15 35.31 -31.08
C LEU B 791 -27.79 34.85 -31.60
N TYR B 792 -27.58 33.54 -31.72
CA TYR B 792 -26.30 33.03 -32.19
C TYR B 792 -26.03 33.41 -33.64
N MET B 793 -27.09 33.64 -34.42
CA MET B 793 -26.92 34.06 -35.81
C MET B 793 -26.22 35.41 -35.93
N ASN B 794 -26.32 36.26 -34.91
CA ASN B 794 -25.65 37.55 -34.93
C ASN B 794 -24.42 37.49 -34.04
N PRO B 795 -23.21 37.54 -34.61
CA PRO B 795 -22.01 37.55 -33.77
C PRO B 795 -21.92 38.76 -32.86
N LYS B 796 -22.46 39.90 -33.29
CA LYS B 796 -22.32 41.13 -32.51
C LYS B 796 -23.06 41.04 -31.18
N ALA B 797 -24.33 40.64 -31.21
CA ALA B 797 -25.11 40.54 -29.99
C ALA B 797 -24.58 39.43 -29.08
N TRP B 798 -24.19 38.30 -29.67
CA TRP B 798 -23.64 37.20 -28.89
C TRP B 798 -22.36 37.62 -28.17
N ASN B 799 -21.47 38.29 -28.89
CA ASN B 799 -20.22 38.74 -28.26
C ASN B 799 -20.47 39.84 -27.24
N THR B 800 -21.48 40.70 -27.47
CA THR B 800 -21.82 41.72 -26.48
C THR B 800 -22.29 41.08 -25.18
N MET B 801 -23.18 40.08 -25.27
CA MET B 801 -23.63 39.41 -24.05
C MET B 801 -22.50 38.62 -23.40
N VAL B 802 -21.60 38.04 -24.20
CA VAL B 802 -20.47 37.32 -23.62
C VAL B 802 -19.57 38.28 -22.84
N LEU B 803 -19.29 39.45 -23.41
CA LEU B 803 -18.46 40.44 -22.71
C LEU B 803 -19.16 40.93 -21.46
N LYS B 804 -20.48 41.13 -21.52
CA LYS B 804 -21.23 41.56 -20.34
C LYS B 804 -21.16 40.51 -19.23
N ASN B 805 -21.25 39.23 -19.59
CA ASN B 805 -21.14 38.17 -18.59
C ASN B 805 -19.72 38.07 -18.05
N ILE B 806 -18.71 38.32 -18.88
CA ILE B 806 -17.33 38.24 -18.42
C ILE B 806 -17.04 39.35 -17.42
N ALA B 807 -17.45 40.58 -17.75
CA ALA B 807 -17.15 41.72 -16.90
C ALA B 807 -17.94 41.72 -15.59
N ALA B 808 -18.95 40.86 -15.45
CA ALA B 808 -19.80 40.84 -14.27
C ALA B 808 -19.68 39.53 -13.49
N SER B 809 -18.58 38.81 -13.64
CA SER B 809 -18.34 37.57 -12.91
C SER B 809 -17.27 37.69 -11.84
N GLY B 810 -16.73 38.89 -11.61
CA GLY B 810 -15.70 39.07 -10.61
C GLY B 810 -16.18 38.87 -9.19
N LYS B 811 -17.49 38.94 -8.95
CA LYS B 811 -18.03 38.65 -7.63
C LYS B 811 -17.79 37.22 -7.20
N PHE B 812 -17.84 36.27 -8.13
CA PHE B 812 -17.86 34.85 -7.81
C PHE B 812 -16.46 34.26 -7.65
N SER B 813 -15.47 35.09 -7.36
CA SER B 813 -14.16 34.57 -6.98
C SER B 813 -14.22 33.94 -5.59
N SER B 814 -13.39 32.94 -5.37
CA SER B 814 -13.30 32.32 -4.05
C SER B 814 -12.53 33.17 -3.06
N ASP B 815 -11.73 34.13 -3.55
CA ASP B 815 -11.07 35.07 -2.65
C ASP B 815 -12.09 35.90 -1.88
N ARG B 816 -13.15 36.35 -2.57
CA ARG B 816 -14.22 37.08 -1.90
C ARG B 816 -14.87 36.24 -0.81
N THR B 817 -15.19 34.98 -1.12
CA THR B 817 -15.84 34.10 -0.14
C THR B 817 -14.93 33.85 1.05
N ILE B 818 -13.63 33.65 0.80
CA ILE B 818 -12.70 33.38 1.89
C ILE B 818 -12.50 34.62 2.75
N LYS B 819 -12.48 35.81 2.12
CA LYS B 819 -12.39 37.03 2.91
C LYS B 819 -13.63 37.22 3.79
N GLU B 820 -14.81 36.93 3.25
CA GLU B 820 -16.03 37.01 4.07
C GLU B 820 -15.96 36.01 5.23
N TYR B 821 -15.54 34.78 4.94
CA TYR B 821 -15.36 33.77 5.97
C TYR B 821 -14.42 34.23 7.07
N ALA B 822 -13.28 34.82 6.68
CA ALA B 822 -12.28 35.22 7.66
C ALA B 822 -12.74 36.40 8.49
N GLN B 823 -13.37 37.40 7.85
CA GLN B 823 -13.72 38.63 8.54
C GLN B 823 -15.09 38.59 9.21
N ASN B 824 -15.88 37.54 8.99
CA ASN B 824 -17.20 37.47 9.61
C ASN B 824 -17.44 36.21 10.44
N ILE B 825 -16.66 35.16 10.26
CA ILE B 825 -16.90 33.93 11.00
C ILE B 825 -15.65 33.51 11.78
N TRP B 826 -14.56 33.26 11.06
CA TRP B 826 -13.36 32.73 11.70
C TRP B 826 -12.62 33.79 12.52
N ASN B 827 -12.77 35.06 12.18
CA ASN B 827 -12.11 36.16 12.86
C ASN B 827 -10.58 35.99 12.82
N VAL B 828 -10.08 35.87 11.60
CA VAL B 828 -8.66 35.73 11.34
C VAL B 828 -8.22 36.85 10.41
N GLU B 829 -7.13 37.51 10.77
CA GLU B 829 -6.58 38.63 9.99
C GLU B 829 -7.62 39.71 9.72
N1 PLP C . 18.68 -17.34 10.90
C2 PLP C . 19.61 -16.36 10.65
C2A PLP C . 19.32 -14.94 11.01
C3 PLP C . 20.82 -16.68 10.07
O3 PLP C . 21.74 -15.70 9.83
C4 PLP C . 21.11 -18.00 9.73
C4A PLP C . 22.53 -18.39 9.54
C5 PLP C . 20.16 -18.98 9.98
C6 PLP C . 18.94 -18.64 10.56
C5A PLP C . 20.45 -20.41 9.61
O4P PLP C . 19.89 -21.29 10.57
P PLP C . 20.20 -22.87 10.53
O1P PLP C . 21.65 -23.08 10.88
O2P PLP C . 19.34 -23.59 11.53
O3P PLP C . 19.92 -23.40 9.15
N1 PLP D . -17.06 18.65 -11.37
C2 PLP D . -15.94 19.35 -11.72
C2A PLP D . -14.77 18.64 -12.33
C3 PLP D . -15.87 20.72 -11.50
O3 PLP D . -14.74 21.40 -11.87
C4 PLP D . -16.93 21.40 -10.94
C4A PLP D . -17.02 22.87 -11.14
C5 PLP D . -18.07 20.68 -10.59
C6 PLP D . -18.12 19.31 -10.79
C5A PLP D . -19.24 21.40 -9.97
O4P PLP D . -20.46 20.82 -10.41
P PLP D . -21.86 21.51 -10.05
O1P PLP D . -21.97 22.83 -10.78
O2P PLP D . -23.00 20.62 -10.46
O3P PLP D . -21.94 21.75 -8.56
#